data_7SFX
#
_entry.id   7SFX
#
_cell.length_a   65.410
_cell.length_b   131.550
_cell.length_c   119.811
_cell.angle_alpha   90.000
_cell.angle_beta   90.116
_cell.angle_gamma   90.000
#
_symmetry.space_group_name_H-M   'P 1 21 1'
#
loop_
_entity.id
_entity.type
_entity.pdbx_description
1 polymer '10A1 Fab heavy chain'
2 polymer '10A1 Fab light chain'
3 polymer 'CD99 antigen peptide'
4 water water
#
loop_
_entity_poly.entity_id
_entity_poly.type
_entity_poly.pdbx_seq_one_letter_code
_entity_poly.pdbx_strand_id
1 'polypeptide(L)'
;QVQLQQSGPVLVKPSQTLSLTCAISGDSISSDTTAWSWIRRSPSRGLEWLGWTYYRSKWFNYYAVSVKGRVTINPDTSKN
QFSLQLSSVTPEDTAVYYCARGNGNGGMDVWGQGTTVTVSSASTKGPSVFPLAPSSKSTSGGTAALGCLVKDYFPEPVTV
SWNSGALTSGVHTFPAVLQSSGLYSLSSVVTVPSSSLGTQTYICNVNHKPSNTKVDKKVEPKSCDKTHTGGGGLNDIFEA
QKIEWHE
;
C,A,G,J
2 'polypeptide(L)'
;SYVLTQPASASVSPGQTARITCSGDALPKQYAYWYQQKPGQAPVLVIFKDSERPSGVPERFSGSSSGTTVTLTISGAQAE
DEADYYCQSVDNSGFYQVFGGGTQLTVLRTVAAPSVFIFPPSDSQLKSGTASVVCLLNNFYPREAKVQWKVDNALQSGNS
QESVTEQDSKDSTYSLSSTLTLSKADYEKHKVYACEVTHQGLSSPVTKSFNRGEC
;
D,B,H,K
3 'polypeptide(L)' ENDDPRPPNPPKPM F,E
#
# COMPACT_ATOMS: atom_id res chain seq x y z
N GLN A 1 22.18 -5.46 -21.22
CA GLN A 1 23.13 -6.62 -21.32
C GLN A 1 22.36 -7.89 -21.66
N VAL A 2 23.06 -9.01 -21.81
CA VAL A 2 22.45 -10.22 -22.33
C VAL A 2 21.90 -11.01 -21.15
N GLN A 3 20.58 -10.92 -20.96
CA GLN A 3 19.88 -11.62 -19.88
C GLN A 3 18.70 -12.43 -20.41
N LEU A 4 18.57 -13.66 -19.95
CA LEU A 4 17.50 -14.55 -20.37
C LEU A 4 16.55 -14.78 -19.20
N GLN A 5 15.26 -14.63 -19.46
CA GLN A 5 14.22 -14.79 -18.45
C GLN A 5 13.24 -15.86 -18.88
N GLN A 6 13.12 -16.92 -18.09
CA GLN A 6 12.22 -18.01 -18.41
C GLN A 6 10.88 -17.82 -17.70
N SER A 7 9.90 -18.60 -18.10
CA SER A 7 8.58 -18.56 -17.49
C SER A 7 8.59 -19.23 -16.12
N GLY A 8 7.42 -19.28 -15.49
CA GLY A 8 7.26 -19.84 -14.17
C GLY A 8 7.06 -21.35 -14.17
N PRO A 9 6.96 -21.92 -12.96
CA PRO A 9 6.74 -23.38 -12.86
C PRO A 9 5.41 -23.79 -13.48
N VAL A 10 5.37 -25.03 -13.96
CA VAL A 10 4.24 -25.56 -14.71
C VAL A 10 3.78 -26.88 -14.13
N LEU A 11 2.47 -27.08 -14.05
CA LEU A 11 1.85 -28.37 -13.78
C LEU A 11 1.01 -28.73 -14.99
N VAL A 12 1.46 -29.70 -15.78
CA VAL A 12 0.77 -30.10 -17.00
C VAL A 12 0.22 -31.51 -16.79
N LYS A 13 -1.05 -31.70 -17.17
CA LYS A 13 -1.68 -33.00 -17.02
C LYS A 13 -1.09 -34.00 -18.02
N PRO A 14 -1.09 -35.29 -17.70
CA PRO A 14 -0.19 -36.22 -18.40
C PRO A 14 -0.41 -36.33 -19.89
N SER A 15 -1.60 -36.02 -20.40
CA SER A 15 -1.86 -36.20 -21.83
C SER A 15 -1.87 -34.89 -22.58
N GLN A 16 -1.56 -33.78 -21.92
CA GLN A 16 -1.69 -32.47 -22.50
C GLN A 16 -0.34 -31.97 -23.01
N THR A 17 -0.34 -30.74 -23.51
CA THR A 17 0.82 -30.14 -24.16
C THR A 17 1.48 -29.12 -23.23
N LEU A 18 2.81 -29.06 -23.28
CA LEU A 18 3.61 -28.14 -22.49
C LEU A 18 4.01 -26.94 -23.34
N SER A 19 3.89 -25.75 -22.76
CA SER A 19 4.27 -24.51 -23.41
C SER A 19 5.15 -23.68 -22.47
N LEU A 20 6.35 -23.34 -22.94
CA LEU A 20 7.34 -22.61 -22.17
C LEU A 20 7.85 -21.43 -23.00
N THR A 21 8.25 -20.36 -22.31
CA THR A 21 8.75 -19.17 -22.99
C THR A 21 10.10 -18.72 -22.43
N CYS A 22 11.04 -18.35 -23.31
CA CYS A 22 12.32 -17.76 -22.92
C CYS A 22 12.42 -16.39 -23.58
N ALA A 23 12.42 -15.33 -22.76
CA ALA A 23 12.52 -13.94 -23.19
C ALA A 23 13.97 -13.48 -23.09
N ILE A 24 14.43 -12.77 -24.11
CA ILE A 24 15.81 -12.27 -24.15
C ILE A 24 15.90 -10.76 -23.95
N SER A 25 17.07 -10.34 -23.48
CA SER A 25 17.37 -8.93 -23.23
C SER A 25 18.82 -8.71 -23.60
N GLY A 26 19.11 -7.56 -24.22
CA GLY A 26 20.46 -7.20 -24.57
C GLY A 26 20.94 -7.63 -25.94
N ASP A 27 20.13 -8.37 -26.69
CA ASP A 27 20.50 -8.78 -28.04
C ASP A 27 19.24 -9.22 -28.78
N SER A 28 19.36 -9.30 -30.10
CA SER A 28 18.25 -9.67 -30.97
C SER A 28 18.22 -11.18 -31.25
N ILE A 29 17.05 -11.79 -31.07
CA ILE A 29 16.87 -13.19 -31.41
C ILE A 29 17.34 -13.46 -32.84
N SER A 30 17.11 -12.52 -33.75
CA SER A 30 17.42 -12.71 -35.16
C SER A 30 18.88 -12.54 -35.52
N SER A 31 19.73 -12.07 -34.60
CA SER A 31 21.15 -11.95 -34.89
C SER A 31 21.73 -13.31 -35.32
N ASP A 32 22.99 -13.27 -35.75
CA ASP A 32 23.72 -14.47 -36.13
C ASP A 32 24.42 -15.14 -34.95
N THR A 33 23.89 -14.96 -33.74
CA THR A 33 24.32 -15.79 -32.62
C THR A 33 23.97 -17.23 -32.91
N THR A 34 22.75 -17.45 -33.43
CA THR A 34 22.30 -18.73 -33.94
C THR A 34 22.42 -19.91 -32.98
N ALA A 35 21.97 -19.75 -31.72
CA ALA A 35 21.79 -20.90 -30.85
C ALA A 35 20.35 -20.97 -30.35
N TRP A 36 19.91 -19.98 -29.57
CA TRP A 36 18.56 -19.90 -29.04
C TRP A 36 18.00 -21.29 -28.77
N SER A 37 18.68 -21.99 -27.86
CA SER A 37 18.50 -23.42 -27.62
C SER A 37 17.67 -23.72 -26.39
N TRP A 38 16.99 -24.86 -26.43
CA TRP A 38 16.33 -25.40 -25.23
C TRP A 38 16.96 -26.71 -24.78
N ILE A 39 17.01 -26.92 -23.45
CA ILE A 39 17.59 -28.11 -22.83
C ILE A 39 16.77 -28.49 -21.59
N ARG A 40 16.99 -29.70 -21.09
CA ARG A 40 16.33 -30.14 -19.86
C ARG A 40 17.26 -31.04 -19.03
N ARG A 41 17.02 -31.01 -17.71
CA ARG A 41 17.71 -31.87 -16.75
C ARG A 41 16.70 -32.77 -16.04
N SER A 42 16.93 -34.08 -16.12
CA SER A 42 16.11 -35.12 -15.51
C SER A 42 16.90 -35.72 -14.37
N PRO A 43 16.25 -36.37 -13.39
CA PRO A 43 17.02 -36.90 -12.25
C PRO A 43 18.13 -37.86 -12.66
N SER A 44 17.82 -38.87 -13.47
CA SER A 44 18.83 -39.82 -13.90
C SER A 44 19.14 -39.82 -15.39
N ARG A 45 18.41 -39.04 -16.20
CA ARG A 45 18.74 -38.99 -17.63
C ARG A 45 19.87 -38.03 -17.86
N GLY A 46 19.93 -36.98 -17.09
CA GLY A 46 20.98 -36.02 -17.27
C GLY A 46 20.58 -34.90 -18.21
N LEU A 47 21.60 -34.20 -18.70
CA LEU A 47 21.43 -33.09 -19.63
C LEU A 47 21.17 -33.61 -21.04
N GLU A 48 19.95 -33.41 -21.53
CA GLU A 48 19.53 -33.87 -22.85
C GLU A 48 19.20 -32.68 -23.75
N TRP A 49 19.63 -32.73 -25.00
CA TRP A 49 19.38 -31.64 -25.94
C TRP A 49 17.99 -31.72 -26.53
N LEU A 50 17.38 -30.55 -26.78
CA LEU A 50 16.03 -30.51 -27.35
C LEU A 50 15.94 -29.83 -28.71
N GLY A 51 16.32 -28.56 -28.84
CA GLY A 51 16.12 -27.89 -30.11
C GLY A 51 16.84 -26.57 -30.26
N TRP A 52 16.77 -26.04 -31.50
CA TRP A 52 17.55 -24.94 -32.02
C TRP A 52 16.68 -24.01 -32.85
N THR A 53 17.15 -22.77 -33.02
CA THR A 53 16.59 -21.86 -34.02
C THR A 53 17.64 -20.81 -34.35
N TYR A 54 17.78 -20.46 -35.64
CA TYR A 54 18.99 -19.75 -36.04
C TYR A 54 18.91 -18.25 -36.27
N TYR A 55 18.34 -17.81 -37.39
CA TYR A 55 18.39 -16.40 -37.73
C TYR A 55 17.30 -16.04 -38.74
N ARG A 56 17.25 -14.74 -39.06
CA ARG A 56 16.18 -14.22 -39.93
C ARG A 56 16.34 -14.67 -41.38
N SER A 57 17.58 -14.70 -41.89
CA SER A 57 17.80 -15.01 -43.30
C SER A 57 16.86 -16.11 -43.74
N LYS A 58 16.84 -17.20 -42.98
CA LYS A 58 15.78 -18.21 -43.07
C LYS A 58 15.75 -18.87 -41.69
N TRP A 59 14.62 -18.81 -41.00
CA TRP A 59 14.58 -19.32 -39.63
C TRP A 59 14.67 -20.85 -39.62
N PHE A 60 15.87 -21.39 -39.55
CA PHE A 60 16.05 -22.83 -39.45
C PHE A 60 15.67 -23.30 -38.06
N ASN A 61 15.05 -24.48 -37.99
CA ASN A 61 14.73 -25.12 -36.72
C ASN A 61 15.07 -26.59 -36.86
N TYR A 62 15.97 -27.06 -36.02
CA TYR A 62 16.41 -28.45 -36.01
C TYR A 62 16.31 -28.95 -34.59
N TYR A 63 15.68 -30.10 -34.41
CA TYR A 63 15.42 -30.65 -33.08
C TYR A 63 16.14 -31.98 -32.94
N ALA A 64 16.15 -32.48 -31.72
CA ALA A 64 16.87 -33.71 -31.48
C ALA A 64 16.08 -34.86 -32.05
N VAL A 65 16.78 -35.95 -32.36
CA VAL A 65 16.10 -37.09 -32.94
C VAL A 65 15.24 -37.77 -31.91
N SER A 66 15.67 -37.69 -30.64
CA SER A 66 14.91 -38.33 -29.58
C SER A 66 13.50 -37.76 -29.43
N VAL A 67 13.34 -36.44 -29.52
CA VAL A 67 12.06 -35.77 -29.28
C VAL A 67 11.53 -35.04 -30.52
N LYS A 68 12.10 -35.29 -31.69
CA LYS A 68 11.77 -34.48 -32.86
C LYS A 68 10.27 -34.42 -33.11
N GLY A 69 9.56 -35.54 -33.00
CA GLY A 69 8.21 -35.49 -33.51
C GLY A 69 7.19 -34.87 -32.60
N ARG A 70 7.62 -34.37 -31.43
CA ARG A 70 6.74 -33.67 -30.51
C ARG A 70 7.10 -32.22 -30.28
N VAL A 71 8.35 -31.82 -30.48
CA VAL A 71 8.81 -30.49 -30.11
C VAL A 71 8.56 -29.50 -31.24
N THR A 72 8.58 -28.22 -30.90
CA THR A 72 8.53 -27.14 -31.89
C THR A 72 9.02 -25.87 -31.22
N ILE A 73 10.04 -25.24 -31.81
CA ILE A 73 10.59 -23.98 -31.32
C ILE A 73 10.07 -22.86 -32.22
N ASN A 74 9.42 -21.87 -31.63
CA ASN A 74 8.82 -20.76 -32.38
C ASN A 74 9.35 -19.41 -31.91
N PRO A 75 10.16 -18.70 -32.71
CA PRO A 75 10.50 -17.32 -32.35
C PRO A 75 9.31 -16.38 -32.43
N ASP A 76 9.37 -15.33 -31.60
CA ASP A 76 8.39 -14.24 -31.62
C ASP A 76 9.24 -12.98 -31.76
N THR A 77 9.35 -12.50 -33.01
CA THR A 77 10.18 -11.34 -33.27
C THR A 77 9.53 -10.07 -32.75
N SER A 78 8.21 -10.05 -32.62
CA SER A 78 7.54 -8.93 -31.99
C SER A 78 7.95 -8.76 -30.53
N LYS A 79 7.91 -9.85 -29.76
CA LYS A 79 8.22 -9.83 -28.33
C LYS A 79 9.67 -10.16 -27.97
N ASN A 80 10.52 -10.52 -28.93
CA ASN A 80 11.91 -10.90 -28.65
C ASN A 80 11.96 -12.10 -27.71
N GLN A 81 11.26 -13.16 -28.10
CA GLN A 81 11.17 -14.38 -27.30
C GLN A 81 11.35 -15.59 -28.22
N PHE A 82 11.65 -16.74 -27.61
CA PHE A 82 11.53 -18.01 -28.30
C PHE A 82 10.83 -18.99 -27.37
N SER A 83 9.90 -19.76 -27.93
CA SER A 83 9.01 -20.62 -27.16
C SER A 83 9.32 -22.09 -27.41
N LEU A 84 8.94 -22.91 -26.43
CA LEU A 84 9.02 -24.35 -26.50
C LEU A 84 7.59 -24.87 -26.40
N GLN A 85 7.22 -25.75 -27.31
CA GLN A 85 5.90 -26.36 -27.30
C GLN A 85 6.09 -27.85 -27.52
N LEU A 86 5.82 -28.64 -26.49
CA LEU A 86 6.04 -30.08 -26.50
C LEU A 86 4.71 -30.80 -26.40
N SER A 87 4.47 -31.71 -27.34
CA SER A 87 3.18 -32.34 -27.49
C SER A 87 3.22 -33.73 -26.89
N SER A 88 2.00 -34.26 -26.61
CA SER A 88 1.80 -35.60 -25.99
C SER A 88 2.87 -35.75 -24.93
N VAL A 89 2.76 -34.98 -23.88
CA VAL A 89 3.70 -35.06 -22.78
C VAL A 89 3.53 -36.40 -22.08
N THR A 90 4.58 -36.81 -21.36
CA THR A 90 4.65 -38.09 -20.69
C THR A 90 5.14 -37.83 -19.27
N PRO A 91 4.71 -38.64 -18.30
CA PRO A 91 5.22 -38.47 -16.93
C PRO A 91 6.74 -38.54 -16.86
N GLU A 92 7.38 -39.10 -17.90
CA GLU A 92 8.82 -39.07 -18.01
C GLU A 92 9.36 -37.74 -18.52
N ASP A 93 8.49 -36.79 -18.86
CA ASP A 93 8.92 -35.46 -19.27
C ASP A 93 9.08 -34.52 -18.10
N THR A 94 8.73 -34.95 -16.89
CA THR A 94 8.98 -34.17 -15.68
C THR A 94 10.48 -33.95 -15.49
N ALA A 95 10.91 -32.69 -15.46
CA ALA A 95 12.31 -32.34 -15.41
C ALA A 95 12.40 -30.85 -15.11
N VAL A 96 13.61 -30.29 -15.23
CA VAL A 96 13.84 -28.85 -15.10
C VAL A 96 14.35 -28.36 -16.45
N TYR A 97 13.66 -27.38 -17.03
CA TYR A 97 13.92 -26.95 -18.39
C TYR A 97 14.65 -25.62 -18.39
N TYR A 98 15.71 -25.54 -19.19
CA TYR A 98 16.54 -24.36 -19.32
C TYR A 98 16.57 -23.90 -20.77
N CYS A 99 16.93 -22.63 -20.97
CA CYS A 99 17.12 -22.06 -22.29
C CYS A 99 18.46 -21.35 -22.31
N ALA A 100 19.08 -21.31 -23.49
CA ALA A 100 20.46 -20.83 -23.56
C ALA A 100 20.71 -20.17 -24.90
N ARG A 101 21.78 -19.37 -24.91
CA ARG A 101 22.24 -18.68 -26.12
C ARG A 101 23.69 -19.07 -26.40
N GLY A 102 24.08 -18.96 -27.67
CA GLY A 102 25.45 -19.21 -28.04
C GLY A 102 25.98 -18.05 -28.85
N ASN A 103 27.20 -17.62 -28.52
CA ASN A 103 27.78 -16.48 -29.22
C ASN A 103 28.04 -16.78 -30.69
N GLY A 104 27.98 -18.05 -31.09
CA GLY A 104 28.34 -18.42 -32.44
C GLY A 104 29.81 -18.80 -32.51
N ASN A 105 30.12 -19.98 -33.07
CA ASN A 105 31.49 -20.56 -33.13
C ASN A 105 32.18 -20.29 -31.81
N GLY A 106 31.78 -20.94 -30.69
CA GLY A 106 32.50 -20.79 -29.44
C GLY A 106 31.75 -20.67 -28.12
N GLY A 107 30.46 -20.97 -28.06
CA GLY A 107 29.87 -21.08 -26.73
C GLY A 107 28.38 -21.30 -26.56
N MET A 108 28.01 -21.69 -25.34
CA MET A 108 26.64 -21.69 -24.83
C MET A 108 26.57 -20.85 -23.55
N ASP A 109 27.20 -19.68 -23.59
CA ASP A 109 27.48 -18.90 -22.40
C ASP A 109 26.24 -18.66 -21.55
N VAL A 110 25.23 -18.03 -22.11
CA VAL A 110 24.15 -17.48 -21.30
C VAL A 110 23.05 -18.53 -21.10
N TRP A 111 22.54 -18.57 -19.88
CA TRP A 111 21.59 -19.58 -19.45
C TRP A 111 20.38 -18.89 -18.84
N GLY A 112 19.32 -19.65 -18.65
CA GLY A 112 18.12 -19.12 -18.02
C GLY A 112 17.99 -19.52 -16.57
N GLN A 113 16.93 -19.00 -15.96
CA GLN A 113 16.71 -19.24 -14.54
C GLN A 113 16.36 -20.70 -14.29
N GLY A 114 15.75 -21.34 -15.26
CA GLY A 114 15.26 -22.69 -15.13
C GLY A 114 13.77 -22.72 -14.91
N THR A 115 13.14 -23.79 -15.38
CA THR A 115 11.70 -23.96 -15.19
C THR A 115 11.43 -25.40 -14.76
N THR A 116 10.79 -25.57 -13.61
CA THR A 116 10.42 -26.89 -13.11
C THR A 116 9.02 -27.23 -13.61
N VAL A 117 8.92 -28.28 -14.42
CA VAL A 117 7.65 -28.75 -14.97
C VAL A 117 7.31 -30.07 -14.29
N THR A 118 6.06 -30.20 -13.86
CA THR A 118 5.56 -31.43 -13.26
C THR A 118 4.48 -32.02 -14.16
N VAL A 119 4.70 -33.24 -14.64
CA VAL A 119 3.73 -33.94 -15.49
C VAL A 119 2.92 -34.83 -14.56
N SER A 120 1.78 -34.32 -14.11
CA SER A 120 0.93 -35.08 -13.20
C SER A 120 -0.51 -34.60 -13.34
N SER A 121 -1.43 -35.48 -12.95
CA SER A 121 -2.86 -35.18 -12.96
C SER A 121 -3.35 -34.59 -11.65
N ALA A 122 -2.46 -34.39 -10.68
CA ALA A 122 -2.87 -33.95 -9.36
C ALA A 122 -3.20 -32.47 -9.36
N SER A 123 -4.15 -32.10 -8.49
CA SER A 123 -4.55 -30.71 -8.35
C SER A 123 -3.54 -29.95 -7.49
N THR A 124 -3.42 -28.66 -7.76
CA THR A 124 -2.46 -27.84 -7.03
C THR A 124 -2.88 -27.67 -5.58
N LYS A 125 -1.90 -27.73 -4.67
CA LYS A 125 -2.10 -27.42 -3.27
C LYS A 125 -1.04 -26.43 -2.80
N GLY A 126 -1.44 -25.55 -1.87
CA GLY A 126 -0.54 -24.60 -1.27
C GLY A 126 0.08 -25.15 0.00
N PRO A 127 1.25 -24.67 0.37
CA PRO A 127 1.96 -25.23 1.53
C PRO A 127 1.45 -24.65 2.85
N SER A 128 1.87 -25.31 3.93
CA SER A 128 1.69 -24.84 5.30
C SER A 128 3.09 -24.66 5.89
N VAL A 129 3.37 -23.46 6.38
CA VAL A 129 4.67 -23.13 6.93
C VAL A 129 4.61 -23.17 8.45
N PHE A 130 5.59 -23.80 9.06
CA PHE A 130 5.68 -23.92 10.50
C PHE A 130 7.06 -23.48 10.98
N PRO A 131 7.15 -22.81 12.13
CA PRO A 131 8.48 -22.45 12.63
C PRO A 131 9.23 -23.66 13.15
N LEU A 132 10.55 -23.65 12.98
CA LEU A 132 11.48 -24.60 13.60
C LEU A 132 12.26 -23.67 14.52
N ALA A 133 11.71 -23.46 15.71
CA ALA A 133 12.14 -22.39 16.57
C ALA A 133 13.48 -22.70 17.23
N PRO A 134 14.21 -21.66 17.65
CA PRO A 134 15.49 -21.92 18.30
C PRO A 134 15.28 -22.38 19.72
N SER A 135 16.20 -23.22 20.20
CA SER A 135 16.28 -23.50 21.63
C SER A 135 16.81 -22.25 22.33
N SER A 136 16.31 -21.98 23.52
CA SER A 136 16.71 -20.77 24.23
C SER A 136 17.46 -21.05 25.53
N LYS A 137 17.05 -22.05 26.29
CA LYS A 137 17.76 -22.45 27.50
C LYS A 137 18.80 -23.51 27.17
N SER A 138 19.08 -23.69 25.87
CA SER A 138 20.04 -24.66 25.36
C SER A 138 20.96 -24.11 24.29
N THR A 139 20.46 -23.30 23.38
CA THR A 139 21.36 -22.70 22.40
C THR A 139 22.62 -22.11 23.07
N SER A 140 23.75 -22.60 22.58
CA SER A 140 25.04 -22.11 22.97
C SER A 140 26.08 -22.95 22.26
N GLY A 141 27.38 -22.66 22.39
CA GLY A 141 28.36 -23.57 21.84
C GLY A 141 28.52 -23.36 20.35
N GLY A 142 27.98 -24.28 19.58
CA GLY A 142 28.05 -24.23 18.12
C GLY A 142 27.08 -23.21 17.54
N THR A 143 26.92 -22.08 18.21
CA THR A 143 25.97 -21.03 17.79
C THR A 143 24.51 -21.50 17.82
N ALA A 144 23.62 -20.65 17.32
CA ALA A 144 22.19 -20.90 17.25
C ALA A 144 21.73 -21.31 15.84
N ALA A 145 20.64 -22.06 15.79
CA ALA A 145 20.05 -22.51 14.53
C ALA A 145 18.52 -22.39 14.57
N LEU A 146 17.94 -22.00 13.44
CA LEU A 146 16.49 -21.82 13.34
C LEU A 146 16.06 -22.15 11.92
N GLY A 147 14.76 -22.37 11.73
CA GLY A 147 14.31 -22.71 10.39
C GLY A 147 12.82 -22.56 10.17
N CYS A 148 12.41 -22.94 8.95
CA CYS A 148 11.03 -22.98 8.52
C CYS A 148 10.75 -24.33 7.86
N LEU A 149 9.54 -24.86 8.09
CA LEU A 149 9.08 -26.11 7.50
C LEU A 149 7.91 -25.84 6.56
N VAL A 150 8.11 -26.10 5.28
CA VAL A 150 7.06 -25.99 4.26
C VAL A 150 6.51 -27.40 4.04
N LYS A 151 5.21 -27.58 4.23
CA LYS A 151 4.62 -28.91 4.18
C LYS A 151 3.37 -28.95 3.32
N ASP A 152 3.11 -30.12 2.73
CA ASP A 152 1.83 -30.42 2.08
C ASP A 152 1.55 -29.43 0.96
N TYR A 153 2.41 -29.49 -0.07
CA TYR A 153 2.24 -28.68 -1.25
C TYR A 153 2.52 -29.50 -2.50
N PHE A 154 1.87 -29.10 -3.60
CA PHE A 154 2.06 -29.71 -4.91
C PHE A 154 1.71 -28.65 -5.96
N PRO A 155 2.46 -28.54 -7.06
CA PRO A 155 3.66 -29.33 -7.38
C PRO A 155 4.88 -28.94 -6.56
N GLU A 156 6.03 -29.50 -6.93
CA GLU A 156 7.22 -29.35 -6.10
C GLU A 156 7.76 -27.93 -5.98
N PRO A 157 7.70 -27.08 -7.00
CA PRO A 157 8.47 -25.83 -6.91
C PRO A 157 7.99 -24.87 -5.84
N VAL A 158 8.86 -24.64 -4.84
CA VAL A 158 8.68 -23.58 -3.85
C VAL A 158 10.04 -22.92 -3.65
N THR A 159 10.03 -21.61 -3.44
CA THR A 159 11.27 -20.86 -3.25
C THR A 159 11.23 -20.14 -1.91
N VAL A 160 12.30 -20.30 -1.13
CA VAL A 160 12.37 -19.76 0.23
C VAL A 160 13.57 -18.82 0.32
N SER A 161 13.34 -17.64 0.92
CA SER A 161 14.39 -16.67 1.22
C SER A 161 14.29 -16.30 2.69
N TRP A 162 15.32 -15.63 3.19
CA TRP A 162 15.34 -15.17 4.58
C TRP A 162 15.45 -13.65 4.66
N ASN A 163 14.59 -13.03 5.47
CA ASN A 163 14.59 -11.58 5.67
C ASN A 163 14.61 -10.83 4.34
N SER A 164 13.70 -11.23 3.46
CA SER A 164 13.61 -10.64 2.12
C SER A 164 14.93 -10.79 1.38
N GLY A 165 15.67 -11.85 1.69
CA GLY A 165 16.94 -12.09 1.03
C GLY A 165 18.12 -11.37 1.62
N ALA A 166 17.98 -10.82 2.82
CA ALA A 166 19.09 -10.08 3.41
C ALA A 166 20.12 -10.99 4.04
N LEU A 167 19.73 -12.23 4.34
CA LEU A 167 20.63 -13.11 5.09
C LEU A 167 21.58 -13.81 4.13
N THR A 168 21.05 -14.62 3.24
CA THR A 168 21.81 -15.30 2.20
C THR A 168 23.21 -15.73 2.61
N SER A 169 23.36 -16.24 3.82
CA SER A 169 24.67 -16.66 4.32
C SER A 169 24.41 -17.57 5.51
N GLY A 170 24.88 -18.81 5.43
CA GLY A 170 24.51 -19.80 6.41
C GLY A 170 23.18 -20.47 6.15
N VAL A 171 22.49 -20.10 5.07
CA VAL A 171 21.20 -20.70 4.74
C VAL A 171 21.43 -22.05 4.11
N HIS A 172 20.65 -23.05 4.54
CA HIS A 172 20.67 -24.39 3.97
C HIS A 172 19.22 -24.75 3.65
N THR A 173 18.78 -24.40 2.43
CA THR A 173 17.46 -24.81 1.97
C THR A 173 17.55 -26.22 1.41
N PHE A 174 16.83 -27.14 2.01
CA PHE A 174 17.01 -28.56 1.72
C PHE A 174 16.17 -29.01 0.54
N PRO A 175 16.61 -30.05 -0.17
CA PRO A 175 15.75 -30.64 -1.21
C PRO A 175 14.46 -31.17 -0.60
N ALA A 176 13.37 -31.01 -1.33
CA ALA A 176 12.07 -31.46 -0.86
C ALA A 176 11.93 -32.96 -0.99
N VAL A 177 11.08 -33.54 -0.14
CA VAL A 177 10.79 -34.96 -0.11
C VAL A 177 9.28 -35.15 -0.27
N LEU A 178 8.88 -36.00 -1.19
CA LEU A 178 7.49 -36.39 -1.33
C LEU A 178 7.13 -37.38 -0.24
N GLN A 179 6.02 -37.14 0.43
CA GLN A 179 5.60 -37.91 1.59
C GLN A 179 4.57 -38.97 1.19
N SER A 180 4.19 -39.80 2.15
CA SER A 180 3.19 -40.83 1.88
C SER A 180 1.88 -40.19 1.42
N SER A 181 1.66 -38.92 1.76
CA SER A 181 0.47 -38.20 1.33
C SER A 181 0.44 -37.93 -0.16
N GLY A 182 1.57 -38.08 -0.86
CA GLY A 182 1.65 -37.60 -2.22
C GLY A 182 1.95 -36.12 -2.37
N LEU A 183 2.34 -35.45 -1.28
CA LEU A 183 2.59 -34.03 -1.20
C LEU A 183 4.06 -33.85 -0.86
N TYR A 184 4.54 -32.62 -0.95
CA TYR A 184 5.95 -32.33 -0.74
C TYR A 184 6.21 -31.65 0.62
N SER A 185 7.39 -31.93 1.19
CA SER A 185 7.86 -31.23 2.38
C SER A 185 9.29 -30.76 2.17
N LEU A 186 9.57 -29.54 2.59
CA LEU A 186 10.87 -28.90 2.45
C LEU A 186 11.18 -28.18 3.75
N SER A 187 12.46 -27.98 4.00
CA SER A 187 12.89 -27.28 5.21
C SER A 187 14.03 -26.33 4.90
N SER A 188 13.88 -25.07 5.30
CA SER A 188 14.90 -24.04 5.17
C SER A 188 15.47 -23.75 6.55
N VAL A 189 16.78 -23.64 6.65
CA VAL A 189 17.43 -23.43 7.94
C VAL A 189 18.54 -22.40 7.83
N VAL A 190 18.80 -21.72 8.95
CA VAL A 190 19.91 -20.79 9.06
C VAL A 190 20.59 -20.95 10.41
N THR A 191 21.91 -20.81 10.42
CA THR A 191 22.71 -20.79 11.64
C THR A 191 23.14 -19.35 11.89
N VAL A 192 22.83 -18.85 13.08
CA VAL A 192 23.03 -17.45 13.41
C VAL A 192 23.67 -17.34 14.77
N PRO A 193 24.25 -16.19 15.10
CA PRO A 193 24.84 -16.02 16.43
C PRO A 193 23.77 -16.18 17.51
N SER A 194 24.16 -16.82 18.62
CA SER A 194 23.26 -16.96 19.75
C SER A 194 22.98 -15.61 20.40
N SER A 195 23.79 -14.60 20.12
CA SER A 195 23.57 -13.31 20.74
C SER A 195 22.41 -12.57 20.08
N SER A 196 22.28 -12.71 18.76
CA SER A 196 21.18 -12.08 18.02
C SER A 196 19.97 -13.01 17.99
N LEU A 197 19.29 -13.10 19.13
CA LEU A 197 18.09 -13.92 19.30
C LEU A 197 17.02 -13.11 20.03
N GLY A 198 16.68 -11.95 19.49
CA GLY A 198 15.87 -10.99 20.20
C GLY A 198 16.18 -9.58 19.77
N THR A 199 17.42 -9.38 19.33
CA THR A 199 17.83 -8.08 18.81
C THR A 199 17.64 -7.99 17.31
N GLN A 200 17.62 -9.13 16.63
CA GLN A 200 17.41 -9.19 15.19
C GLN A 200 16.25 -10.14 14.88
N THR A 201 15.35 -9.71 14.00
CA THR A 201 14.22 -10.53 13.56
C THR A 201 14.60 -11.38 12.36
N TYR A 202 14.17 -12.63 12.37
CA TYR A 202 14.45 -13.58 11.30
C TYR A 202 13.13 -14.08 10.75
N ILE A 203 12.89 -13.82 9.47
CA ILE A 203 11.64 -14.16 8.81
C ILE A 203 11.96 -14.88 7.50
N CYS A 204 11.30 -16.01 7.28
CA CYS A 204 11.43 -16.76 6.04
C CYS A 204 10.26 -16.42 5.12
N ASN A 205 10.59 -16.13 3.87
CA ASN A 205 9.65 -15.70 2.85
C ASN A 205 9.53 -16.84 1.85
N VAL A 206 8.38 -17.51 1.88
CA VAL A 206 8.12 -18.65 1.01
C VAL A 206 7.21 -18.20 -0.13
N ASN A 207 7.47 -18.72 -1.32
CA ASN A 207 6.64 -18.44 -2.49
C ASN A 207 6.44 -19.75 -3.25
N HIS A 208 5.18 -20.18 -3.31
CA HIS A 208 4.74 -21.32 -4.12
C HIS A 208 3.99 -20.71 -5.29
N LYS A 209 4.74 -20.35 -6.33
CA LYS A 209 4.14 -19.73 -7.50
C LYS A 209 3.07 -20.60 -8.13
N PRO A 210 3.24 -21.93 -8.21
CA PRO A 210 2.17 -22.75 -8.79
C PRO A 210 0.83 -22.54 -8.10
N SER A 211 0.82 -22.36 -6.79
CA SER A 211 -0.38 -22.06 -6.03
C SER A 211 -0.65 -20.56 -5.92
N ASN A 212 0.22 -19.72 -6.50
CA ASN A 212 0.13 -18.28 -6.33
C ASN A 212 0.13 -17.88 -4.86
N THR A 213 0.93 -18.58 -4.07
CA THR A 213 1.01 -18.37 -2.63
C THR A 213 2.32 -17.68 -2.29
N LYS A 214 2.27 -16.71 -1.37
CA LYS A 214 3.45 -15.98 -0.92
C LYS A 214 3.21 -15.61 0.54
N VAL A 215 4.01 -16.20 1.43
CA VAL A 215 3.83 -16.06 2.87
C VAL A 215 5.16 -15.66 3.50
N ASP A 216 5.09 -14.92 4.59
CA ASP A 216 6.25 -14.55 5.38
C ASP A 216 6.01 -14.95 6.84
N LYS A 217 6.95 -15.72 7.41
CA LYS A 217 6.79 -16.26 8.76
C LYS A 217 8.03 -15.93 9.59
N LYS A 218 7.81 -15.33 10.77
CA LYS A 218 8.89 -15.02 11.69
C LYS A 218 9.12 -16.18 12.64
N VAL A 219 10.39 -16.51 12.86
CA VAL A 219 10.79 -17.61 13.74
C VAL A 219 11.41 -17.00 15.00
N GLU A 220 10.79 -17.28 16.14
CA GLU A 220 11.18 -16.70 17.43
C GLU A 220 11.04 -17.75 18.51
N PRO A 221 11.86 -17.67 19.58
CA PRO A 221 11.76 -18.61 20.70
C PRO A 221 10.50 -18.40 21.55
N SER B 1 21.75 -43.62 -32.97
CA SER B 1 22.05 -42.30 -33.59
C SER B 1 23.41 -41.79 -33.12
N TYR B 2 23.65 -40.50 -33.33
CA TYR B 2 24.87 -39.87 -32.83
C TYR B 2 24.93 -39.97 -31.31
N VAL B 3 26.15 -40.06 -30.78
CA VAL B 3 26.33 -40.21 -29.34
C VAL B 3 27.71 -39.69 -28.96
N LEU B 4 27.78 -39.06 -27.78
CA LEU B 4 29.02 -38.67 -27.14
C LEU B 4 29.17 -39.53 -25.88
N THR B 5 30.24 -40.30 -25.80
CA THR B 5 30.45 -41.22 -24.69
C THR B 5 31.41 -40.62 -23.66
N GLN B 6 31.00 -40.65 -22.39
CA GLN B 6 31.71 -40.07 -21.28
C GLN B 6 31.63 -41.01 -20.08
N PRO B 7 32.65 -41.04 -19.23
CA PRO B 7 32.55 -41.83 -18.00
C PRO B 7 31.42 -41.33 -17.12
N ALA B 8 31.19 -42.06 -16.03
CA ALA B 8 30.12 -41.72 -15.10
C ALA B 8 30.64 -41.06 -13.83
N SER B 9 31.86 -41.38 -13.41
CA SER B 9 32.40 -40.85 -12.17
C SER B 9 33.90 -40.60 -12.28
N ALA B 10 34.40 -39.74 -11.40
CA ALA B 10 35.82 -39.41 -11.31
C ALA B 10 36.09 -38.95 -9.88
N SER B 11 37.19 -39.45 -9.31
CA SER B 11 37.55 -39.08 -7.95
C SER B 11 39.02 -38.67 -7.84
N VAL B 12 39.29 -37.68 -6.99
CA VAL B 12 40.64 -37.18 -6.75
C VAL B 12 40.67 -36.54 -5.36
N SER B 13 41.86 -36.23 -4.87
CA SER B 13 42.06 -35.50 -3.63
C SER B 13 42.42 -34.05 -3.92
N PRO B 14 42.23 -33.15 -2.96
CA PRO B 14 42.50 -31.73 -3.23
C PRO B 14 43.97 -31.49 -3.54
N GLY B 15 44.22 -30.39 -4.25
CA GLY B 15 45.57 -30.07 -4.68
C GLY B 15 46.15 -31.07 -5.65
N GLN B 16 45.30 -31.88 -6.28
CA GLN B 16 45.72 -32.97 -7.15
C GLN B 16 45.00 -32.83 -8.49
N THR B 17 45.74 -33.06 -9.57
CA THR B 17 45.18 -32.98 -10.91
C THR B 17 44.14 -34.07 -11.18
N ALA B 18 43.01 -33.66 -11.76
CA ALA B 18 41.96 -34.56 -12.23
C ALA B 18 41.87 -34.51 -13.75
N ARG B 19 41.54 -35.65 -14.36
CA ARG B 19 41.50 -35.76 -15.82
C ARG B 19 40.24 -36.48 -16.28
N ILE B 20 39.26 -35.71 -16.74
CA ILE B 20 38.01 -36.24 -17.26
C ILE B 20 38.16 -36.39 -18.75
N THR B 21 37.57 -37.43 -19.32
CA THR B 21 37.70 -37.70 -20.74
C THR B 21 36.32 -37.87 -21.35
N CYS B 22 36.21 -37.56 -22.63
CA CYS B 22 34.97 -37.70 -23.40
C CYS B 22 35.36 -38.05 -24.81
N SER B 23 34.96 -39.23 -25.26
CA SER B 23 35.27 -39.72 -26.59
C SER B 23 34.07 -39.53 -27.49
N GLY B 24 34.33 -39.21 -28.75
CA GLY B 24 33.28 -39.03 -29.73
C GLY B 24 33.76 -39.42 -31.11
N ASP B 25 32.83 -39.89 -31.93
CA ASP B 25 33.15 -40.33 -33.28
C ASP B 25 33.14 -39.21 -34.29
N ALA B 26 32.57 -38.05 -33.95
CA ALA B 26 32.62 -36.88 -34.82
C ALA B 26 33.54 -35.79 -34.30
N LEU B 27 34.21 -36.00 -33.16
CA LEU B 27 35.10 -35.03 -32.55
C LEU B 27 36.35 -34.79 -33.38
N PRO B 28 36.84 -35.72 -34.23
CA PRO B 28 37.90 -35.41 -35.19
C PRO B 28 37.59 -34.04 -35.79
N LYS B 29 36.30 -33.75 -36.06
CA LYS B 29 35.84 -32.44 -36.60
C LYS B 29 34.89 -31.75 -35.61
N GLN B 30 34.29 -30.63 -35.97
CA GLN B 30 33.22 -29.92 -35.18
C GLN B 30 33.63 -29.30 -33.83
N TYR B 31 34.89 -29.15 -33.48
CA TYR B 31 35.28 -28.42 -32.22
C TYR B 31 34.61 -29.12 -31.02
N ALA B 32 34.55 -28.52 -29.81
CA ALA B 32 33.97 -29.16 -28.59
C ALA B 32 33.80 -28.16 -27.45
N TYR B 33 33.03 -28.49 -26.41
CA TYR B 33 32.67 -27.54 -25.33
C TYR B 33 32.56 -28.32 -24.02
N TRP B 34 32.76 -27.69 -22.87
CA TRP B 34 32.57 -28.30 -21.55
C TRP B 34 31.64 -27.46 -20.66
N TYR B 35 30.85 -28.15 -19.82
CA TYR B 35 29.99 -27.47 -18.86
C TYR B 35 30.04 -28.17 -17.50
N GLN B 36 29.70 -27.40 -16.46
CA GLN B 36 29.65 -27.90 -15.08
C GLN B 36 28.25 -27.74 -14.51
N GLN B 37 27.82 -28.73 -13.74
CA GLN B 37 26.51 -28.73 -13.10
C GLN B 37 26.69 -28.96 -11.60
N LYS B 38 26.60 -27.86 -10.83
CA LYS B 38 26.40 -27.93 -9.40
C LYS B 38 24.89 -27.93 -9.15
N PRO B 39 24.34 -28.96 -8.52
CA PRO B 39 22.87 -29.07 -8.48
C PRO B 39 22.20 -27.85 -7.87
N GLY B 40 21.01 -27.53 -8.37
CA GLY B 40 20.27 -26.39 -7.89
C GLY B 40 20.17 -25.20 -8.81
N GLN B 41 21.03 -25.09 -9.82
CA GLN B 41 21.08 -23.90 -10.65
C GLN B 41 21.57 -24.29 -12.03
N ALA B 42 21.63 -23.30 -12.92
CA ALA B 42 21.93 -23.52 -14.32
C ALA B 42 23.39 -23.96 -14.50
N PRO B 43 23.70 -24.57 -15.66
CA PRO B 43 25.08 -24.99 -15.92
C PRO B 43 26.01 -23.78 -16.04
N VAL B 44 27.31 -24.07 -16.13
CA VAL B 44 28.34 -23.04 -16.25
C VAL B 44 29.37 -23.52 -17.25
N LEU B 45 29.70 -22.66 -18.22
CA LEU B 45 30.69 -23.00 -19.24
C LEU B 45 32.08 -22.90 -18.64
N VAL B 46 32.86 -23.97 -18.73
CA VAL B 46 34.20 -24.01 -18.17
C VAL B 46 35.27 -23.94 -19.24
N ILE B 47 35.04 -24.55 -20.41
CA ILE B 47 36.01 -24.48 -21.51
C ILE B 47 35.25 -24.50 -22.84
N PHE B 48 35.79 -23.79 -23.82
CA PHE B 48 35.23 -23.75 -25.16
C PHE B 48 36.37 -23.75 -26.16
N LYS B 49 36.04 -24.13 -27.39
CA LYS B 49 37.02 -24.32 -28.47
C LYS B 49 38.09 -25.33 -28.08
N ASP B 50 37.70 -26.27 -27.23
CA ASP B 50 38.50 -27.40 -26.78
C ASP B 50 39.66 -27.05 -25.85
N SER B 51 40.15 -25.82 -25.91
CA SER B 51 41.13 -25.38 -24.91
C SER B 51 40.98 -23.94 -24.48
N GLU B 52 39.95 -23.21 -24.87
CA GLU B 52 39.93 -21.78 -24.66
C GLU B 52 39.12 -21.52 -23.42
N ARG B 53 39.78 -20.95 -22.43
CA ARG B 53 39.13 -20.74 -21.15
C ARG B 53 38.28 -19.48 -21.24
N PRO B 54 36.99 -19.55 -20.93
CA PRO B 54 36.21 -18.31 -20.83
C PRO B 54 36.69 -17.50 -19.63
N SER B 55 36.14 -16.32 -19.42
CA SER B 55 36.56 -15.53 -18.27
C SER B 55 35.82 -16.03 -17.03
N GLY B 56 36.36 -15.70 -15.86
CA GLY B 56 35.67 -16.07 -14.65
C GLY B 56 35.96 -17.47 -14.16
N VAL B 57 36.66 -18.28 -14.95
CA VAL B 57 36.97 -19.66 -14.59
C VAL B 57 38.38 -19.72 -14.01
N PRO B 58 38.60 -20.47 -12.92
CA PRO B 58 39.95 -20.60 -12.37
C PRO B 58 40.94 -21.19 -13.35
N GLU B 59 42.19 -20.73 -13.23
CA GLU B 59 43.23 -21.15 -14.16
C GLU B 59 43.55 -22.63 -14.01
N ARG B 60 43.04 -23.28 -12.96
CA ARG B 60 43.28 -24.72 -12.82
C ARG B 60 42.52 -25.49 -13.87
N PHE B 61 41.48 -24.88 -14.44
CA PHE B 61 40.65 -25.58 -15.42
C PHE B 61 41.28 -25.36 -16.78
N SER B 62 41.50 -26.46 -17.50
CA SER B 62 42.11 -26.43 -18.81
C SER B 62 41.80 -27.73 -19.52
N GLY B 63 41.83 -27.68 -20.84
CA GLY B 63 41.56 -28.87 -21.63
C GLY B 63 42.29 -28.95 -22.95
N SER B 64 42.68 -30.17 -23.32
CA SER B 64 43.28 -30.46 -24.60
C SER B 64 42.24 -31.12 -25.52
N SER B 65 42.62 -31.28 -26.79
CA SER B 65 41.72 -31.85 -27.79
C SER B 65 42.03 -33.31 -28.07
N SER B 66 43.25 -33.61 -28.49
CA SER B 66 43.70 -34.98 -28.70
C SER B 66 42.78 -35.73 -29.67
N GLY B 67 42.36 -35.03 -30.72
CA GLY B 67 41.60 -35.66 -31.78
C GLY B 67 40.23 -36.17 -31.36
N THR B 68 40.04 -37.50 -31.42
CA THR B 68 38.73 -38.08 -31.19
C THR B 68 38.36 -38.13 -29.71
N THR B 69 39.31 -37.91 -28.81
CA THR B 69 39.06 -37.99 -27.37
C THR B 69 39.50 -36.69 -26.73
N VAL B 70 38.53 -35.87 -26.31
CA VAL B 70 38.81 -34.59 -25.69
C VAL B 70 38.82 -34.78 -24.18
N THR B 71 39.49 -33.88 -23.48
CA THR B 71 39.69 -34.05 -22.05
C THR B 71 39.60 -32.70 -21.32
N LEU B 72 39.31 -32.79 -20.03
CA LEU B 72 39.27 -31.66 -19.13
C LEU B 72 40.21 -31.99 -17.98
N THR B 73 41.35 -31.30 -17.91
CA THR B 73 42.34 -31.47 -16.82
C THR B 73 42.17 -30.32 -15.83
N ILE B 74 41.97 -30.59 -14.55
CA ILE B 74 41.78 -29.63 -13.47
C ILE B 74 42.91 -29.84 -12.47
N SER B 75 43.93 -28.99 -12.54
CA SER B 75 45.05 -29.05 -11.62
C SER B 75 44.67 -28.46 -10.26
N GLY B 76 45.53 -28.71 -9.27
CA GLY B 76 45.33 -28.24 -7.91
C GLY B 76 43.87 -28.11 -7.50
N ALA B 77 43.15 -29.21 -7.66
CA ALA B 77 41.70 -29.19 -7.46
C ALA B 77 41.34 -28.68 -6.07
N GLN B 78 40.46 -27.69 -6.05
CA GLN B 78 39.90 -27.19 -4.81
C GLN B 78 38.56 -27.88 -4.60
N ALA B 79 38.14 -27.93 -3.33
CA ALA B 79 36.96 -28.72 -2.99
C ALA B 79 35.68 -28.13 -3.56
N GLU B 80 35.66 -26.83 -3.83
CA GLU B 80 34.50 -26.21 -4.45
C GLU B 80 34.20 -26.78 -5.83
N ASP B 81 35.12 -27.54 -6.42
CA ASP B 81 34.93 -28.11 -7.75
C ASP B 81 34.07 -29.38 -7.79
N GLU B 82 33.78 -30.01 -6.65
CA GLU B 82 32.94 -31.22 -6.67
C GLU B 82 31.64 -30.89 -7.39
N ALA B 83 31.40 -31.52 -8.54
CA ALA B 83 30.27 -31.20 -9.39
C ALA B 83 30.12 -32.31 -10.42
N ASP B 84 29.09 -32.18 -11.27
CA ASP B 84 28.86 -33.10 -12.36
C ASP B 84 29.26 -32.42 -13.66
N TYR B 85 30.13 -33.04 -14.44
CA TYR B 85 30.70 -32.38 -15.61
C TYR B 85 30.15 -33.02 -16.88
N TYR B 86 30.03 -32.19 -17.92
CA TYR B 86 29.39 -32.61 -19.16
C TYR B 86 30.22 -32.14 -20.34
N CYS B 87 30.29 -33.00 -21.36
CA CYS B 87 30.95 -32.69 -22.62
C CYS B 87 29.89 -32.54 -23.71
N GLN B 88 30.02 -31.48 -24.51
CA GLN B 88 29.08 -31.23 -25.60
C GLN B 88 29.87 -30.96 -26.88
N SER B 89 29.36 -31.48 -27.99
CA SER B 89 29.82 -31.08 -29.31
C SER B 89 28.66 -31.28 -30.27
N VAL B 90 28.95 -31.25 -31.58
CA VAL B 90 27.92 -31.38 -32.59
C VAL B 90 28.33 -32.43 -33.62
N ASP B 91 27.33 -32.99 -34.30
CA ASP B 91 27.53 -34.02 -35.31
C ASP B 91 28.21 -33.46 -36.56
N ASN B 92 28.66 -34.38 -37.41
CA ASN B 92 29.11 -33.99 -38.74
C ASN B 92 27.97 -33.27 -39.46
N SER B 93 28.32 -32.26 -40.25
CA SER B 93 27.39 -31.31 -40.85
C SER B 93 26.92 -30.32 -39.79
N GLY B 94 27.40 -30.45 -38.54
CA GLY B 94 26.96 -29.67 -37.39
C GLY B 94 25.54 -29.16 -37.39
N PHE B 95 24.58 -30.05 -37.52
CA PHE B 95 23.18 -29.67 -37.49
C PHE B 95 22.42 -30.19 -36.28
N TYR B 96 23.04 -31.00 -35.42
CA TYR B 96 22.40 -31.45 -34.19
C TYR B 96 23.46 -31.56 -33.11
N GLN B 97 23.31 -30.81 -32.03
CA GLN B 97 24.30 -30.85 -30.96
C GLN B 97 23.93 -31.95 -29.97
N VAL B 98 24.92 -32.40 -29.21
CA VAL B 98 24.77 -33.59 -28.37
C VAL B 98 25.46 -33.35 -27.03
N PHE B 99 25.12 -34.22 -26.08
CA PHE B 99 25.67 -34.17 -24.74
C PHE B 99 26.18 -35.53 -24.33
N GLY B 100 26.97 -35.55 -23.25
CA GLY B 100 27.41 -36.79 -22.65
C GLY B 100 26.59 -37.12 -21.41
N GLY B 101 26.79 -38.34 -20.93
CA GLY B 101 26.07 -38.76 -19.73
C GLY B 101 26.43 -37.91 -18.53
N GLY B 102 27.72 -37.71 -18.32
CA GLY B 102 28.20 -36.82 -17.29
C GLY B 102 29.01 -37.53 -16.24
N THR B 103 30.18 -36.99 -15.94
CA THR B 103 31.01 -37.55 -14.88
C THR B 103 30.67 -36.85 -13.58
N GLN B 104 30.98 -37.49 -12.47
CA GLN B 104 30.78 -36.90 -11.16
C GLN B 104 32.13 -36.80 -10.44
N LEU B 105 32.67 -35.58 -10.37
CA LEU B 105 33.91 -35.33 -9.65
C LEU B 105 33.63 -35.38 -8.16
N THR B 106 34.50 -36.07 -7.42
CA THR B 106 34.26 -36.33 -6.01
C THR B 106 35.13 -35.48 -5.10
N VAL B 107 36.38 -35.22 -5.46
CA VAL B 107 37.27 -34.39 -4.66
C VAL B 107 37.24 -34.79 -3.20
N LEU B 108 37.59 -36.02 -2.88
CA LEU B 108 37.55 -36.49 -1.49
C LEU B 108 38.41 -35.57 -0.64
N ARG B 109 37.79 -34.90 0.33
CA ARG B 109 38.46 -33.87 1.09
C ARG B 109 37.96 -33.79 2.53
N THR B 110 38.91 -33.64 3.44
CA THR B 110 38.64 -33.41 4.85
C THR B 110 37.61 -34.34 5.45
N VAL B 111 37.32 -34.14 6.74
CA VAL B 111 36.20 -34.80 7.42
C VAL B 111 35.71 -33.80 8.46
N ALA B 112 34.50 -33.27 8.28
CA ALA B 112 33.93 -32.34 9.23
C ALA B 112 32.79 -33.00 9.98
N ALA B 113 32.65 -32.67 11.26
CA ALA B 113 31.62 -33.33 12.05
C ALA B 113 30.37 -32.48 12.06
N PRO B 114 29.18 -33.08 12.09
CA PRO B 114 27.97 -32.27 12.02
C PRO B 114 27.72 -31.50 13.31
N SER B 115 26.99 -30.40 13.18
CA SER B 115 26.53 -29.62 14.32
C SER B 115 25.06 -29.99 14.46
N VAL B 116 24.74 -30.73 15.51
CA VAL B 116 23.44 -31.40 15.61
C VAL B 116 22.48 -30.50 16.36
N PHE B 117 21.28 -30.37 15.82
CA PHE B 117 20.23 -29.55 16.39
C PHE B 117 18.91 -30.31 16.36
N ILE B 118 18.06 -30.04 17.35
CA ILE B 118 16.74 -30.66 17.46
C ILE B 118 15.69 -29.58 17.49
N PHE B 119 14.62 -29.76 16.70
CA PHE B 119 13.52 -28.83 16.62
C PHE B 119 12.23 -29.55 16.95
N PRO B 120 11.52 -29.13 18.01
CA PRO B 120 10.25 -29.77 18.36
C PRO B 120 9.13 -29.28 17.47
N PRO B 121 8.00 -29.98 17.46
CA PRO B 121 6.86 -29.53 16.65
C PRO B 121 6.27 -28.22 17.14
N SER B 122 5.82 -27.42 16.17
CA SER B 122 5.05 -26.21 16.46
C SER B 122 3.61 -26.59 16.80
N ASP B 123 3.03 -25.88 17.77
CA ASP B 123 1.63 -26.12 18.09
C ASP B 123 0.71 -25.84 16.91
N SER B 124 1.14 -24.98 15.98
CA SER B 124 0.37 -24.77 14.74
C SER B 124 0.19 -26.07 14.00
N GLN B 125 1.24 -26.89 13.95
CA GLN B 125 1.12 -28.20 13.33
C GLN B 125 0.19 -29.08 14.15
N LEU B 126 0.21 -28.91 15.47
CA LEU B 126 -0.64 -29.73 16.33
C LEU B 126 -2.11 -29.38 16.21
N LYS B 127 -2.46 -28.17 15.74
CA LYS B 127 -3.86 -27.86 15.52
C LYS B 127 -4.33 -28.64 14.31
N SER B 128 -3.40 -28.85 13.37
CA SER B 128 -3.57 -29.91 12.39
C SER B 128 -3.24 -31.22 13.09
N GLY B 129 -3.79 -32.31 12.57
CA GLY B 129 -3.65 -33.59 13.23
C GLY B 129 -2.34 -34.33 13.04
N THR B 130 -1.23 -33.60 12.94
CA THR B 130 0.06 -34.25 12.71
C THR B 130 1.18 -33.53 13.46
N ALA B 131 2.35 -34.17 13.47
CA ALA B 131 3.55 -33.62 14.10
C ALA B 131 4.78 -34.02 13.30
N SER B 132 5.76 -33.12 13.26
CA SER B 132 7.03 -33.37 12.57
C SER B 132 8.17 -32.90 13.46
N VAL B 133 9.06 -33.82 13.80
CA VAL B 133 10.23 -33.54 14.64
C VAL B 133 11.46 -33.49 13.76
N VAL B 134 12.29 -32.46 13.92
CA VAL B 134 13.38 -32.21 12.99
C VAL B 134 14.70 -32.41 13.70
N CYS B 135 15.59 -33.22 13.10
CA CYS B 135 16.98 -33.36 13.54
C CYS B 135 17.85 -32.85 12.40
N LEU B 136 18.71 -31.87 12.69
CA LEU B 136 19.52 -31.19 11.69
C LEU B 136 20.99 -31.47 11.94
N LEU B 137 21.69 -31.87 10.89
CA LEU B 137 23.14 -31.99 10.87
C LEU B 137 23.72 -30.96 9.93
N ASN B 138 24.81 -30.31 10.34
CA ASN B 138 25.34 -29.14 9.64
C ASN B 138 26.83 -29.34 9.38
N ASN B 139 27.23 -29.21 8.11
CA ASN B 139 28.63 -29.07 7.71
C ASN B 139 29.47 -30.29 8.09
N PHE B 140 29.21 -31.40 7.40
CA PHE B 140 30.04 -32.61 7.44
C PHE B 140 30.37 -33.09 6.03
N TYR B 141 31.62 -33.53 5.81
CA TYR B 141 31.93 -33.95 4.44
C TYR B 141 31.41 -35.34 4.08
N PRO B 142 31.84 -36.43 4.75
CA PRO B 142 31.29 -37.74 4.35
C PRO B 142 29.78 -37.71 4.46
N ARG B 143 29.11 -37.87 3.33
CA ARG B 143 27.65 -37.80 3.34
C ARG B 143 27.06 -38.88 4.25
N GLU B 144 27.81 -39.96 4.46
CA GLU B 144 27.34 -41.08 5.27
C GLU B 144 27.15 -40.64 6.72
N ALA B 145 25.92 -40.78 7.23
CA ALA B 145 25.61 -40.44 8.61
C ALA B 145 24.31 -41.12 9.04
N LYS B 146 24.24 -41.48 10.33
CA LYS B 146 23.08 -42.12 10.94
C LYS B 146 22.33 -41.12 11.82
N VAL B 147 21.03 -41.37 12.09
CA VAL B 147 20.26 -40.41 12.89
C VAL B 147 19.50 -41.05 14.06
N GLN B 148 19.08 -42.30 13.92
CA GLN B 148 18.53 -43.08 15.03
C GLN B 148 17.54 -42.32 15.91
N TRP B 149 16.33 -42.09 15.37
CA TRP B 149 15.28 -41.45 16.17
C TRP B 149 14.89 -42.33 17.36
N LYS B 150 14.68 -41.68 18.51
CA LYS B 150 14.23 -42.32 19.74
C LYS B 150 13.08 -41.53 20.35
N VAL B 151 12.08 -42.25 20.89
CA VAL B 151 10.97 -41.56 21.56
C VAL B 151 10.77 -41.97 23.02
N ASP B 152 10.65 -43.27 23.28
CA ASP B 152 10.61 -43.76 24.65
C ASP B 152 11.80 -44.69 24.86
N ASN B 153 13.00 -44.22 24.53
CA ASN B 153 14.15 -45.10 24.41
C ASN B 153 13.78 -46.28 23.54
N ALA B 154 13.03 -46.00 22.47
CA ALA B 154 12.50 -47.01 21.56
C ALA B 154 12.75 -46.54 20.13
N LEU B 155 13.75 -47.13 19.49
CA LEU B 155 14.06 -46.82 18.11
C LEU B 155 12.84 -47.09 17.25
N GLN B 156 12.79 -46.43 16.09
CA GLN B 156 11.65 -46.56 15.19
C GLN B 156 12.16 -46.75 13.77
N SER B 157 11.27 -47.25 12.91
CA SER B 157 11.63 -47.62 11.55
C SER B 157 10.53 -47.21 10.58
N GLY B 158 10.94 -46.66 9.43
CA GLY B 158 10.01 -46.32 8.39
C GLY B 158 9.11 -45.15 8.71
N ASN B 159 9.46 -44.37 9.73
CA ASN B 159 8.63 -43.24 10.17
C ASN B 159 9.22 -41.89 9.82
N SER B 160 10.36 -41.84 9.11
CA SER B 160 11.06 -40.58 8.86
C SER B 160 11.57 -40.53 7.43
N GLN B 161 12.05 -39.36 7.05
CA GLN B 161 12.66 -39.13 5.74
C GLN B 161 13.87 -38.23 5.93
N GLU B 162 14.78 -38.27 4.96
CA GLU B 162 16.04 -37.54 5.03
C GLU B 162 16.29 -36.79 3.73
N SER B 163 17.02 -35.67 3.85
CA SER B 163 17.40 -34.86 2.70
C SER B 163 18.71 -34.17 2.99
N VAL B 164 19.61 -34.18 2.00
CA VAL B 164 20.96 -33.63 2.13
C VAL B 164 21.07 -32.41 1.24
N THR B 165 21.75 -31.39 1.75
CA THR B 165 22.08 -30.19 0.98
C THR B 165 23.46 -30.40 0.37
N GLU B 166 23.65 -29.90 -0.85
CA GLU B 166 24.78 -30.34 -1.66
C GLU B 166 25.96 -29.38 -1.67
N GLN B 167 25.76 -28.15 -2.14
CA GLN B 167 26.88 -27.23 -2.34
C GLN B 167 26.48 -25.81 -1.94
N ASP B 168 26.76 -25.45 -0.68
CA ASP B 168 26.61 -24.07 -0.25
C ASP B 168 27.76 -23.23 -0.76
N SER B 169 28.88 -23.90 -1.03
CA SER B 169 30.10 -23.31 -1.59
C SER B 169 30.87 -22.39 -0.65
N LYS B 170 30.30 -22.11 0.52
CA LYS B 170 31.09 -21.44 1.55
C LYS B 170 32.20 -22.37 2.04
N ASP B 171 31.82 -23.60 2.39
CA ASP B 171 32.76 -24.66 2.72
C ASP B 171 32.51 -25.90 1.88
N SER B 172 31.38 -25.96 1.17
CA SER B 172 31.03 -27.08 0.31
C SER B 172 30.75 -28.36 1.10
N THR B 173 30.24 -28.20 2.32
CA THR B 173 29.93 -29.31 3.20
C THR B 173 28.48 -29.74 3.02
N TYR B 174 28.21 -30.97 3.41
CA TYR B 174 26.85 -31.49 3.36
C TYR B 174 26.11 -31.12 4.64
N SER B 175 24.78 -31.04 4.54
CA SER B 175 23.90 -30.86 5.67
C SER B 175 22.69 -31.75 5.47
N LEU B 176 22.10 -32.22 6.56
CA LEU B 176 21.04 -33.20 6.50
C LEU B 176 19.90 -32.84 7.43
N SER B 177 18.70 -33.17 6.99
CA SER B 177 17.49 -33.00 7.79
C SER B 177 16.74 -34.33 7.86
N SER B 178 16.55 -34.85 9.06
CA SER B 178 15.73 -36.02 9.29
C SER B 178 14.44 -35.57 9.97
N THR B 179 13.30 -35.94 9.38
CA THR B 179 12.00 -35.51 9.89
C THR B 179 11.20 -36.73 10.27
N LEU B 180 10.80 -36.80 11.53
CA LEU B 180 9.92 -37.85 12.02
C LEU B 180 8.49 -37.36 11.97
N THR B 181 7.66 -38.00 11.15
CA THR B 181 6.25 -37.69 11.02
C THR B 181 5.44 -38.59 11.93
N LEU B 182 4.48 -38.00 12.65
CA LEU B 182 3.79 -38.71 13.71
C LEU B 182 2.40 -38.13 13.89
N SER B 183 1.56 -38.88 14.60
CA SER B 183 0.22 -38.40 14.90
C SER B 183 0.30 -37.48 16.12
N LYS B 184 -0.68 -36.59 16.24
CA LYS B 184 -0.75 -35.74 17.42
C LYS B 184 -0.98 -36.60 18.66
N ALA B 185 -1.80 -37.64 18.53
CA ALA B 185 -2.03 -38.55 19.64
C ALA B 185 -0.74 -39.26 20.03
N ASP B 186 -0.07 -39.88 19.06
CA ASP B 186 1.19 -40.55 19.34
C ASP B 186 2.25 -39.57 19.87
N TYR B 187 2.18 -38.30 19.46
CA TYR B 187 3.13 -37.32 19.97
C TYR B 187 2.84 -36.96 21.42
N GLU B 188 1.57 -36.73 21.76
CA GLU B 188 1.20 -36.41 23.15
C GLU B 188 1.25 -37.65 24.03
N LYS B 189 1.45 -38.82 23.43
CA LYS B 189 1.89 -39.97 24.20
C LYS B 189 3.41 -39.87 24.29
N HIS B 190 4.01 -40.71 25.10
CA HIS B 190 5.47 -40.66 25.26
C HIS B 190 5.90 -39.29 25.76
N LYS B 191 7.18 -39.13 26.09
CA LYS B 191 7.62 -37.81 26.51
C LYS B 191 8.94 -37.39 25.89
N VAL B 192 9.94 -38.28 25.85
CA VAL B 192 11.27 -37.96 25.35
C VAL B 192 11.29 -38.05 23.83
N TYR B 193 11.94 -37.08 23.18
CA TYR B 193 12.20 -37.18 21.75
C TYR B 193 13.67 -36.83 21.51
N ALA B 194 14.42 -37.76 20.93
CA ALA B 194 15.86 -37.59 20.79
C ALA B 194 16.32 -38.18 19.48
N CYS B 195 17.45 -37.68 18.98
CA CYS B 195 18.11 -38.26 17.84
C CYS B 195 19.58 -38.44 18.18
N GLU B 196 20.10 -39.62 17.87
CA GLU B 196 21.49 -39.97 18.09
C GLU B 196 22.15 -39.98 16.73
N VAL B 197 23.30 -39.36 16.62
CA VAL B 197 23.95 -39.12 15.34
C VAL B 197 25.31 -39.79 15.40
N THR B 198 25.66 -40.47 14.32
CA THR B 198 26.95 -41.14 14.21
C THR B 198 27.61 -40.70 12.93
N HIS B 199 28.87 -40.32 13.01
CA HIS B 199 29.60 -39.78 11.87
C HIS B 199 31.07 -40.11 12.08
N GLN B 200 31.79 -40.16 10.96
CA GLN B 200 33.20 -40.51 11.00
C GLN B 200 34.01 -39.52 11.84
N GLY B 201 33.59 -38.24 11.83
CA GLY B 201 34.25 -37.18 12.56
C GLY B 201 33.92 -37.07 14.04
N LEU B 202 33.08 -37.95 14.59
CA LEU B 202 32.66 -37.89 15.98
C LEU B 202 33.31 -39.03 16.75
N SER B 203 33.82 -38.71 17.95
CA SER B 203 34.41 -39.76 18.78
C SER B 203 33.37 -40.80 19.16
N SER B 204 32.20 -40.36 19.63
CA SER B 204 31.08 -41.22 19.99
C SER B 204 29.81 -40.60 19.47
N PRO B 205 28.74 -41.40 19.31
CA PRO B 205 27.47 -40.83 18.85
C PRO B 205 27.01 -39.70 19.77
N VAL B 206 26.70 -38.57 19.16
CA VAL B 206 26.13 -37.43 19.88
C VAL B 206 24.62 -37.57 19.86
N THR B 207 23.98 -37.17 20.96
CA THR B 207 22.54 -37.26 21.09
C THR B 207 21.99 -35.89 21.44
N LYS B 208 20.92 -35.49 20.78
CA LYS B 208 20.21 -34.25 21.10
C LYS B 208 18.76 -34.61 21.36
N SER B 209 18.22 -34.14 22.48
CA SER B 209 16.91 -34.58 22.95
C SER B 209 16.12 -33.39 23.48
N PHE B 210 14.81 -33.58 23.55
CA PHE B 210 13.91 -32.61 24.18
C PHE B 210 12.73 -33.34 24.78
N ASN B 211 12.17 -32.75 25.84
CA ASN B 211 11.00 -33.28 26.52
C ASN B 211 9.78 -32.40 26.20
N ARG B 212 8.71 -33.03 25.73
CA ARG B 212 7.49 -32.30 25.37
C ARG B 212 6.95 -31.51 26.56
N GLY B 213 6.72 -30.22 26.34
CA GLY B 213 6.13 -29.45 27.41
C GLY B 213 7.18 -28.73 28.24
N GLU B 214 8.27 -28.31 27.62
CA GLU B 214 9.36 -27.69 28.35
C GLU B 214 9.99 -26.51 27.59
N PRO C 8 21.50 -24.07 -46.91
CA PRO C 8 21.21 -24.93 -45.77
C PRO C 8 22.46 -25.47 -45.09
N ASN C 9 23.14 -24.62 -44.33
CA ASN C 9 24.39 -25.00 -43.70
C ASN C 9 24.39 -24.53 -42.25
N PRO C 10 25.23 -25.12 -41.41
CA PRO C 10 25.23 -24.79 -39.98
C PRO C 10 26.22 -23.68 -39.70
N PRO C 11 26.23 -23.16 -38.46
CA PRO C 11 27.30 -22.24 -38.07
C PRO C 11 28.66 -22.84 -38.37
N LYS C 12 29.70 -22.01 -38.29
CA LYS C 12 30.96 -22.30 -38.96
C LYS C 12 31.59 -23.60 -38.44
N PRO C 13 32.23 -24.37 -39.32
CA PRO C 13 32.79 -25.68 -38.92
C PRO C 13 34.17 -25.60 -38.28
N MET C 14 34.74 -26.76 -37.97
CA MET C 14 36.09 -26.85 -37.44
C MET C 14 37.10 -27.11 -38.54
N GLN D 1 -31.92 -24.47 20.47
CA GLN D 1 -30.47 -24.10 20.51
C GLN D 1 -30.24 -22.96 21.53
N VAL D 2 -29.10 -22.29 21.42
CA VAL D 2 -28.70 -21.30 22.42
C VAL D 2 -29.39 -20.00 22.08
N GLN D 3 -30.06 -19.41 23.08
CA GLN D 3 -30.87 -18.22 22.90
C GLN D 3 -30.45 -17.07 23.84
N LEU D 4 -30.39 -15.86 23.29
CA LEU D 4 -30.11 -14.65 24.07
C LEU D 4 -31.34 -13.74 24.03
N GLN D 5 -31.79 -13.30 25.20
CA GLN D 5 -32.93 -12.41 25.32
C GLN D 5 -32.52 -11.17 26.13
N GLN D 6 -32.66 -10.00 25.53
CA GLN D 6 -32.30 -8.75 26.19
C GLN D 6 -33.52 -8.08 26.81
N SER D 7 -33.26 -7.03 27.58
CA SER D 7 -34.33 -6.24 28.18
C SER D 7 -35.03 -5.43 27.10
N GLY D 8 -36.01 -4.63 27.53
CA GLY D 8 -36.78 -3.80 26.62
C GLY D 8 -36.14 -2.44 26.38
N PRO D 9 -36.76 -1.64 25.50
CA PRO D 9 -36.23 -0.30 25.23
C PRO D 9 -36.23 0.57 26.48
N VAL D 10 -35.27 1.50 26.53
CA VAL D 10 -35.05 2.31 27.72
C VAL D 10 -34.99 3.79 27.37
N LEU D 11 -35.60 4.62 28.22
CA LEU D 11 -35.45 6.07 28.19
C LEU D 11 -34.80 6.49 29.50
N VAL D 12 -33.54 6.92 29.44
CA VAL D 12 -32.76 7.28 30.62
C VAL D 12 -32.56 8.79 30.63
N LYS D 13 -32.74 9.39 31.81
CA LYS D 13 -32.54 10.83 31.93
C LYS D 13 -31.05 11.15 31.77
N PRO D 14 -30.73 12.36 31.31
CA PRO D 14 -29.37 12.60 30.77
C PRO D 14 -28.22 12.37 31.74
N SER D 15 -28.45 12.41 33.05
CA SER D 15 -27.36 12.21 34.00
C SER D 15 -27.43 10.94 34.84
N GLN D 16 -28.41 10.08 34.64
CA GLN D 16 -28.66 8.99 35.57
C GLN D 16 -28.00 7.71 35.06
N THR D 17 -28.26 6.59 35.74
CA THR D 17 -27.57 5.34 35.48
C THR D 17 -28.42 4.43 34.61
N LEU D 18 -27.77 3.72 33.71
CA LEU D 18 -28.42 2.77 32.83
C LEU D 18 -28.14 1.33 33.29
N SER D 19 -29.21 0.53 33.35
CA SER D 19 -29.14 -0.88 33.78
C SER D 19 -29.78 -1.75 32.70
N LEU D 20 -29.01 -2.74 32.24
CA LEU D 20 -29.42 -3.64 31.17
C LEU D 20 -29.15 -5.08 31.61
N THR D 21 -29.99 -6.00 31.14
CA THR D 21 -29.81 -7.42 31.45
C THR D 21 -29.88 -8.27 30.18
N CYS D 22 -28.97 -9.24 30.06
CA CYS D 22 -28.96 -10.22 28.98
C CYS D 22 -29.16 -11.59 29.61
N ALA D 23 -30.30 -12.23 29.29
CA ALA D 23 -30.66 -13.56 29.78
C ALA D 23 -30.25 -14.61 28.75
N ILE D 24 -29.58 -15.65 29.21
CA ILE D 24 -29.11 -16.74 28.37
C ILE D 24 -29.94 -17.99 28.62
N SER D 25 -30.20 -18.74 27.55
CA SER D 25 -31.02 -19.94 27.63
C SER D 25 -30.38 -21.12 26.90
N GLY D 26 -29.09 -21.04 26.62
CA GLY D 26 -28.34 -22.13 26.05
C GLY D 26 -27.34 -22.70 27.03
N ASP D 27 -26.09 -22.28 26.92
CA ASP D 27 -25.03 -22.69 27.83
C ASP D 27 -25.22 -21.98 29.17
N SER D 28 -24.26 -22.15 30.08
CA SER D 28 -24.28 -21.52 31.39
C SER D 28 -23.32 -20.33 31.39
N ILE D 29 -23.67 -19.30 32.17
CA ILE D 29 -22.80 -18.14 32.25
C ILE D 29 -21.41 -18.51 32.80
N SER D 30 -21.34 -19.55 33.60
CA SER D 30 -20.08 -19.98 34.21
C SER D 30 -19.22 -20.83 33.29
N SER D 31 -19.73 -21.19 32.11
CA SER D 31 -18.96 -22.01 31.19
C SER D 31 -17.63 -21.36 30.80
N ASP D 32 -16.72 -22.21 30.32
CA ASP D 32 -15.45 -21.75 29.79
C ASP D 32 -15.57 -21.26 28.35
N THR D 33 -16.80 -21.04 27.87
CA THR D 33 -17.00 -20.34 26.61
C THR D 33 -16.21 -19.04 26.60
N THR D 34 -15.69 -18.69 25.43
CA THR D 34 -14.87 -17.48 25.31
C THR D 34 -15.76 -16.23 25.36
N ALA D 35 -15.96 -15.73 26.58
CA ALA D 35 -16.50 -14.41 26.82
C ALA D 35 -18.01 -14.25 26.73
N TRP D 36 -18.55 -13.27 27.48
CA TRP D 36 -19.96 -12.89 27.52
C TRP D 36 -19.92 -11.37 27.44
N SER D 37 -19.93 -10.83 26.21
CA SER D 37 -19.64 -9.43 25.97
C SER D 37 -20.87 -8.56 25.71
N TRP D 38 -20.71 -7.26 25.99
CA TRP D 38 -21.67 -6.22 25.60
C TRP D 38 -21.04 -5.35 24.50
N ILE D 39 -21.88 -4.88 23.56
CA ILE D 39 -21.46 -4.04 22.45
C ILE D 39 -22.55 -2.99 22.22
N ARG D 40 -22.21 -1.94 21.47
CA ARG D 40 -23.21 -0.95 21.12
C ARG D 40 -22.94 -0.38 19.73
N ARG D 41 -24.04 -0.03 19.03
CA ARG D 41 -23.98 0.63 17.73
C ARG D 41 -24.68 1.98 17.78
N SER D 42 -23.96 3.03 17.41
CA SER D 42 -24.49 4.38 17.23
C SER D 42 -24.26 4.82 15.79
N PRO D 43 -25.09 5.76 15.29
CA PRO D 43 -24.77 6.34 13.96
C PRO D 43 -23.46 7.10 13.97
N SER D 44 -23.22 7.89 15.02
CA SER D 44 -21.99 8.66 15.17
C SER D 44 -20.91 7.71 15.66
N ARG D 45 -20.34 6.99 14.70
CA ARG D 45 -19.22 6.05 14.86
C ARG D 45 -19.61 4.70 14.27
N GLY D 46 -20.25 3.85 15.06
CA GLY D 46 -20.56 2.53 14.57
C GLY D 46 -20.46 1.51 15.68
N LEU D 47 -20.25 0.26 15.30
CA LEU D 47 -20.07 -0.81 16.28
C LEU D 47 -18.84 -0.54 17.15
N GLU D 48 -19.03 -0.61 18.48
CA GLU D 48 -17.98 -0.31 19.44
C GLU D 48 -18.07 -1.29 20.61
N TRP D 49 -16.92 -1.80 21.04
CA TRP D 49 -16.89 -2.77 22.13
C TRP D 49 -16.92 -2.06 23.48
N LEU D 50 -17.55 -2.71 24.46
CA LEU D 50 -17.69 -2.15 25.79
C LEU D 50 -17.01 -2.95 26.90
N GLY D 51 -17.31 -4.25 27.04
CA GLY D 51 -16.84 -4.96 28.22
C GLY D 51 -16.87 -6.46 28.10
N TRP D 52 -16.37 -7.13 29.16
CA TRP D 52 -16.17 -8.57 29.17
C TRP D 52 -16.46 -9.14 30.56
N THR D 53 -16.77 -10.44 30.60
CA THR D 53 -16.83 -11.19 31.86
C THR D 53 -16.55 -12.66 31.52
N TYR D 54 -15.76 -13.34 32.36
CA TYR D 54 -15.16 -14.56 31.86
C TYR D 54 -15.73 -15.91 32.28
N TYR D 55 -15.30 -16.43 33.43
CA TYR D 55 -15.54 -17.84 33.81
C TYR D 55 -15.91 -18.00 35.27
N ARG D 56 -16.18 -19.22 35.69
CA ARG D 56 -16.39 -19.57 37.10
C ARG D 56 -15.10 -19.48 37.91
N SER D 57 -13.98 -19.91 37.33
CA SER D 57 -12.72 -20.00 38.07
C SER D 57 -12.50 -18.78 38.98
N LYS D 58 -12.57 -17.59 38.41
CA LYS D 58 -12.48 -16.37 39.21
C LYS D 58 -13.38 -15.23 38.76
N TRP D 59 -14.02 -15.33 37.60
CA TRP D 59 -14.88 -14.27 37.06
C TRP D 59 -14.11 -12.96 36.84
N PHE D 60 -13.26 -12.99 35.81
CA PHE D 60 -12.54 -11.81 35.36
C PHE D 60 -13.49 -10.87 34.62
N ASN D 61 -13.23 -9.57 34.75
CA ASN D 61 -13.99 -8.54 34.04
C ASN D 61 -13.04 -7.50 33.48
N TYR D 62 -13.15 -7.23 32.17
CA TYR D 62 -12.31 -6.21 31.53
C TYR D 62 -13.14 -5.34 30.58
N TYR D 63 -12.92 -4.01 30.67
CA TYR D 63 -13.68 -3.04 29.89
C TYR D 63 -12.76 -2.20 28.99
N ALA D 64 -13.40 -1.39 28.15
CA ALA D 64 -12.68 -0.50 27.24
C ALA D 64 -12.18 0.73 27.98
N VAL D 65 -11.21 1.42 27.37
CA VAL D 65 -10.63 2.59 28.00
C VAL D 65 -11.60 3.75 27.93
N SER D 66 -12.26 3.89 26.77
CA SER D 66 -13.08 5.06 26.53
C SER D 66 -14.11 5.24 27.63
N VAL D 67 -14.64 4.14 28.17
CA VAL D 67 -15.65 4.20 29.21
C VAL D 67 -15.23 3.41 30.46
N LYS D 68 -13.96 3.04 30.53
CA LYS D 68 -13.50 2.12 31.57
C LYS D 68 -14.16 2.39 32.92
N GLY D 69 -14.06 3.62 33.43
CA GLY D 69 -14.50 3.86 34.79
C GLY D 69 -15.98 4.01 35.02
N ARG D 70 -16.80 3.85 33.99
CA ARG D 70 -18.24 3.99 34.14
C ARG D 70 -19.00 2.68 34.01
N VAL D 71 -18.47 1.71 33.27
CA VAL D 71 -19.19 0.49 32.99
C VAL D 71 -18.92 -0.52 34.09
N THR D 72 -19.79 -1.53 34.18
CA THR D 72 -19.54 -2.68 35.04
C THR D 72 -20.51 -3.78 34.65
N ILE D 73 -19.97 -4.97 34.40
CA ILE D 73 -20.75 -6.16 34.07
C ILE D 73 -20.93 -6.97 35.33
N ASN D 74 -22.18 -7.32 35.63
CA ASN D 74 -22.52 -8.10 36.82
C ASN D 74 -23.11 -9.43 36.40
N PRO D 75 -22.37 -10.52 36.46
CA PRO D 75 -22.98 -11.83 36.24
C PRO D 75 -23.93 -12.21 37.37
N ASP D 76 -24.95 -12.97 37.01
CA ASP D 76 -25.95 -13.50 37.95
C ASP D 76 -25.99 -15.00 37.73
N THR D 77 -25.34 -15.73 38.64
CA THR D 77 -25.27 -17.18 38.55
C THR D 77 -26.59 -17.81 38.95
N SER D 78 -27.30 -17.19 39.89
CA SER D 78 -28.63 -17.69 40.26
C SER D 78 -29.61 -17.58 39.09
N LYS D 79 -29.66 -16.41 38.46
CA LYS D 79 -30.58 -16.16 37.35
C LYS D 79 -30.00 -16.48 35.98
N ASN D 80 -28.73 -16.89 35.90
CA ASN D 80 -28.11 -17.19 34.61
C ASN D 80 -28.23 -16.02 33.64
N GLN D 81 -27.79 -14.84 34.11
CA GLN D 81 -27.88 -13.61 33.34
C GLN D 81 -26.56 -12.87 33.46
N PHE D 82 -26.36 -11.87 32.60
CA PHE D 82 -25.32 -10.89 32.88
C PHE D 82 -25.84 -9.49 32.63
N SER D 83 -25.52 -8.58 33.53
CA SER D 83 -26.06 -7.23 33.55
C SER D 83 -24.98 -6.23 33.18
N LEU D 84 -25.42 -5.11 32.59
CA LEU D 84 -24.55 -4.00 32.24
C LEU D 84 -25.04 -2.78 33.01
N GLN D 85 -24.10 -2.07 33.64
CA GLN D 85 -24.41 -0.86 34.40
C GLN D 85 -23.48 0.24 33.95
N LEU D 86 -24.05 1.32 33.40
CA LEU D 86 -23.29 2.46 32.92
C LEU D 86 -23.69 3.72 33.69
N SER D 87 -22.69 4.45 34.18
CA SER D 87 -22.88 5.62 35.03
C SER D 87 -22.62 6.91 34.26
N SER D 88 -23.08 8.02 34.84
CA SER D 88 -22.92 9.36 34.29
C SER D 88 -23.22 9.35 32.79
N VAL D 89 -24.43 8.91 32.46
CA VAL D 89 -24.79 8.71 31.07
C VAL D 89 -24.76 10.05 30.34
N THR D 90 -24.61 9.97 29.02
CA THR D 90 -24.43 11.11 28.14
C THR D 90 -25.36 10.98 26.95
N PRO D 91 -25.81 12.10 26.36
CA PRO D 91 -26.59 12.00 25.12
C PRO D 91 -25.82 11.30 24.01
N GLU D 92 -24.48 11.25 24.09
CA GLU D 92 -23.68 10.48 23.14
C GLU D 92 -23.73 8.98 23.44
N ASP D 93 -24.35 8.59 24.55
CA ASP D 93 -24.57 7.19 24.87
C ASP D 93 -25.91 6.70 24.35
N THR D 94 -26.71 7.58 23.74
CA THR D 94 -27.91 7.16 23.04
C THR D 94 -27.54 6.25 21.89
N ALA D 95 -28.01 5.00 21.93
CA ALA D 95 -27.55 4.03 20.93
C ALA D 95 -28.42 2.78 21.00
N VAL D 96 -27.99 1.73 20.32
CA VAL D 96 -28.61 0.41 20.40
C VAL D 96 -27.56 -0.57 20.93
N TYR D 97 -27.87 -1.22 22.04
CA TYR D 97 -26.94 -2.07 22.78
C TYR D 97 -27.26 -3.54 22.53
N TYR D 98 -26.22 -4.32 22.31
CA TYR D 98 -26.33 -5.75 22.06
C TYR D 98 -25.47 -6.53 23.05
N CYS D 99 -25.78 -7.82 23.20
CA CYS D 99 -24.98 -8.74 24.02
C CYS D 99 -24.66 -9.95 23.16
N ALA D 100 -23.48 -10.54 23.41
CA ALA D 100 -22.98 -11.57 22.52
C ALA D 100 -22.14 -12.58 23.27
N ARG D 101 -21.92 -13.73 22.62
CA ARG D 101 -21.15 -14.84 23.15
C ARG D 101 -20.22 -15.37 22.06
N GLY D 102 -19.11 -15.97 22.49
CA GLY D 102 -18.21 -16.64 21.57
C GLY D 102 -17.81 -17.99 22.14
N ASN D 103 -17.82 -19.01 21.28
CA ASN D 103 -17.43 -20.33 21.74
C ASN D 103 -15.96 -20.35 22.15
N GLY D 104 -15.64 -21.22 23.12
CA GLY D 104 -14.33 -21.29 23.73
C GLY D 104 -13.14 -20.97 22.86
N ASN D 105 -12.93 -21.76 21.81
CA ASN D 105 -11.78 -21.52 20.94
C ASN D 105 -11.93 -20.20 20.19
N GLY D 106 -13.12 -19.93 19.66
CA GLY D 106 -13.38 -18.69 18.96
C GLY D 106 -14.24 -18.86 17.72
N GLY D 107 -15.31 -18.05 17.61
CA GLY D 107 -16.14 -18.04 16.43
C GLY D 107 -17.61 -18.19 16.78
N MET D 108 -18.40 -18.52 15.76
CA MET D 108 -19.84 -18.73 15.86
C MET D 108 -20.57 -17.45 16.21
N ASP D 109 -20.38 -16.94 17.42
CA ASP D 109 -21.00 -15.68 17.85
C ASP D 109 -22.53 -15.61 17.79
N VAL D 110 -23.17 -16.21 18.80
CA VAL D 110 -24.58 -15.97 19.05
C VAL D 110 -24.78 -14.53 19.47
N TRP D 111 -25.87 -13.91 19.00
CA TRP D 111 -26.15 -12.50 19.27
C TRP D 111 -27.52 -12.36 19.90
N GLY D 112 -27.80 -11.18 20.45
CA GLY D 112 -29.07 -10.91 21.10
C GLY D 112 -30.03 -10.07 20.26
N GLN D 113 -31.22 -9.84 20.84
CA GLN D 113 -32.26 -9.12 20.12
C GLN D 113 -31.89 -7.65 19.95
N GLY D 114 -31.23 -7.06 20.93
CA GLY D 114 -30.93 -5.65 20.90
C GLY D 114 -31.85 -4.84 21.81
N THR D 115 -31.33 -3.73 22.33
CA THR D 115 -32.08 -2.82 23.18
C THR D 115 -31.78 -1.38 22.78
N THR D 116 -32.81 -0.60 22.49
CA THR D 116 -32.61 0.79 22.13
C THR D 116 -32.62 1.66 23.38
N VAL D 117 -31.53 2.37 23.64
CA VAL D 117 -31.43 3.28 24.78
C VAL D 117 -31.46 4.71 24.23
N THR D 118 -32.38 5.51 24.76
CA THR D 118 -32.55 6.91 24.40
C THR D 118 -32.22 7.74 25.64
N VAL D 119 -31.20 8.58 25.54
CA VAL D 119 -30.75 9.44 26.63
C VAL D 119 -31.39 10.81 26.43
N SER D 120 -32.47 11.07 27.14
CA SER D 120 -33.15 12.36 27.02
C SER D 120 -33.91 12.65 28.31
N SER D 121 -34.19 13.93 28.52
CA SER D 121 -34.95 14.40 29.67
C SER D 121 -36.45 14.43 29.41
N ALA D 122 -36.89 14.06 28.20
CA ALA D 122 -38.29 14.17 27.84
C ALA D 122 -39.09 13.02 28.42
N SER D 123 -40.36 13.30 28.71
CA SER D 123 -41.26 12.28 29.23
C SER D 123 -41.74 11.39 28.11
N THR D 124 -42.03 10.14 28.44
CA THR D 124 -42.50 9.20 27.45
C THR D 124 -43.88 9.61 26.97
N LYS D 125 -44.11 9.51 25.67
CA LYS D 125 -45.41 9.79 25.07
C LYS D 125 -45.81 8.62 24.20
N GLY D 126 -47.11 8.34 24.16
CA GLY D 126 -47.60 7.26 23.35
C GLY D 126 -47.96 7.73 21.97
N PRO D 127 -47.88 6.83 20.99
CA PRO D 127 -48.09 7.24 19.60
C PRO D 127 -49.57 7.32 19.26
N SER D 128 -49.85 7.90 18.11
CA SER D 128 -51.18 7.88 17.51
C SER D 128 -51.08 7.13 16.19
N VAL D 129 -51.89 6.09 16.05
CA VAL D 129 -51.90 5.25 14.86
C VAL D 129 -53.08 5.66 13.99
N PHE D 130 -52.82 5.88 12.70
CA PHE D 130 -53.85 6.22 11.74
C PHE D 130 -53.69 5.35 10.50
N PRO D 131 -54.78 4.99 9.85
CA PRO D 131 -54.67 4.19 8.63
C PRO D 131 -54.21 4.99 7.43
N LEU D 132 -53.47 4.32 6.54
CA LEU D 132 -53.14 4.81 5.20
C LEU D 132 -53.85 3.82 4.28
N ALA D 133 -55.12 4.08 4.02
CA ALA D 133 -56.02 3.14 3.38
C ALA D 133 -55.74 3.04 1.89
N PRO D 134 -56.20 1.97 1.24
CA PRO D 134 -55.91 1.82 -0.18
C PRO D 134 -56.70 2.81 -1.00
N SER D 135 -56.21 3.04 -2.22
CA SER D 135 -56.77 4.05 -3.11
C SER D 135 -58.10 3.60 -3.72
N SER D 136 -58.96 4.58 -4.00
CA SER D 136 -60.25 4.30 -4.62
C SER D 136 -60.12 4.20 -6.15
N LYS D 137 -59.15 3.40 -6.57
CA LYS D 137 -58.87 3.14 -7.98
C LYS D 137 -57.68 2.20 -8.00
N SER D 138 -57.13 1.94 -9.19
CA SER D 138 -55.87 1.22 -9.34
C SER D 138 -55.93 -0.24 -8.92
N THR D 139 -57.12 -0.82 -8.84
CA THR D 139 -57.26 -2.27 -8.69
C THR D 139 -57.05 -2.90 -10.06
N SER D 140 -55.81 -2.81 -10.54
CA SER D 140 -55.49 -3.02 -11.94
C SER D 140 -54.56 -4.20 -12.18
N GLY D 141 -53.45 -4.29 -11.44
CA GLY D 141 -52.47 -5.31 -11.73
C GLY D 141 -51.93 -6.02 -10.50
N GLY D 142 -52.81 -6.22 -9.52
CA GLY D 142 -52.39 -6.80 -8.26
C GLY D 142 -51.57 -5.87 -7.42
N THR D 143 -51.57 -4.58 -7.74
CA THR D 143 -50.76 -3.60 -7.05
C THR D 143 -51.66 -2.88 -6.05
N ALA D 144 -51.76 -3.42 -4.85
CA ALA D 144 -52.47 -2.77 -3.76
C ALA D 144 -51.44 -2.35 -2.72
N ALA D 145 -51.57 -1.13 -2.22
CA ALA D 145 -50.65 -0.59 -1.23
C ALA D 145 -51.48 0.05 -0.14
N LEU D 146 -51.18 -0.32 1.10
CA LEU D 146 -51.88 0.19 2.27
C LEU D 146 -50.93 0.07 3.45
N GLY D 147 -51.18 0.89 4.47
CA GLY D 147 -50.25 0.95 5.57
C GLY D 147 -50.82 1.61 6.81
N CYS D 148 -49.92 1.86 7.75
CA CYS D 148 -50.25 2.57 8.99
C CYS D 148 -49.24 3.67 9.23
N LEU D 149 -49.72 4.81 9.76
CA LEU D 149 -48.89 5.95 10.10
C LEU D 149 -48.92 6.07 11.62
N VAL D 150 -47.79 5.79 12.25
CA VAL D 150 -47.63 5.96 13.69
C VAL D 150 -46.90 7.27 13.92
N LYS D 151 -47.53 8.18 14.68
CA LYS D 151 -47.03 9.54 14.81
C LYS D 151 -46.89 9.96 16.26
N ASP D 152 -45.98 10.91 16.48
CA ASP D 152 -45.91 11.67 17.72
C ASP D 152 -45.67 10.75 18.92
N TYR D 153 -44.47 10.15 18.94
CA TYR D 153 -44.09 9.29 20.06
C TYR D 153 -42.67 9.58 20.52
N PHE D 154 -42.39 9.23 21.78
CA PHE D 154 -41.07 9.32 22.39
C PHE D 154 -41.04 8.26 23.48
N PRO D 155 -39.93 7.51 23.65
CA PRO D 155 -38.69 7.50 22.85
C PRO D 155 -38.83 6.79 21.51
N GLU D 156 -37.72 6.59 20.83
CA GLU D 156 -37.75 6.14 19.45
C GLU D 156 -38.32 4.74 19.19
N PRO D 157 -38.15 3.76 20.08
CA PRO D 157 -38.52 2.38 19.69
C PRO D 157 -40.02 2.15 19.60
N VAL D 158 -40.50 1.82 18.39
CA VAL D 158 -41.85 1.31 18.17
C VAL D 158 -41.73 0.11 17.24
N THR D 159 -42.56 -0.91 17.47
CA THR D 159 -42.52 -2.12 16.66
C THR D 159 -43.90 -2.43 16.08
N VAL D 160 -43.94 -2.68 14.77
CA VAL D 160 -45.19 -2.89 14.04
C VAL D 160 -45.19 -4.27 13.39
N SER D 161 -46.32 -4.95 13.49
CA SER D 161 -46.57 -6.23 12.83
C SER D 161 -47.83 -6.11 11.99
N TRP D 162 -48.04 -7.04 11.07
CA TRP D 162 -49.23 -7.06 10.25
C TRP D 162 -50.02 -8.36 10.45
N ASN D 163 -51.33 -8.23 10.73
CA ASN D 163 -52.21 -9.38 10.92
C ASN D 163 -51.56 -10.42 11.84
N SER D 164 -51.11 -9.93 12.99
CA SER D 164 -50.44 -10.75 13.97
C SER D 164 -49.16 -11.40 13.40
N GLY D 165 -48.53 -10.73 12.44
CA GLY D 165 -47.27 -11.19 11.89
C GLY D 165 -47.34 -12.20 10.77
N ALA D 166 -48.49 -12.39 10.12
CA ALA D 166 -48.60 -13.34 9.03
C ALA D 166 -48.20 -12.76 7.67
N LEU D 167 -48.14 -11.44 7.54
CA LEU D 167 -47.94 -10.76 6.25
C LEU D 167 -46.49 -10.35 6.01
N THR D 168 -45.51 -11.18 6.35
CA THR D 168 -44.10 -10.83 6.20
C THR D 168 -43.78 -10.18 4.85
N SER D 169 -44.06 -10.89 3.76
CA SER D 169 -43.65 -10.43 2.44
C SER D 169 -44.40 -9.19 1.98
N GLY D 170 -43.65 -8.23 1.42
CA GLY D 170 -44.18 -6.96 1.00
C GLY D 170 -44.23 -5.88 2.06
N VAL D 171 -43.91 -6.18 3.31
CA VAL D 171 -43.91 -5.16 4.36
C VAL D 171 -42.66 -4.30 4.21
N HIS D 172 -42.85 -2.99 4.26
CA HIS D 172 -41.74 -2.02 4.25
C HIS D 172 -42.00 -1.08 5.43
N THR D 173 -41.52 -1.47 6.60
CA THR D 173 -41.59 -0.62 7.79
C THR D 173 -40.40 0.34 7.78
N PHE D 174 -40.70 1.64 7.71
CA PHE D 174 -39.70 2.67 7.46
C PHE D 174 -39.02 3.12 8.74
N PRO D 175 -37.79 3.65 8.63
CA PRO D 175 -37.17 4.32 9.78
C PRO D 175 -37.99 5.55 10.18
N ALA D 176 -38.02 5.82 11.49
CA ALA D 176 -38.75 6.95 12.03
C ALA D 176 -38.01 8.28 11.79
N VAL D 177 -38.77 9.36 11.83
CA VAL D 177 -38.26 10.72 11.64
C VAL D 177 -38.62 11.54 12.87
N LEU D 178 -37.63 12.23 13.42
CA LEU D 178 -37.88 13.23 14.45
C LEU D 178 -38.38 14.49 13.75
N GLN D 179 -39.56 14.96 14.16
CA GLN D 179 -40.21 16.09 13.50
C GLN D 179 -40.02 17.36 14.32
N SER D 180 -40.56 18.47 13.81
CA SER D 180 -40.38 19.74 14.50
C SER D 180 -40.90 19.68 15.93
N SER D 181 -41.83 18.77 16.21
CA SER D 181 -42.34 18.60 17.56
C SER D 181 -41.30 18.05 18.52
N GLY D 182 -40.19 17.54 18.02
CA GLY D 182 -39.27 16.80 18.84
C GLY D 182 -39.69 15.37 19.10
N LEU D 183 -40.69 14.88 18.36
CA LEU D 183 -41.24 13.55 18.55
C LEU D 183 -41.06 12.78 17.25
N TYR D 184 -41.19 11.46 17.34
CA TYR D 184 -40.92 10.58 16.23
C TYR D 184 -42.22 10.18 15.54
N SER D 185 -42.12 9.99 14.23
CA SER D 185 -43.20 9.54 13.38
C SER D 185 -42.69 8.41 12.49
N LEU D 186 -43.55 7.43 12.23
CA LEU D 186 -43.20 6.28 11.41
C LEU D 186 -44.36 5.95 10.48
N SER D 187 -44.04 5.29 9.37
CA SER D 187 -45.03 4.86 8.40
C SER D 187 -44.73 3.42 8.03
N SER D 188 -45.71 2.54 8.21
CA SER D 188 -45.62 1.14 7.85
C SER D 188 -46.53 0.86 6.67
N VAL D 189 -46.00 0.17 5.67
CA VAL D 189 -46.73 -0.09 4.43
C VAL D 189 -46.49 -1.55 4.02
N VAL D 190 -47.46 -2.11 3.28
CA VAL D 190 -47.39 -3.48 2.80
C VAL D 190 -47.84 -3.57 1.36
N THR D 191 -47.36 -4.62 0.67
CA THR D 191 -47.75 -4.92 -0.70
C THR D 191 -48.75 -6.08 -0.67
N VAL D 192 -49.93 -5.87 -1.25
CA VAL D 192 -50.97 -6.90 -1.25
C VAL D 192 -51.67 -6.91 -2.60
N PRO D 193 -52.35 -8.03 -2.90
CA PRO D 193 -53.15 -8.09 -4.14
C PRO D 193 -54.35 -7.15 -4.11
N SER D 194 -54.70 -6.65 -5.29
CA SER D 194 -55.92 -5.87 -5.41
C SER D 194 -57.18 -6.73 -5.28
N SER D 195 -57.06 -8.05 -5.47
CA SER D 195 -58.17 -8.99 -5.32
C SER D 195 -58.46 -9.45 -3.89
N SER D 196 -57.77 -8.93 -2.87
CA SER D 196 -57.96 -9.33 -1.49
C SER D 196 -58.60 -8.22 -0.64
N LEU D 197 -59.05 -7.14 -1.26
CA LEU D 197 -59.56 -5.96 -0.55
C LEU D 197 -60.99 -6.20 -0.07
N GLY D 198 -61.12 -6.44 1.23
CA GLY D 198 -62.42 -6.72 1.82
C GLY D 198 -62.39 -8.20 2.11
N THR D 199 -61.77 -8.93 1.19
CA THR D 199 -61.64 -10.37 1.35
C THR D 199 -60.74 -10.71 2.53
N GLN D 200 -59.49 -10.32 2.45
CA GLN D 200 -58.53 -10.52 3.52
C GLN D 200 -58.58 -9.34 4.47
N THR D 201 -58.64 -9.63 5.76
CA THR D 201 -58.69 -8.57 6.76
C THR D 201 -57.27 -8.13 7.04
N TYR D 202 -57.05 -6.81 7.03
CA TYR D 202 -55.72 -6.25 7.20
C TYR D 202 -55.74 -5.32 8.40
N ILE D 203 -54.99 -5.69 9.42
CA ILE D 203 -54.88 -4.94 10.66
C ILE D 203 -53.40 -4.86 11.01
N CYS D 204 -52.93 -3.65 11.29
CA CYS D 204 -51.55 -3.43 11.70
C CYS D 204 -51.52 -3.35 13.22
N ASN D 205 -50.59 -4.08 13.83
CA ASN D 205 -50.49 -4.22 15.27
C ASN D 205 -49.21 -3.51 15.73
N VAL D 206 -49.36 -2.35 16.34
CA VAL D 206 -48.25 -1.53 16.79
C VAL D 206 -48.08 -1.67 18.29
N ASN D 207 -46.84 -1.66 18.74
CA ASN D 207 -46.49 -1.74 20.16
C ASN D 207 -45.38 -0.74 20.45
N HIS D 208 -45.67 0.21 21.34
CA HIS D 208 -44.70 1.15 21.89
C HIS D 208 -44.46 0.63 23.30
N LYS D 209 -43.50 -0.28 23.42
CA LYS D 209 -43.22 -0.89 24.70
C LYS D 209 -42.84 0.10 25.78
N PRO D 210 -42.00 1.12 25.53
CA PRO D 210 -41.70 2.10 26.59
C PRO D 210 -42.93 2.81 27.14
N SER D 211 -43.93 3.06 26.30
CA SER D 211 -45.16 3.71 26.75
C SER D 211 -46.16 2.72 27.33
N ASN D 212 -45.82 1.44 27.36
CA ASN D 212 -46.77 0.39 27.75
C ASN D 212 -48.00 0.47 26.87
N THR D 213 -47.78 0.83 25.60
CA THR D 213 -48.85 1.05 24.64
C THR D 213 -48.85 -0.02 23.56
N LYS D 214 -50.06 -0.45 23.16
CA LYS D 214 -50.19 -1.40 22.05
C LYS D 214 -51.54 -1.14 21.40
N VAL D 215 -51.52 -0.71 20.14
CA VAL D 215 -52.73 -0.36 19.41
C VAL D 215 -52.71 -1.11 18.08
N ASP D 216 -53.85 -1.66 17.69
CA ASP D 216 -54.00 -2.36 16.42
C ASP D 216 -55.17 -1.76 15.66
N LYS D 217 -54.91 -1.36 14.42
CA LYS D 217 -55.86 -0.59 13.61
C LYS D 217 -56.04 -1.27 12.27
N LYS D 218 -57.30 -1.38 11.83
CA LYS D 218 -57.65 -1.99 10.55
C LYS D 218 -57.60 -0.98 9.41
N VAL D 219 -57.11 -1.44 8.25
CA VAL D 219 -56.98 -0.63 7.04
C VAL D 219 -58.10 -1.05 6.10
N GLU D 220 -58.96 -0.09 5.74
CA GLU D 220 -60.17 -0.35 4.99
C GLU D 220 -60.43 0.78 4.00
N PRO D 221 -61.14 0.50 2.89
CA PRO D 221 -61.43 1.60 1.95
C PRO D 221 -62.37 2.63 2.55
N SER E 1 -3.82 3.85 23.12
CA SER E 1 -4.73 2.67 23.10
C SER E 1 -4.62 1.94 21.76
N TYR E 2 -5.32 0.81 21.65
CA TYR E 2 -5.25 -0.06 20.49
C TYR E 2 -6.33 0.29 19.48
N VAL E 3 -5.95 0.29 18.20
CA VAL E 3 -6.85 0.65 17.11
C VAL E 3 -6.79 -0.35 15.94
N LEU E 4 -7.93 -0.56 15.31
CA LEU E 4 -8.04 -1.29 14.04
C LEU E 4 -8.41 -0.28 12.96
N THR E 5 -7.61 -0.20 11.90
CA THR E 5 -7.85 0.73 10.81
C THR E 5 -8.52 0.04 9.62
N GLN E 6 -9.62 0.61 9.13
CA GLN E 6 -10.42 0.04 8.06
C GLN E 6 -10.87 1.15 7.11
N PRO E 7 -11.04 0.81 5.81
CA PRO E 7 -11.60 1.79 4.86
C PRO E 7 -13.03 2.17 5.19
N ALA E 8 -13.60 3.08 4.41
CA ALA E 8 -14.97 3.52 4.63
C ALA E 8 -15.99 3.07 3.58
N SER E 9 -15.63 2.94 2.31
CA SER E 9 -16.62 2.70 1.26
C SER E 9 -16.04 1.77 0.20
N ALA E 10 -16.95 1.13 -0.54
CA ALA E 10 -16.58 0.25 -1.65
C ALA E 10 -17.74 0.15 -2.64
N SER E 11 -17.39 -0.10 -3.91
CA SER E 11 -18.39 -0.25 -4.97
C SER E 11 -17.96 -1.43 -5.86
N VAL E 12 -18.62 -2.58 -5.70
CA VAL E 12 -18.28 -3.79 -6.43
C VAL E 12 -19.49 -4.25 -7.25
N SER E 13 -19.22 -5.11 -8.23
CA SER E 13 -20.22 -5.73 -9.09
C SER E 13 -20.37 -7.21 -8.77
N PRO E 14 -21.45 -7.85 -9.25
CA PRO E 14 -21.82 -9.16 -8.72
C PRO E 14 -20.76 -10.27 -8.84
N GLY E 15 -20.39 -10.62 -10.07
CA GLY E 15 -19.38 -11.65 -10.24
C GLY E 15 -18.03 -11.18 -9.76
N GLN E 16 -17.70 -9.93 -10.04
CA GLN E 16 -16.51 -9.30 -9.49
C GLN E 16 -16.36 -9.60 -8.02
N THR E 17 -15.15 -10.01 -7.63
CA THR E 17 -14.84 -10.31 -6.25
C THR E 17 -14.81 -9.01 -5.43
N ALA E 18 -15.35 -9.06 -4.23
CA ALA E 18 -15.31 -7.94 -3.30
C ALA E 18 -14.23 -8.22 -2.27
N ARG E 19 -13.22 -7.36 -2.21
CA ARG E 19 -12.03 -7.58 -1.37
C ARG E 19 -11.91 -6.42 -0.39
N ILE E 20 -12.39 -6.64 0.84
CA ILE E 20 -12.33 -5.67 1.92
C ILE E 20 -11.10 -5.97 2.76
N THR E 21 -10.47 -4.91 3.28
CA THR E 21 -9.25 -5.05 4.07
C THR E 21 -9.34 -4.31 5.40
N CYS E 22 -8.59 -4.81 6.38
CA CYS E 22 -8.49 -4.20 7.71
C CYS E 22 -7.08 -4.44 8.24
N SER E 23 -6.58 -3.47 9.00
CA SER E 23 -5.20 -3.51 9.48
C SER E 23 -5.13 -3.14 10.95
N GLY E 24 -4.03 -3.54 11.58
CA GLY E 24 -3.82 -3.29 12.99
C GLY E 24 -2.40 -3.65 13.38
N ASP E 25 -2.09 -3.36 14.64
CA ASP E 25 -0.72 -3.52 15.13
C ASP E 25 -0.44 -4.91 15.68
N ALA E 26 -1.39 -5.49 16.43
CA ALA E 26 -1.21 -6.81 17.02
C ALA E 26 -1.93 -7.91 16.26
N LEU E 27 -2.49 -7.59 15.08
CA LEU E 27 -3.14 -8.61 14.27
C LEU E 27 -2.31 -9.89 14.11
N PRO E 28 -0.99 -9.83 13.87
CA PRO E 28 -0.25 -11.09 13.76
C PRO E 28 -0.24 -11.92 15.02
N LYS E 29 -0.42 -11.31 16.19
CA LYS E 29 -0.42 -12.03 17.44
C LYS E 29 -1.78 -12.61 17.83
N GLN E 30 -2.87 -12.18 17.21
CA GLN E 30 -4.21 -12.60 17.62
C GLN E 30 -5.10 -12.78 16.40
N TYR E 31 -5.99 -13.77 16.47
CA TYR E 31 -6.94 -14.02 15.40
C TYR E 31 -7.78 -12.77 15.11
N ALA E 32 -8.38 -12.75 13.92
CA ALA E 32 -9.27 -11.68 13.48
C ALA E 32 -10.61 -12.24 13.02
N TYR E 33 -11.70 -11.56 13.35
CA TYR E 33 -13.06 -12.01 13.06
C TYR E 33 -13.84 -10.94 12.32
N TRP E 34 -14.67 -11.35 11.36
CA TRP E 34 -15.43 -10.42 10.54
C TRP E 34 -16.93 -10.52 10.79
N TYR E 35 -17.62 -9.39 10.72
CA TYR E 35 -19.06 -9.36 10.95
C TYR E 35 -19.76 -8.51 9.90
N GLN E 36 -21.04 -8.79 9.72
CA GLN E 36 -21.89 -8.10 8.75
C GLN E 36 -23.03 -7.39 9.47
N GLN E 37 -23.33 -6.16 9.02
CA GLN E 37 -24.41 -5.37 9.59
C GLN E 37 -25.34 -4.89 8.48
N LYS E 38 -26.53 -5.48 8.43
CA LYS E 38 -27.64 -4.99 7.62
C LYS E 38 -28.33 -3.87 8.37
N PRO E 39 -29.10 -3.02 7.67
CA PRO E 39 -29.44 -1.72 8.26
C PRO E 39 -29.86 -1.72 9.71
N GLY E 40 -30.87 -2.50 10.08
CA GLY E 40 -31.35 -2.44 11.46
C GLY E 40 -31.14 -3.71 12.27
N GLN E 41 -30.95 -4.84 11.60
CA GLN E 41 -30.91 -6.11 12.31
C GLN E 41 -29.56 -6.31 12.99
N ALA E 42 -29.44 -7.43 13.71
CA ALA E 42 -28.25 -7.72 14.48
C ALA E 42 -27.07 -8.08 13.57
N PRO E 43 -25.85 -8.00 14.07
CA PRO E 43 -24.69 -8.45 13.29
C PRO E 43 -24.67 -9.96 13.16
N VAL E 44 -23.80 -10.44 12.26
CA VAL E 44 -23.62 -11.87 12.04
C VAL E 44 -22.15 -12.14 11.77
N LEU E 45 -21.58 -13.14 12.44
CA LEU E 45 -20.18 -13.51 12.22
C LEU E 45 -20.05 -14.24 10.88
N VAL E 46 -19.18 -13.75 10.01
CA VAL E 46 -19.02 -14.31 8.68
C VAL E 46 -17.73 -15.11 8.56
N ILE E 47 -16.67 -14.67 9.20
CA ILE E 47 -15.37 -15.35 9.15
C ILE E 47 -14.76 -15.26 10.53
N PHE E 48 -14.05 -16.31 10.93
CA PHE E 48 -13.40 -16.36 12.23
C PHE E 48 -12.05 -17.05 12.09
N LYS E 49 -11.19 -16.80 13.08
CA LYS E 49 -9.83 -17.35 13.08
C LYS E 49 -9.11 -17.00 11.79
N ASP E 50 -9.47 -15.85 11.23
CA ASP E 50 -8.91 -15.24 10.04
C ASP E 50 -9.26 -15.90 8.71
N SER E 51 -9.62 -17.19 8.69
CA SER E 51 -10.10 -17.75 7.42
C SER E 51 -11.18 -18.84 7.54
N GLU E 52 -11.90 -18.95 8.65
CA GLU E 52 -12.70 -20.13 8.94
C GLU E 52 -14.19 -19.90 8.73
N ARG E 53 -14.81 -20.88 8.07
CA ARG E 53 -16.22 -20.82 7.69
C ARG E 53 -17.15 -21.20 8.84
N PRO E 54 -18.09 -20.33 9.22
CA PRO E 54 -19.18 -20.78 10.10
C PRO E 54 -20.10 -21.73 9.32
N SER E 55 -21.07 -22.28 10.03
CA SER E 55 -21.96 -23.25 9.42
C SER E 55 -23.05 -22.61 8.56
N GLY E 56 -23.13 -21.28 8.52
CA GLY E 56 -24.05 -20.68 7.58
C GLY E 56 -23.54 -20.85 6.18
N VAL E 57 -22.25 -21.11 6.04
CA VAL E 57 -21.59 -21.34 4.76
C VAL E 57 -22.22 -20.63 3.57
N PRO E 58 -22.19 -19.29 3.51
CA PRO E 58 -22.34 -18.64 2.21
C PRO E 58 -21.08 -19.00 1.45
N GLU E 59 -21.14 -19.99 0.54
CA GLU E 59 -19.92 -20.52 -0.03
C GLU E 59 -19.18 -19.52 -0.92
N ARG E 60 -19.83 -18.44 -1.30
CA ARG E 60 -19.27 -17.37 -2.09
C ARG E 60 -18.35 -16.43 -1.30
N PHE E 61 -18.26 -16.57 0.02
CA PHE E 61 -17.43 -15.76 0.90
C PHE E 61 -16.16 -16.51 1.29
N SER E 62 -15.11 -15.74 1.58
CA SER E 62 -13.88 -16.29 2.12
C SER E 62 -13.05 -15.17 2.74
N GLY E 63 -11.97 -15.53 3.42
CA GLY E 63 -11.10 -14.55 4.03
C GLY E 63 -9.68 -15.05 4.18
N SER E 64 -8.74 -14.12 4.12
CA SER E 64 -7.32 -14.40 4.27
C SER E 64 -6.82 -13.80 5.59
N SER E 65 -5.54 -14.02 5.87
CA SER E 65 -4.88 -13.42 7.03
C SER E 65 -3.79 -12.45 6.64
N SER E 66 -2.79 -12.90 5.88
CA SER E 66 -1.76 -12.03 5.33
C SER E 66 -1.11 -11.17 6.40
N GLY E 67 -0.80 -11.78 7.54
CA GLY E 67 -0.07 -11.10 8.58
C GLY E 67 -0.81 -9.98 9.27
N THR E 68 -0.27 -8.76 9.20
CA THR E 68 -0.82 -7.63 9.93
C THR E 68 -2.05 -7.02 9.24
N THR E 69 -2.37 -7.44 8.01
CA THR E 69 -3.51 -6.90 7.27
C THR E 69 -4.37 -8.07 6.80
N VAL E 70 -5.56 -8.19 7.38
CA VAL E 70 -6.50 -9.26 7.05
C VAL E 70 -7.53 -8.75 6.04
N THR E 71 -8.12 -9.67 5.28
CA THR E 71 -9.05 -9.30 4.22
C THR E 71 -10.20 -10.30 4.15
N LEU E 72 -11.28 -9.84 3.54
CA LEU E 72 -12.49 -10.62 3.29
C LEU E 72 -12.81 -10.56 1.81
N THR E 73 -12.90 -11.73 1.16
CA THR E 73 -13.16 -11.84 -0.27
C THR E 73 -14.51 -12.51 -0.53
N ILE E 74 -15.32 -11.87 -1.36
CA ILE E 74 -16.66 -12.34 -1.74
C ILE E 74 -16.61 -12.61 -3.23
N SER E 75 -16.53 -13.87 -3.61
CA SER E 75 -16.36 -14.22 -5.03
C SER E 75 -17.64 -14.02 -5.85
N GLY E 76 -18.69 -14.79 -5.55
CA GLY E 76 -19.94 -14.72 -6.28
C GLY E 76 -20.91 -13.69 -5.71
N ALA E 77 -20.46 -12.44 -5.60
CA ALA E 77 -21.26 -11.40 -4.94
C ALA E 77 -22.61 -11.22 -5.62
N GLN E 78 -23.67 -11.27 -4.80
CA GLN E 78 -25.02 -10.94 -5.19
C GLN E 78 -25.53 -9.74 -4.39
N ALA E 79 -26.74 -9.29 -4.70
CA ALA E 79 -27.26 -8.05 -4.11
C ALA E 79 -27.49 -8.16 -2.59
N GLU E 80 -27.76 -9.35 -2.07
CA GLU E 80 -27.94 -9.48 -0.62
C GLU E 80 -26.69 -9.06 0.14
N ASP E 81 -25.54 -9.02 -0.52
CA ASP E 81 -24.28 -8.69 0.14
C ASP E 81 -24.17 -7.20 0.45
N GLU E 82 -25.04 -6.37 -0.12
CA GLU E 82 -25.01 -4.95 0.22
C GLU E 82 -25.15 -4.82 1.73
N ALA E 83 -24.11 -4.37 2.40
CA ALA E 83 -24.12 -4.28 3.86
C ALA E 83 -22.86 -3.56 4.32
N ASP E 84 -22.79 -3.31 5.62
CA ASP E 84 -21.61 -2.73 6.26
C ASP E 84 -20.91 -3.83 7.05
N TYR E 85 -19.61 -3.97 6.83
CA TYR E 85 -18.82 -5.04 7.41
C TYR E 85 -17.78 -4.48 8.38
N TYR E 86 -17.46 -5.28 9.40
CA TYR E 86 -16.60 -4.85 10.50
C TYR E 86 -15.55 -5.91 10.80
N CYS E 87 -14.37 -5.44 11.20
CA CYS E 87 -13.24 -6.28 11.62
C CYS E 87 -13.05 -6.22 13.13
N GLN E 88 -12.73 -7.38 13.72
CA GLN E 88 -12.54 -7.52 15.15
C GLN E 88 -11.20 -8.18 15.48
N SER E 89 -10.53 -7.64 16.49
CA SER E 89 -9.30 -8.22 17.02
C SER E 89 -9.24 -7.92 18.51
N VAL E 90 -8.06 -8.09 19.12
CA VAL E 90 -7.85 -7.89 20.54
C VAL E 90 -6.42 -7.41 20.76
N ASP E 91 -6.18 -6.82 21.94
CA ASP E 91 -4.86 -6.30 22.27
C ASP E 91 -3.85 -7.44 22.39
N ASN E 92 -2.57 -7.08 22.39
CA ASN E 92 -1.50 -8.06 22.59
C ASN E 92 -1.79 -8.87 23.85
N SER E 93 -1.98 -10.18 23.69
CA SER E 93 -2.52 -11.01 24.77
C SER E 93 -3.65 -10.24 25.46
N GLY E 94 -4.44 -9.56 24.65
CA GLY E 94 -5.33 -8.54 25.16
C GLY E 94 -6.56 -9.07 25.89
N PHE E 95 -6.86 -8.41 27.00
CA PHE E 95 -8.11 -8.56 27.71
C PHE E 95 -9.17 -7.65 27.11
N TYR E 96 -8.86 -7.02 25.97
CA TYR E 96 -9.75 -6.02 25.39
C TYR E 96 -9.85 -6.21 23.88
N GLN E 97 -11.06 -6.50 23.39
CA GLN E 97 -11.29 -6.68 21.97
C GLN E 97 -11.73 -5.36 21.35
N VAL E 98 -11.59 -5.26 20.04
CA VAL E 98 -11.75 -3.99 19.33
C VAL E 98 -12.51 -4.23 18.03
N PHE E 99 -12.93 -3.13 17.42
CA PHE E 99 -13.66 -3.14 16.16
C PHE E 99 -12.99 -2.21 15.15
N GLY E 100 -13.41 -2.34 13.90
CA GLY E 100 -12.99 -1.44 12.85
C GLY E 100 -14.03 -0.36 12.57
N GLY E 101 -13.63 0.62 11.77
CA GLY E 101 -14.54 1.72 11.47
C GLY E 101 -15.80 1.26 10.76
N GLY E 102 -15.64 0.50 9.69
CA GLY E 102 -16.75 -0.09 8.99
C GLY E 102 -16.86 0.38 7.56
N THR E 103 -16.71 -0.54 6.62
CA THR E 103 -16.84 -0.24 5.20
C THR E 103 -18.26 -0.59 4.81
N GLN E 104 -18.86 0.25 3.97
CA GLN E 104 -20.22 0.03 3.48
C GLN E 104 -20.15 -0.50 2.06
N LEU E 105 -20.53 -1.75 1.87
CA LEU E 105 -20.60 -2.32 0.52
C LEU E 105 -21.88 -1.89 -0.18
N THR E 106 -21.72 -1.35 -1.40
CA THR E 106 -22.83 -0.93 -2.25
C THR E 106 -22.74 -1.77 -3.53
N VAL E 107 -23.53 -2.84 -3.61
CA VAL E 107 -23.49 -3.73 -4.77
C VAL E 107 -24.30 -3.06 -5.88
N LEU E 108 -23.61 -2.44 -6.83
CA LEU E 108 -24.30 -1.71 -7.90
C LEU E 108 -25.04 -2.73 -8.76
N ARG E 109 -26.34 -2.52 -8.91
CA ARG E 109 -27.22 -3.50 -9.51
C ARG E 109 -28.10 -2.87 -10.58
N THR E 110 -28.99 -3.69 -11.13
CA THR E 110 -29.93 -3.22 -12.15
C THR E 110 -30.72 -2.04 -11.62
N VAL E 111 -30.76 -0.96 -12.40
CA VAL E 111 -31.63 0.17 -12.07
C VAL E 111 -33.08 -0.30 -12.13
N ALA E 112 -33.80 -0.13 -11.03
CA ALA E 112 -35.19 -0.53 -10.91
C ALA E 112 -36.10 0.70 -10.86
N ALA E 113 -37.32 0.55 -11.35
CA ALA E 113 -38.22 1.70 -11.39
C ALA E 113 -39.14 1.72 -10.18
N PRO E 114 -39.46 2.92 -9.68
CA PRO E 114 -40.32 3.00 -8.49
C PRO E 114 -41.77 2.69 -8.83
N SER E 115 -42.50 2.19 -7.83
CA SER E 115 -43.94 2.01 -7.90
C SER E 115 -44.57 3.05 -6.98
N VAL E 116 -45.30 4.00 -7.55
CA VAL E 116 -45.76 5.18 -6.84
C VAL E 116 -47.19 4.97 -6.35
N PHE E 117 -47.45 5.34 -5.10
CA PHE E 117 -48.78 5.31 -4.52
C PHE E 117 -48.98 6.57 -3.69
N ILE E 118 -50.21 7.07 -3.67
CA ILE E 118 -50.55 8.28 -2.94
C ILE E 118 -51.59 7.93 -1.89
N PHE E 119 -51.41 8.44 -0.68
CA PHE E 119 -52.27 8.14 0.45
C PHE E 119 -52.85 9.42 1.03
N PRO E 120 -54.18 9.56 1.02
CA PRO E 120 -54.80 10.75 1.60
C PRO E 120 -54.85 10.64 3.11
N PRO E 121 -55.10 11.74 3.81
CA PRO E 121 -55.27 11.64 5.26
C PRO E 121 -56.53 10.85 5.59
N SER E 122 -56.42 10.02 6.62
CA SER E 122 -57.58 9.28 7.10
C SER E 122 -58.46 10.24 7.87
N ASP E 123 -59.78 10.12 7.70
CA ASP E 123 -60.67 10.96 8.49
C ASP E 123 -60.43 10.73 9.97
N SER E 124 -59.98 9.54 10.34
CA SER E 124 -59.37 9.30 11.64
C SER E 124 -58.04 10.04 11.68
N GLN E 125 -58.08 11.34 11.97
CA GLN E 125 -56.91 12.21 12.07
C GLN E 125 -57.35 13.64 11.77
N LEU E 126 -58.26 13.78 10.80
CA LEU E 126 -58.80 15.08 10.44
C LEU E 126 -59.83 15.46 11.49
N LYS E 127 -59.45 15.28 12.76
CA LYS E 127 -60.30 15.59 13.90
C LYS E 127 -59.60 16.40 14.97
N SER E 128 -58.30 16.17 15.13
CA SER E 128 -57.48 16.90 16.09
C SER E 128 -56.98 18.27 15.64
N GLY E 129 -56.84 18.49 14.33
CA GLY E 129 -56.28 19.74 13.85
C GLY E 129 -55.03 19.60 13.02
N THR E 130 -54.73 18.38 12.57
CA THR E 130 -53.55 18.13 11.76
C THR E 130 -53.91 17.13 10.67
N ALA E 131 -53.07 17.08 9.64
CA ALA E 131 -53.26 16.19 8.50
C ALA E 131 -51.90 15.79 7.95
N SER E 132 -51.83 14.56 7.43
CA SER E 132 -50.60 14.05 6.83
C SER E 132 -50.94 13.33 5.52
N VAL E 133 -50.33 13.78 4.43
CA VAL E 133 -50.50 13.17 3.11
C VAL E 133 -49.21 12.43 2.79
N VAL E 134 -49.32 11.15 2.44
CA VAL E 134 -48.12 10.30 2.32
C VAL E 134 -47.98 9.79 0.89
N CYS E 135 -46.80 10.00 0.31
CA CYS E 135 -46.47 9.50 -1.02
C CYS E 135 -45.39 8.43 -0.91
N LEU E 136 -45.64 7.28 -1.55
CA LEU E 136 -44.77 6.13 -1.44
C LEU E 136 -44.11 5.82 -2.78
N LEU E 137 -42.78 5.69 -2.75
CA LEU E 137 -41.97 5.19 -3.86
C LEU E 137 -41.49 3.82 -3.46
N ASN E 138 -41.52 2.88 -4.40
CA ASN E 138 -41.31 1.48 -4.05
C ASN E 138 -40.34 0.77 -4.97
N ASN E 139 -39.33 0.13 -4.37
CA ASN E 139 -38.51 -0.88 -5.04
C ASN E 139 -37.85 -0.33 -6.30
N PHE E 140 -36.99 0.65 -6.08
CA PHE E 140 -36.16 1.28 -7.09
C PHE E 140 -34.72 1.14 -6.64
N TYR E 141 -33.81 0.87 -7.56
CA TYR E 141 -32.44 0.76 -7.07
C TYR E 141 -31.77 2.11 -6.88
N PRO E 142 -31.65 2.96 -7.92
CA PRO E 142 -30.95 4.23 -7.74
C PRO E 142 -31.55 5.07 -6.63
N ARG E 143 -30.71 5.45 -5.66
CA ARG E 143 -31.17 6.28 -4.56
C ARG E 143 -31.63 7.66 -5.06
N GLU E 144 -31.01 8.17 -6.12
CA GLU E 144 -31.35 9.49 -6.62
C GLU E 144 -32.80 9.49 -7.06
N ALA E 145 -33.62 10.28 -6.37
CA ALA E 145 -35.04 10.33 -6.70
C ALA E 145 -35.63 11.65 -6.26
N LYS E 146 -36.36 12.29 -7.17
CA LYS E 146 -36.98 13.58 -6.89
C LYS E 146 -38.43 13.31 -6.54
N VAL E 147 -38.95 14.05 -5.59
CA VAL E 147 -40.37 13.99 -5.24
C VAL E 147 -40.80 15.44 -5.03
N GLN E 148 -41.84 15.86 -5.75
CA GLN E 148 -42.33 17.24 -5.69
C GLN E 148 -43.82 17.27 -5.39
N TRP E 149 -44.18 17.91 -4.27
CA TRP E 149 -45.57 18.09 -3.87
C TRP E 149 -46.12 19.37 -4.47
N LYS E 150 -47.40 19.35 -4.81
CA LYS E 150 -48.09 20.52 -5.33
C LYS E 150 -49.32 20.77 -4.49
N VAL E 151 -49.52 22.02 -4.05
CA VAL E 151 -50.70 22.36 -3.26
C VAL E 151 -51.91 22.37 -4.18
N ASP E 152 -51.92 23.29 -5.14
CA ASP E 152 -52.92 23.35 -6.21
C ASP E 152 -52.13 23.49 -7.51
N ASN E 153 -51.56 22.37 -7.98
CA ASN E 153 -50.61 22.38 -9.11
C ASN E 153 -49.55 23.46 -8.91
N ALA E 154 -49.07 23.58 -7.68
CA ALA E 154 -48.09 24.59 -7.28
C ALA E 154 -47.10 23.97 -6.31
N LEU E 155 -45.83 23.90 -6.70
CA LEU E 155 -44.79 23.30 -5.87
C LEU E 155 -44.71 23.84 -4.45
N GLN E 156 -44.12 23.04 -3.55
CA GLN E 156 -43.94 23.37 -2.15
C GLN E 156 -42.52 23.00 -1.75
N SER E 157 -42.06 23.57 -0.63
CA SER E 157 -40.71 23.33 -0.15
C SER E 157 -40.67 23.33 1.37
N GLY E 158 -39.91 22.40 1.94
CA GLY E 158 -39.68 22.39 3.37
C GLY E 158 -40.86 22.01 4.22
N ASN E 159 -41.91 21.48 3.60
CA ASN E 159 -43.13 21.10 4.30
C ASN E 159 -43.27 19.59 4.46
N SER E 160 -42.26 18.83 4.04
CA SER E 160 -42.34 17.38 4.00
C SER E 160 -41.06 16.77 4.56
N GLN E 161 -41.12 15.47 4.81
CA GLN E 161 -39.97 14.72 5.29
C GLN E 161 -39.91 13.36 4.59
N GLU E 162 -38.73 12.75 4.58
CA GLU E 162 -38.48 11.54 3.83
C GLU E 162 -37.81 10.48 4.68
N SER E 163 -38.06 9.21 4.32
CA SER E 163 -37.39 8.09 4.97
C SER E 163 -37.28 6.93 3.99
N VAL E 164 -36.11 6.31 3.94
CA VAL E 164 -35.81 5.26 2.98
C VAL E 164 -35.56 3.95 3.73
N THR E 165 -36.09 2.87 3.18
CA THR E 165 -35.79 1.52 3.64
C THR E 165 -34.74 0.88 2.74
N GLU E 166 -33.76 0.22 3.35
CA GLU E 166 -32.65 -0.41 2.68
C GLU E 166 -32.76 -1.91 2.86
N GLN E 167 -32.68 -2.65 1.76
CA GLN E 167 -32.85 -4.08 1.76
C GLN E 167 -33.88 -4.55 2.79
N ASP E 168 -35.12 -4.09 2.61
CA ASP E 168 -36.20 -4.52 3.49
C ASP E 168 -36.73 -5.88 3.08
N SER E 169 -37.16 -6.00 1.83
CA SER E 169 -37.67 -7.25 1.31
C SER E 169 -36.51 -8.10 0.78
N LYS E 170 -36.86 -9.30 0.28
CA LYS E 170 -35.87 -10.17 -0.35
C LYS E 170 -35.37 -9.61 -1.67
N ASP E 171 -36.10 -8.68 -2.29
CA ASP E 171 -35.65 -8.13 -3.55
C ASP E 171 -34.40 -7.28 -3.36
N SER E 172 -34.16 -6.82 -2.14
CA SER E 172 -33.02 -5.99 -1.80
C SER E 172 -33.08 -4.64 -2.48
N THR E 173 -34.29 -4.18 -2.79
CA THR E 173 -34.49 -2.88 -3.40
C THR E 173 -34.84 -1.89 -2.30
N TYR E 174 -34.57 -0.61 -2.58
CA TYR E 174 -34.90 0.42 -1.61
C TYR E 174 -36.38 0.80 -1.74
N SER E 175 -36.89 1.44 -0.70
CA SER E 175 -38.22 2.03 -0.74
C SER E 175 -38.16 3.38 -0.06
N LEU E 176 -39.06 4.28 -0.44
CA LEU E 176 -39.05 5.62 0.14
C LEU E 176 -40.46 6.08 0.46
N SER E 177 -40.60 6.75 1.60
CA SER E 177 -41.87 7.34 2.06
C SER E 177 -41.65 8.82 2.34
N SER E 178 -42.43 9.66 1.68
CA SER E 178 -42.46 11.10 1.93
C SER E 178 -43.78 11.49 2.58
N THR E 179 -43.70 12.29 3.66
CA THR E 179 -44.87 12.72 4.42
C THR E 179 -44.96 14.24 4.38
N LEU E 180 -46.09 14.77 3.91
CA LEU E 180 -46.42 16.18 3.99
C LEU E 180 -47.30 16.39 5.21
N THR E 181 -46.81 17.12 6.20
CA THR E 181 -47.57 17.45 7.40
C THR E 181 -48.13 18.87 7.29
N LEU E 182 -49.42 19.02 7.62
CA LEU E 182 -50.14 20.27 7.37
C LEU E 182 -51.26 20.41 8.40
N SER E 183 -51.83 21.60 8.47
CA SER E 183 -52.98 21.87 9.32
C SER E 183 -54.30 21.48 8.64
N LYS E 184 -55.32 21.27 9.47
CA LYS E 184 -56.63 20.92 8.95
C LYS E 184 -57.21 22.03 8.06
N ALA E 185 -57.05 23.29 8.46
CA ALA E 185 -57.56 24.39 7.65
C ALA E 185 -56.80 24.49 6.32
N ASP E 186 -55.46 24.57 6.39
CA ASP E 186 -54.68 24.64 5.16
C ASP E 186 -54.93 23.42 4.29
N TYR E 187 -55.30 22.29 4.90
CA TYR E 187 -55.65 21.12 4.11
C TYR E 187 -57.00 21.28 3.41
N GLU E 188 -58.01 21.77 4.14
CA GLU E 188 -59.34 21.97 3.59
C GLU E 188 -59.42 23.19 2.67
N LYS E 189 -58.32 23.89 2.45
CA LYS E 189 -58.31 25.01 1.51
C LYS E 189 -57.94 24.69 0.06
N HIS E 190 -57.42 23.50 -0.29
CA HIS E 190 -56.89 23.29 -1.64
C HIS E 190 -57.68 22.31 -2.50
N LYS E 191 -57.88 21.06 -2.03
CA LYS E 191 -58.65 20.01 -2.72
C LYS E 191 -57.73 18.95 -3.35
N VAL E 192 -57.29 19.14 -4.59
CA VAL E 192 -56.50 18.11 -5.27
C VAL E 192 -55.09 18.14 -4.70
N TYR E 193 -54.57 16.96 -4.35
CA TYR E 193 -53.22 16.82 -3.81
C TYR E 193 -52.48 15.76 -4.61
N ALA E 194 -51.26 16.07 -5.03
CA ALA E 194 -50.50 15.19 -5.92
C ALA E 194 -49.01 15.22 -5.57
N CYS E 195 -48.32 14.14 -5.94
CA CYS E 195 -46.87 14.07 -5.86
C CYS E 195 -46.29 13.63 -7.20
N GLU E 196 -45.23 14.32 -7.63
CA GLU E 196 -44.53 14.06 -8.88
C GLU E 196 -43.15 13.47 -8.58
N VAL E 197 -42.74 12.49 -9.39
CA VAL E 197 -41.52 11.73 -9.16
C VAL E 197 -40.64 11.70 -10.41
N THR E 198 -39.32 11.78 -10.20
CA THR E 198 -38.33 11.58 -11.26
C THR E 198 -37.29 10.58 -10.79
N HIS E 199 -36.95 9.61 -11.64
CA HIS E 199 -36.01 8.55 -11.27
C HIS E 199 -35.45 7.95 -12.55
N GLN E 200 -34.28 7.31 -12.45
CA GLN E 200 -33.64 6.76 -13.63
C GLN E 200 -34.56 5.79 -14.36
N GLY E 201 -35.30 4.98 -13.62
CA GLY E 201 -36.18 3.99 -14.21
C GLY E 201 -37.45 4.53 -14.80
N LEU E 202 -37.65 5.84 -14.75
CA LEU E 202 -38.87 6.45 -15.25
C LEU E 202 -38.53 7.15 -16.56
N SER E 203 -39.26 6.79 -17.62
CA SER E 203 -39.10 7.47 -18.90
C SER E 203 -39.51 8.93 -18.78
N SER E 204 -40.60 9.19 -18.09
CA SER E 204 -41.08 10.54 -17.83
C SER E 204 -41.45 10.64 -16.36
N PRO E 205 -41.41 11.85 -15.78
CA PRO E 205 -41.84 12.00 -14.39
C PRO E 205 -43.27 11.52 -14.22
N VAL E 206 -43.47 10.60 -13.30
CA VAL E 206 -44.80 10.08 -12.97
C VAL E 206 -45.41 10.93 -11.86
N THR E 207 -46.72 11.16 -11.96
CA THR E 207 -47.46 11.93 -10.96
C THR E 207 -48.67 11.12 -10.50
N LYS E 208 -48.89 11.09 -9.19
CA LYS E 208 -50.07 10.45 -8.63
C LYS E 208 -50.81 11.46 -7.75
N SER E 209 -52.14 11.53 -7.92
CA SER E 209 -52.95 12.56 -7.29
C SER E 209 -54.24 11.97 -6.75
N PHE E 210 -54.90 12.75 -5.90
CA PHE E 210 -56.24 12.44 -5.42
C PHE E 210 -56.99 13.73 -5.15
N ASN E 211 -58.32 13.66 -5.30
CA ASN E 211 -59.19 14.81 -5.08
C ASN E 211 -59.85 14.66 -3.72
N ARG E 212 -59.76 15.69 -2.90
CA ARG E 212 -60.37 15.66 -1.58
C ARG E 212 -61.87 15.45 -1.72
N GLY E 213 -62.36 14.30 -1.24
CA GLY E 213 -63.78 13.98 -1.31
C GLY E 213 -64.26 12.80 -2.12
N GLU E 214 -63.68 12.51 -3.27
CA GLU E 214 -64.16 11.40 -4.09
C GLU E 214 -64.00 10.05 -3.37
N PRO F 8 -6.09 -20.46 32.25
CA PRO F 8 -7.27 -19.82 32.85
C PRO F 8 -7.07 -18.32 33.02
N ASN F 9 -6.95 -17.65 31.89
CA ASN F 9 -6.64 -16.24 31.76
C ASN F 9 -7.06 -15.84 30.35
N PRO F 10 -6.83 -14.60 29.92
CA PRO F 10 -7.31 -14.18 28.60
C PRO F 10 -7.23 -15.32 27.61
N PRO F 11 -8.26 -15.50 26.78
CA PRO F 11 -8.30 -16.64 25.86
C PRO F 11 -7.03 -16.80 25.04
N LYS F 12 -6.87 -17.97 24.44
CA LYS F 12 -5.56 -18.35 23.91
C LYS F 12 -5.12 -17.39 22.82
N PRO F 13 -3.82 -17.11 22.71
CA PRO F 13 -3.35 -16.24 21.63
C PRO F 13 -3.16 -17.01 20.34
N MET F 14 -2.57 -16.39 19.33
CA MET F 14 -2.33 -17.07 18.06
C MET F 14 -1.03 -17.85 18.08
N GLN G 1 32.28 -16.75 -17.18
CA GLN G 1 32.37 -15.53 -18.02
C GLN G 1 32.05 -14.30 -17.16
N VAL G 2 33.10 -13.66 -16.64
CA VAL G 2 32.91 -12.58 -15.69
C VAL G 2 31.98 -11.54 -16.27
N GLN G 3 30.91 -11.22 -15.53
CA GLN G 3 29.93 -10.21 -15.90
C GLN G 3 29.84 -9.19 -14.78
N LEU G 4 29.92 -7.93 -15.17
CA LEU G 4 29.90 -6.81 -14.22
C LEU G 4 28.70 -5.88 -14.45
N GLN G 5 27.97 -5.60 -13.36
CA GLN G 5 26.77 -4.77 -13.41
C GLN G 5 26.92 -3.57 -12.48
N GLN G 6 26.66 -2.38 -13.01
CA GLN G 6 26.79 -1.15 -12.25
C GLN G 6 25.45 -0.72 -11.65
N SER G 7 25.52 0.31 -10.82
CA SER G 7 24.32 0.87 -10.22
C SER G 7 23.52 1.60 -11.29
N GLY G 8 22.39 2.16 -10.88
CA GLY G 8 21.51 2.86 -11.80
C GLY G 8 21.87 4.33 -11.95
N PRO G 9 21.18 5.02 -12.85
CA PRO G 9 21.42 6.45 -13.02
C PRO G 9 21.09 7.20 -11.73
N VAL G 10 21.82 8.28 -11.49
CA VAL G 10 21.73 9.01 -10.23
C VAL G 10 21.54 10.49 -10.50
N LEU G 11 20.68 11.12 -9.71
CA LEU G 11 20.52 12.57 -9.65
C LEU G 11 20.97 12.99 -8.27
N VAL G 12 22.15 13.60 -8.18
CA VAL G 12 22.75 13.95 -6.90
C VAL G 12 22.63 15.45 -6.72
N LYS G 13 22.21 15.88 -5.53
CA LYS G 13 22.06 17.29 -5.28
C LYS G 13 23.44 17.95 -5.19
N PRO G 14 23.55 19.23 -5.56
CA PRO G 14 24.86 19.80 -5.89
C PRO G 14 25.90 19.78 -4.79
N SER G 15 25.52 19.74 -3.51
CA SER G 15 26.45 19.78 -2.36
C SER G 15 26.56 18.44 -1.65
N GLN G 16 25.88 17.40 -2.13
CA GLN G 16 25.77 16.15 -1.39
C GLN G 16 26.72 15.11 -1.98
N THR G 17 26.64 13.88 -1.48
CA THR G 17 27.60 12.85 -1.82
C THR G 17 27.02 11.89 -2.86
N LEU G 18 27.89 11.44 -3.76
CA LEU G 18 27.55 10.48 -4.80
C LEU G 18 28.08 9.11 -4.40
N SER G 19 27.23 8.09 -4.54
CA SER G 19 27.59 6.71 -4.22
C SER G 19 27.26 5.84 -5.41
N LEU G 20 28.27 5.15 -5.95
CA LEU G 20 28.12 4.31 -7.14
C LEU G 20 28.75 2.96 -6.84
N THR G 21 27.96 1.90 -6.95
CA THR G 21 28.43 0.57 -6.60
C THR G 21 28.51 -0.29 -7.85
N CYS G 22 29.57 -1.08 -7.94
CA CYS G 22 29.82 -2.01 -9.04
C CYS G 22 29.76 -3.41 -8.46
N ALA G 23 28.74 -4.17 -8.86
CA ALA G 23 28.55 -5.54 -8.44
C ALA G 23 29.12 -6.44 -9.52
N ILE G 24 30.10 -7.25 -9.14
CA ILE G 24 30.82 -8.13 -10.04
C ILE G 24 30.43 -9.57 -9.76
N SER G 25 30.35 -10.38 -10.82
CA SER G 25 29.95 -11.78 -10.68
C SER G 25 30.73 -12.60 -11.67
N GLY G 26 31.33 -13.70 -11.19
CA GLY G 26 32.12 -14.60 -12.00
C GLY G 26 33.56 -14.73 -11.54
N ASP G 27 34.10 -13.70 -10.89
CA ASP G 27 35.46 -13.72 -10.38
C ASP G 27 35.47 -13.07 -9.01
N SER G 28 36.60 -13.22 -8.32
CA SER G 28 36.76 -12.68 -6.98
C SER G 28 37.24 -11.23 -7.01
N ILE G 29 36.86 -10.47 -5.97
CA ILE G 29 37.36 -9.09 -5.85
C ILE G 29 38.79 -9.11 -5.31
N SER G 30 39.11 -10.11 -4.48
CA SER G 30 40.49 -10.29 -4.07
C SER G 30 41.32 -10.56 -5.31
N SER G 31 40.84 -11.48 -6.14
CA SER G 31 41.29 -11.61 -7.52
C SER G 31 42.77 -11.86 -7.67
N ASP G 32 43.39 -12.46 -6.66
CA ASP G 32 44.82 -12.74 -6.74
C ASP G 32 45.55 -11.45 -7.07
N THR G 33 45.89 -11.24 -8.34
CA THR G 33 46.37 -9.95 -8.83
C THR G 33 45.58 -9.59 -10.09
N THR G 34 44.40 -8.99 -9.89
CA THR G 34 43.53 -8.57 -10.99
C THR G 34 43.25 -7.08 -11.00
N ALA G 35 42.80 -6.53 -9.87
CA ALA G 35 42.66 -5.09 -9.66
C ALA G 35 41.35 -4.60 -10.29
N TRP G 36 40.81 -3.52 -9.75
CA TRP G 36 39.53 -2.97 -10.21
C TRP G 36 39.57 -1.45 -10.13
N SER G 37 39.20 -0.77 -11.22
CA SER G 37 39.32 0.68 -11.29
C SER G 37 38.01 1.30 -11.75
N TRP G 38 37.75 2.52 -11.27
CA TRP G 38 36.61 3.32 -11.69
C TRP G 38 37.09 4.44 -12.60
N ILE G 39 36.23 4.85 -13.53
CA ILE G 39 36.55 5.91 -14.49
C ILE G 39 35.29 6.71 -14.77
N ARG G 40 35.46 7.83 -15.45
CA ARG G 40 34.34 8.63 -15.90
C ARG G 40 34.60 9.20 -17.29
N ARG G 41 33.52 9.28 -18.06
CA ARG G 41 33.50 9.88 -19.39
C ARG G 41 32.77 11.18 -19.17
N SER G 42 33.46 12.29 -19.40
CA SER G 42 32.94 13.61 -19.12
C SER G 42 32.07 14.12 -20.26
N PRO G 43 31.16 15.06 -19.95
CA PRO G 43 30.30 15.60 -21.01
C PRO G 43 31.09 16.38 -22.05
N SER G 44 31.78 15.67 -22.96
CA SER G 44 32.60 16.30 -23.98
C SER G 44 33.78 17.03 -23.35
N ARG G 45 34.38 16.42 -22.33
CA ARG G 45 35.50 17.03 -21.61
C ARG G 45 36.70 16.10 -21.46
N GLY G 46 36.47 14.79 -21.48
CA GLY G 46 37.56 13.83 -21.34
C GLY G 46 37.08 12.48 -20.82
N LEU G 47 38.07 11.66 -20.47
CA LEU G 47 37.85 10.29 -20.03
C LEU G 47 38.80 9.97 -18.87
N GLU G 48 38.86 10.87 -17.90
CA GLU G 48 39.86 10.80 -16.84
C GLU G 48 39.62 9.67 -15.86
N TRP G 49 40.72 9.10 -15.37
CA TRP G 49 40.72 8.00 -14.42
C TRP G 49 40.49 8.51 -13.00
N LEU G 50 39.88 7.67 -12.17
CA LEU G 50 39.53 8.06 -10.81
C LEU G 50 40.26 7.26 -9.73
N GLY G 51 40.18 5.93 -9.73
CA GLY G 51 40.74 5.20 -8.60
C GLY G 51 41.00 3.74 -8.88
N TRP G 52 41.63 3.09 -7.90
CA TRP G 52 42.20 1.76 -8.06
C TRP G 52 42.07 0.97 -6.75
N THR G 53 42.08 -0.36 -6.88
CA THR G 53 42.16 -1.27 -5.73
C THR G 53 42.84 -2.56 -6.21
N TYR G 54 43.57 -3.22 -5.31
CA TYR G 54 44.47 -4.29 -5.73
C TYR G 54 44.04 -5.69 -5.28
N TYR G 55 44.00 -5.99 -3.98
CA TYR G 55 43.69 -7.35 -3.54
C TYR G 55 43.63 -7.40 -2.02
N ARG G 56 43.05 -8.50 -1.50
CA ARG G 56 42.81 -8.64 -0.07
C ARG G 56 44.07 -8.90 0.75
N SER G 57 45.09 -9.55 0.18
CA SER G 57 46.32 -9.83 0.94
C SER G 57 46.60 -8.62 1.82
N LYS G 58 46.51 -7.44 1.20
CA LYS G 58 46.42 -6.16 1.91
C LYS G 58 45.57 -5.30 0.98
N TRP G 59 44.37 -4.92 1.41
CA TRP G 59 43.46 -4.22 0.50
C TRP G 59 44.03 -2.84 0.18
N PHE G 60 44.89 -2.80 -0.83
CA PHE G 60 45.49 -1.56 -1.29
C PHE G 60 44.48 -0.76 -2.13
N ASN G 61 44.50 0.57 -1.95
CA ASN G 61 43.66 1.45 -2.76
C ASN G 61 44.41 2.74 -3.08
N TYR G 62 44.57 3.05 -4.37
CA TYR G 62 45.27 4.25 -4.82
C TYR G 62 44.37 4.99 -5.78
N TYR G 63 44.22 6.29 -5.58
CA TYR G 63 43.30 7.13 -6.33
C TYR G 63 44.04 8.21 -7.10
N ALA G 64 43.27 8.94 -7.92
CA ALA G 64 43.76 10.02 -8.78
C ALA G 64 43.95 11.35 -8.01
N VAL G 65 44.70 12.24 -8.65
CA VAL G 65 45.00 13.56 -8.09
C VAL G 65 43.93 14.61 -8.37
N SER G 66 43.34 14.60 -9.57
CA SER G 66 42.32 15.60 -9.89
C SER G 66 41.16 15.50 -8.92
N VAL G 67 40.81 14.27 -8.52
CA VAL G 67 39.71 14.08 -7.57
C VAL G 67 40.16 14.34 -6.15
N LYS G 68 41.40 14.76 -5.96
CA LYS G 68 42.00 15.01 -4.67
C LYS G 68 41.57 13.89 -3.71
N GLY G 69 41.16 14.20 -2.49
CA GLY G 69 40.76 13.23 -1.50
C GLY G 69 39.25 13.11 -1.43
N ARG G 70 38.57 13.15 -2.58
CA ARG G 70 37.11 13.15 -2.58
C ARG G 70 36.53 11.79 -2.93
N VAL G 71 37.29 10.95 -3.63
CA VAL G 71 36.82 9.63 -4.02
C VAL G 71 37.15 8.67 -2.89
N THR G 72 36.50 7.50 -2.91
CA THR G 72 36.81 6.45 -1.96
C THR G 72 36.28 5.13 -2.51
N ILE G 73 37.16 4.14 -2.67
CA ILE G 73 36.77 2.82 -3.16
C ILE G 73 36.61 1.90 -1.97
N ASN G 74 35.45 1.24 -1.90
CA ASN G 74 35.11 0.34 -0.80
C ASN G 74 34.93 -1.08 -1.31
N PRO G 75 35.89 -1.98 -1.10
CA PRO G 75 35.66 -3.40 -1.38
C PRO G 75 34.72 -4.04 -0.36
N ASP G 76 33.92 -5.00 -0.86
CA ASP G 76 33.00 -5.80 -0.05
C ASP G 76 33.16 -7.26 -0.43
N THR G 77 33.83 -8.06 0.42
CA THR G 77 34.06 -9.46 0.12
C THR G 77 32.81 -10.32 0.32
N SER G 78 31.97 -9.97 1.29
CA SER G 78 30.74 -10.74 1.49
C SER G 78 29.86 -10.71 0.25
N LYS G 79 29.61 -9.52 -0.28
CA LYS G 79 28.85 -9.36 -1.51
C LYS G 79 29.74 -9.31 -2.76
N ASN G 80 31.06 -9.22 -2.62
CA ASN G 80 31.97 -9.16 -3.76
C ASN G 80 31.61 -7.98 -4.68
N GLN G 81 31.69 -6.77 -4.11
CA GLN G 81 31.37 -5.55 -4.83
C GLN G 81 32.45 -4.52 -4.55
N PHE G 82 32.52 -3.47 -5.36
CA PHE G 82 33.30 -2.29 -4.95
C PHE G 82 32.54 -1.00 -5.23
N SER G 83 32.54 -0.11 -4.24
CA SER G 83 31.74 1.11 -4.24
C SER G 83 32.62 2.35 -4.35
N LEU G 84 32.04 3.42 -4.88
CA LEU G 84 32.65 4.73 -5.04
C LEU G 84 31.88 5.79 -4.28
N GLN G 85 32.59 6.69 -3.60
CA GLN G 85 31.99 7.80 -2.88
C GLN G 85 32.70 9.09 -3.28
N LEU G 86 31.96 9.99 -3.92
CA LEU G 86 32.49 11.28 -4.34
C LEU G 86 31.71 12.37 -3.59
N SER G 87 32.43 13.13 -2.77
CA SER G 87 31.82 14.09 -1.86
C SER G 87 32.05 15.50 -2.38
N SER G 88 31.31 16.45 -1.79
CA SER G 88 31.36 17.85 -2.19
C SER G 88 31.23 17.95 -3.71
N VAL G 89 30.18 17.31 -4.22
CA VAL G 89 29.99 17.17 -5.67
C VAL G 89 29.76 18.55 -6.30
N THR G 90 30.00 18.60 -7.60
CA THR G 90 29.88 19.81 -8.42
C THR G 90 29.21 19.46 -9.73
N PRO G 91 28.50 20.41 -10.35
CA PRO G 91 27.96 20.14 -11.70
C PRO G 91 29.04 19.73 -12.69
N GLU G 92 30.30 20.01 -12.38
CA GLU G 92 31.39 19.55 -13.24
C GLU G 92 31.71 18.07 -13.05
N ASP G 93 31.14 17.41 -12.05
CA ASP G 93 31.26 15.97 -11.87
C ASP G 93 30.12 15.22 -12.53
N THR G 94 29.15 15.93 -13.10
CA THR G 94 28.10 15.30 -13.90
C THR G 94 28.72 14.63 -15.13
N ALA G 95 28.55 13.32 -15.23
CA ALA G 95 29.26 12.57 -16.27
C ALA G 95 28.68 11.16 -16.31
N VAL G 96 29.35 10.24 -17.02
CA VAL G 96 28.99 8.83 -17.01
C VAL G 96 30.15 8.05 -16.42
N TYR G 97 29.90 7.31 -15.35
CA TYR G 97 30.93 6.62 -14.60
C TYR G 97 30.85 5.11 -14.83
N TYR G 98 32.01 4.51 -15.15
CA TYR G 98 32.14 3.08 -15.43
C TYR G 98 33.12 2.46 -14.43
N CYS G 99 33.09 1.12 -14.35
CA CYS G 99 34.03 0.35 -13.54
C CYS G 99 34.64 -0.75 -14.41
N ALA G 100 35.85 -1.17 -14.03
CA ALA G 100 36.64 -2.04 -14.89
C ALA G 100 37.53 -3.00 -14.11
N ARG G 101 37.92 -4.07 -14.82
CA ARG G 101 38.73 -5.20 -14.35
C ARG G 101 40.04 -5.33 -15.14
N GLY G 102 40.96 -6.16 -14.61
CA GLY G 102 42.18 -6.54 -15.32
C GLY G 102 42.44 -8.04 -15.30
N ASN G 103 43.58 -8.42 -14.71
CA ASN G 103 44.03 -9.78 -14.38
C ASN G 103 44.69 -10.61 -15.50
N GLY G 104 44.79 -10.13 -16.72
CA GLY G 104 45.38 -10.94 -17.77
C GLY G 104 46.86 -10.70 -17.97
N ASN G 105 47.72 -11.11 -17.03
CA ASN G 105 49.11 -10.67 -17.00
C ASN G 105 49.19 -9.16 -16.79
N GLY G 106 48.08 -8.58 -16.31
CA GLY G 106 47.88 -7.16 -16.33
C GLY G 106 47.45 -6.63 -17.68
N GLY G 107 47.45 -7.47 -18.72
CA GLY G 107 47.08 -7.04 -20.06
C GLY G 107 45.64 -7.33 -20.44
N MET G 108 44.69 -6.68 -19.76
CA MET G 108 43.29 -6.93 -20.07
C MET G 108 42.43 -5.85 -19.41
N ASP G 109 41.18 -5.77 -19.86
CA ASP G 109 40.20 -4.86 -19.26
C ASP G 109 38.79 -5.21 -19.71
N VAL G 110 37.87 -5.31 -18.74
CA VAL G 110 36.45 -5.58 -19.00
C VAL G 110 35.63 -4.61 -18.17
N TRP G 111 34.55 -4.09 -18.76
CA TRP G 111 33.80 -2.97 -18.22
C TRP G 111 32.32 -3.31 -18.00
N GLY G 112 31.63 -2.34 -17.40
CA GLY G 112 30.21 -2.39 -17.19
C GLY G 112 29.45 -1.50 -18.17
N GLN G 113 28.13 -1.48 -18.01
CA GLN G 113 27.29 -0.70 -18.92
C GLN G 113 27.51 0.80 -18.77
N GLY G 114 27.86 1.26 -17.58
CA GLY G 114 27.96 2.69 -17.30
C GLY G 114 26.79 3.19 -16.45
N THR G 115 27.04 4.27 -15.72
CA THR G 115 26.04 4.90 -14.85
C THR G 115 26.09 6.39 -15.08
N THR G 116 24.96 6.98 -15.46
CA THR G 116 24.88 8.41 -15.72
C THR G 116 24.57 9.14 -14.43
N VAL G 117 25.47 10.04 -14.01
CA VAL G 117 25.27 10.86 -12.83
C VAL G 117 25.04 12.29 -13.27
N THR G 118 23.95 12.88 -12.79
CA THR G 118 23.57 14.26 -13.04
C THR G 118 23.61 15.02 -11.73
N VAL G 119 24.44 16.06 -11.68
CA VAL G 119 24.57 16.89 -10.49
C VAL G 119 23.67 18.09 -10.69
N SER G 120 22.45 18.03 -10.14
CA SER G 120 21.49 19.11 -10.27
C SER G 120 20.56 19.07 -9.07
N SER G 121 19.96 20.22 -8.78
CA SER G 121 19.01 20.35 -7.67
C SER G 121 17.58 20.11 -8.09
N ALA G 122 17.32 19.84 -9.37
CA ALA G 122 15.96 19.75 -9.87
C ALA G 122 15.30 18.43 -9.46
N SER G 123 13.97 18.49 -9.31
CA SER G 123 13.19 17.30 -8.98
C SER G 123 12.96 16.45 -10.22
N THR G 124 12.79 15.15 -9.99
CA THR G 124 12.61 14.20 -11.07
C THR G 124 11.30 14.41 -11.82
N LYS G 125 11.36 14.25 -13.13
CA LYS G 125 10.17 14.22 -13.99
C LYS G 125 10.21 12.98 -14.87
N GLY G 126 9.03 12.41 -15.12
CA GLY G 126 8.87 11.26 -15.98
C GLY G 126 8.51 11.66 -17.41
N PRO G 127 8.85 10.80 -18.37
CA PRO G 127 8.62 11.15 -19.78
C PRO G 127 7.19 10.84 -20.23
N SER G 128 6.84 11.41 -21.38
CA SER G 128 5.63 11.07 -22.13
C SER G 128 6.04 10.63 -23.52
N VAL G 129 5.61 9.46 -23.94
CA VAL G 129 5.95 8.90 -25.24
C VAL G 129 4.80 9.16 -26.20
N PHE G 130 5.11 9.62 -27.40
CA PHE G 130 4.12 9.86 -28.44
C PHE G 130 4.55 9.17 -29.72
N PRO G 131 3.61 8.66 -30.51
CA PRO G 131 3.98 7.98 -31.75
C PRO G 131 4.48 8.96 -32.80
N LEU G 132 5.37 8.47 -33.67
CA LEU G 132 5.80 9.13 -34.88
C LEU G 132 5.38 8.20 -36.03
N ALA G 133 4.17 8.43 -36.56
CA ALA G 133 3.50 7.47 -37.43
C ALA G 133 4.17 7.37 -38.80
N PRO G 134 3.93 6.27 -39.51
CA PRO G 134 4.67 6.01 -40.77
C PRO G 134 4.21 6.78 -42.00
N SER G 135 2.90 7.05 -42.11
CA SER G 135 2.32 7.70 -43.28
C SER G 135 2.06 6.68 -44.39
N SER G 136 1.56 7.14 -45.52
CA SER G 136 1.20 6.27 -46.62
C SER G 136 2.31 5.30 -47.03
N LYS G 137 1.91 4.06 -47.29
CA LYS G 137 2.83 3.08 -47.86
C LYS G 137 3.17 3.58 -49.26
N SER G 138 4.46 3.67 -49.57
CA SER G 138 4.87 4.24 -50.85
C SER G 138 4.62 3.33 -52.06
N GLY G 141 6.71 -0.18 -52.30
CA GLY G 141 7.94 0.53 -51.99
C GLY G 141 8.78 -0.18 -50.95
N GLY G 142 9.83 0.48 -50.47
CA GLY G 142 10.72 -0.14 -49.51
C GLY G 142 11.35 0.82 -48.51
N THR G 143 10.75 1.99 -48.32
CA THR G 143 11.36 3.05 -47.53
C THR G 143 10.44 3.59 -46.44
N ALA G 144 9.96 2.71 -45.57
CA ALA G 144 9.10 3.15 -44.48
C ALA G 144 9.95 3.56 -43.29
N ALA G 145 9.46 4.56 -42.54
CA ALA G 145 10.13 5.07 -41.36
C ALA G 145 9.11 5.34 -40.27
N LEU G 146 9.46 5.03 -39.03
CA LEU G 146 8.55 5.24 -37.92
C LEU G 146 9.37 5.54 -36.67
N GLY G 147 8.72 6.08 -35.64
CA GLY G 147 9.51 6.39 -34.45
C GLY G 147 8.67 6.62 -33.21
N CYS G 148 9.38 6.97 -32.13
CA CYS G 148 8.80 7.33 -30.85
C CYS G 148 9.44 8.61 -30.36
N LEU G 149 8.61 9.47 -29.78
CA LEU G 149 9.03 10.75 -29.23
C LEU G 149 8.86 10.74 -27.72
N VAL G 150 9.98 10.72 -26.99
CA VAL G 150 9.98 10.76 -25.54
C VAL G 150 10.19 12.22 -25.15
N LYS G 151 9.28 12.76 -24.33
CA LYS G 151 9.31 14.18 -24.05
C LYS G 151 9.20 14.45 -22.55
N ASP G 152 9.78 15.57 -22.14
CA ASP G 152 9.56 16.15 -20.82
C ASP G 152 9.98 15.17 -19.71
N TYR G 153 11.28 14.90 -19.68
CA TYR G 153 11.86 14.04 -18.66
C TYR G 153 13.16 14.64 -18.14
N PHE G 154 13.46 14.33 -16.88
CA PHE G 154 14.69 14.73 -16.20
C PHE G 154 14.90 13.67 -15.13
N PRO G 155 16.15 13.23 -14.89
CA PRO G 155 17.39 13.58 -15.58
C PRO G 155 17.55 12.99 -16.98
N GLU G 156 18.75 13.11 -17.54
CA GLU G 156 18.96 12.75 -18.93
C GLU G 156 18.75 11.28 -19.26
N PRO G 157 19.04 10.32 -18.37
CA PRO G 157 19.04 8.90 -18.78
C PRO G 157 17.65 8.38 -19.12
N VAL G 158 17.47 7.95 -20.37
CA VAL G 158 16.33 7.14 -20.80
C VAL G 158 16.84 6.09 -21.77
N THR G 159 16.28 4.89 -21.71
CA THR G 159 16.71 3.80 -22.59
C THR G 159 15.54 3.32 -23.43
N VAL G 160 15.75 3.27 -24.74
CA VAL G 160 14.71 2.92 -25.69
C VAL G 160 15.17 1.73 -26.52
N SER G 161 14.31 0.72 -26.63
CA SER G 161 14.51 -0.45 -27.49
C SER G 161 13.26 -0.58 -28.36
N TRP G 162 13.35 -1.41 -29.41
CA TRP G 162 12.21 -1.66 -30.28
C TRP G 162 11.85 -3.13 -30.32
N ASN G 163 10.55 -3.43 -30.26
CA ASN G 163 10.04 -4.80 -30.30
C ASN G 163 10.73 -5.65 -29.23
N SER G 164 10.79 -5.10 -28.02
CA SER G 164 11.43 -5.76 -26.89
C SER G 164 12.89 -6.10 -27.19
N GLY G 165 13.55 -5.24 -27.98
CA GLY G 165 14.95 -5.43 -28.31
C GLY G 165 15.23 -6.31 -29.50
N ALA G 166 14.24 -6.57 -30.36
CA ALA G 166 14.43 -7.42 -31.52
C ALA G 166 14.95 -6.71 -32.76
N LEU G 167 14.81 -5.38 -32.88
CA LEU G 167 15.07 -4.77 -34.19
C LEU G 167 16.56 -4.49 -34.39
N THR G 168 17.09 -3.53 -33.63
CA THR G 168 18.51 -3.20 -33.62
C THR G 168 19.09 -2.73 -34.96
N SER G 169 18.34 -2.88 -36.05
CA SER G 169 18.82 -2.51 -37.38
C SER G 169 17.93 -1.43 -37.96
N GLY G 170 18.55 -0.36 -38.46
CA GLY G 170 17.80 0.79 -38.91
C GLY G 170 17.37 1.68 -37.79
N VAL G 171 17.64 1.27 -36.56
CA VAL G 171 17.27 2.06 -35.40
C VAL G 171 18.30 3.17 -35.22
N HIS G 172 17.83 4.40 -35.08
CA HIS G 172 18.68 5.56 -34.82
C HIS G 172 18.09 6.30 -33.62
N THR G 173 18.52 5.93 -32.43
CA THR G 173 18.12 6.63 -31.22
C THR G 173 19.01 7.87 -31.07
N PHE G 174 18.38 9.05 -31.10
CA PHE G 174 19.10 10.31 -31.19
C PHE G 174 19.57 10.78 -29.81
N PRO G 175 20.60 11.62 -29.76
CA PRO G 175 20.96 12.26 -28.50
C PRO G 175 19.82 13.13 -27.97
N ALA G 176 19.72 13.21 -26.65
CA ALA G 176 18.67 14.01 -26.04
C ALA G 176 18.99 15.49 -26.18
N VAL G 177 17.94 16.31 -26.15
CA VAL G 177 18.07 17.75 -26.25
C VAL G 177 17.39 18.39 -25.04
N LEU G 178 18.12 19.23 -24.31
CA LEU G 178 17.54 20.02 -23.23
C LEU G 178 16.82 21.22 -23.83
N GLN G 179 15.59 21.45 -23.38
CA GLN G 179 14.72 22.49 -23.90
C GLN G 179 14.64 23.67 -22.94
N SER G 180 13.91 24.71 -23.37
CA SER G 180 13.69 25.87 -22.51
C SER G 180 12.97 25.47 -21.22
N SER G 181 12.28 24.33 -21.24
CA SER G 181 11.62 23.82 -20.05
C SER G 181 12.60 23.39 -18.98
N GLY G 182 13.88 23.24 -19.31
CA GLY G 182 14.81 22.60 -18.41
C GLY G 182 14.70 21.10 -18.42
N LEU G 183 14.02 20.55 -19.41
CA LEU G 183 13.78 19.12 -19.51
C LEU G 183 14.34 18.57 -20.83
N TYR G 184 14.55 17.27 -20.87
CA TYR G 184 15.17 16.61 -22.01
C TYR G 184 14.11 15.98 -22.90
N SER G 185 14.41 15.94 -24.20
CA SER G 185 13.56 15.30 -25.18
C SER G 185 14.41 14.37 -26.04
N LEU G 186 13.83 13.22 -26.41
CA LEU G 186 14.51 12.20 -27.19
C LEU G 186 13.58 11.71 -28.30
N SER G 187 14.17 11.22 -29.37
CA SER G 187 13.42 10.62 -30.46
C SER G 187 14.18 9.42 -30.97
N SER G 188 13.52 8.26 -30.98
CA SER G 188 14.12 7.05 -31.55
C SER G 188 13.35 6.67 -32.80
N VAL G 189 14.06 6.41 -33.89
CA VAL G 189 13.43 6.17 -35.18
C VAL G 189 14.04 4.92 -35.80
N VAL G 190 13.22 4.22 -36.57
CA VAL G 190 13.63 3.00 -37.23
C VAL G 190 13.14 3.04 -38.68
N THR G 191 13.95 2.47 -39.56
CA THR G 191 13.63 2.34 -40.98
C THR G 191 13.31 0.89 -41.29
N VAL G 192 12.15 0.66 -41.89
CA VAL G 192 11.66 -0.69 -42.16
C VAL G 192 11.07 -0.72 -43.57
N PRO G 193 10.92 -1.91 -44.14
CA PRO G 193 10.28 -2.01 -45.46
C PRO G 193 8.83 -1.54 -45.41
N SER G 194 8.40 -0.91 -46.51
CA SER G 194 7.00 -0.49 -46.60
C SER G 194 6.06 -1.68 -46.71
N SER G 195 6.57 -2.85 -47.13
CA SER G 195 5.72 -4.03 -47.21
C SER G 195 5.49 -4.62 -45.84
N SER G 196 6.40 -4.35 -44.90
CA SER G 196 6.26 -4.88 -43.56
C SER G 196 5.10 -4.19 -42.86
N LEU G 197 4.96 -2.90 -43.07
CA LEU G 197 3.81 -2.16 -42.56
C LEU G 197 2.52 -2.83 -43.05
N GLY G 198 1.70 -3.23 -42.12
CA GLY G 198 0.52 -3.99 -42.50
C GLY G 198 0.50 -5.44 -42.05
N THR G 199 1.67 -5.97 -41.66
CA THR G 199 1.79 -7.33 -41.18
C THR G 199 2.62 -7.45 -39.89
N GLN G 200 3.53 -6.52 -39.68
CA GLN G 200 4.42 -6.59 -38.53
C GLN G 200 4.15 -5.45 -37.57
N THR G 201 4.10 -5.78 -36.28
CA THR G 201 3.86 -4.80 -35.22
C THR G 201 5.17 -4.23 -34.70
N TYR G 202 5.19 -2.92 -34.50
CA TYR G 202 6.39 -2.21 -34.03
C TYR G 202 6.06 -1.50 -32.73
N ILE G 203 6.79 -1.84 -31.67
CA ILE G 203 6.57 -1.28 -30.34
C ILE G 203 7.91 -0.80 -29.82
N CYS G 204 7.94 0.41 -29.32
CA CYS G 204 9.13 0.98 -28.69
C CYS G 204 8.99 0.89 -27.18
N ASN G 205 10.02 0.40 -26.52
CA ASN G 205 10.04 0.15 -25.08
C ASN G 205 10.99 1.18 -24.48
N VAL G 206 10.41 2.20 -23.83
CA VAL G 206 11.17 3.26 -23.19
C VAL G 206 11.16 3.00 -21.69
N ASN G 207 12.29 3.24 -21.04
CA ASN G 207 12.41 3.07 -19.60
C ASN G 207 13.24 4.24 -19.06
N HIS G 208 12.62 5.02 -18.17
CA HIS G 208 13.28 6.09 -17.41
C HIS G 208 13.34 5.63 -15.96
N LYS G 209 14.39 4.88 -15.64
CA LYS G 209 14.55 4.36 -14.28
C LYS G 209 14.60 5.47 -13.23
N PRO G 210 15.23 6.62 -13.48
CA PRO G 210 15.22 7.66 -12.43
C PRO G 210 13.83 8.02 -11.95
N SER G 211 12.85 8.06 -12.85
CA SER G 211 11.46 8.29 -12.49
C SER G 211 10.69 7.01 -12.21
N ASN G 212 11.34 5.85 -12.27
CA ASN G 212 10.66 4.56 -12.18
C ASN G 212 9.57 4.43 -13.25
N THR G 213 9.83 4.96 -14.43
CA THR G 213 8.86 4.98 -15.52
C THR G 213 9.24 3.91 -16.51
N LYS G 214 8.23 3.21 -17.02
CA LYS G 214 8.46 2.15 -18.00
C LYS G 214 7.24 2.11 -18.90
N VAL G 215 7.38 2.58 -20.13
CA VAL G 215 6.26 2.72 -21.05
C VAL G 215 6.64 2.04 -22.35
N ASP G 216 5.68 1.30 -22.91
CA ASP G 216 5.85 0.61 -24.18
C ASP G 216 4.72 1.06 -25.08
N LYS G 217 5.08 1.57 -26.26
CA LYS G 217 4.14 2.23 -27.14
C LYS G 217 4.14 1.56 -28.49
N LYS G 218 2.95 1.21 -28.96
CA LYS G 218 2.78 0.61 -30.28
C LYS G 218 2.58 1.73 -31.29
N VAL G 219 3.24 1.63 -32.42
CA VAL G 219 3.19 2.63 -33.48
C VAL G 219 2.35 2.08 -34.62
N GLU G 220 1.28 2.79 -34.97
CA GLU G 220 0.33 2.31 -35.96
C GLU G 220 -0.03 3.48 -36.87
N PRO G 221 -0.19 3.24 -38.18
CA PRO G 221 -0.57 4.29 -39.13
C PRO G 221 -2.03 4.69 -39.03
N SER H 1 51.47 15.88 -14.01
CA SER H 1 51.15 14.52 -13.47
C SER H 1 50.97 13.52 -14.59
N TYR H 2 51.96 12.63 -14.74
CA TYR H 2 51.89 11.47 -15.64
C TYR H 2 51.09 11.79 -16.90
N VAL H 3 51.54 12.83 -17.59
CA VAL H 3 50.82 13.27 -18.78
C VAL H 3 50.97 12.24 -19.89
N LEU H 4 49.85 11.89 -20.52
CA LEU H 4 49.81 11.05 -21.72
C LEU H 4 49.27 11.93 -22.85
N THR H 5 50.18 12.69 -23.46
CA THR H 5 49.80 13.60 -24.54
C THR H 5 49.34 12.82 -25.75
N GLN H 6 48.25 13.25 -26.37
CA GLN H 6 47.69 12.57 -27.53
C GLN H 6 47.22 13.59 -28.55
N PRO H 7 47.26 13.26 -29.84
CA PRO H 7 46.67 14.18 -30.82
C PRO H 7 45.19 14.36 -30.56
N ALA H 8 44.59 15.31 -31.28
CA ALA H 8 43.17 15.63 -31.12
C ALA H 8 42.33 15.12 -32.26
N SER H 9 42.91 15.02 -33.46
CA SER H 9 42.16 14.64 -34.64
C SER H 9 43.02 13.73 -35.49
N ALA H 10 42.36 12.92 -36.32
CA ALA H 10 43.09 11.99 -37.18
C ALA H 10 42.25 11.71 -38.43
N SER H 11 42.55 12.44 -39.50
CA SER H 11 41.91 12.19 -40.79
C SER H 11 42.76 11.15 -41.49
N VAL H 12 42.18 9.97 -41.72
CA VAL H 12 42.86 8.88 -42.41
C VAL H 12 42.45 8.88 -43.88
N SER H 13 43.28 8.23 -44.72
CA SER H 13 42.92 8.00 -46.12
C SER H 13 41.46 7.56 -46.16
N PRO H 14 40.70 7.96 -47.18
CA PRO H 14 39.24 7.78 -47.12
C PRO H 14 38.82 6.35 -46.79
N GLY H 15 39.70 5.38 -47.03
CA GLY H 15 39.34 4.00 -46.76
C GLY H 15 40.42 3.06 -46.26
N GLN H 16 41.59 3.56 -45.90
CA GLN H 16 42.68 2.63 -45.60
C GLN H 16 43.83 3.33 -44.88
N THR H 17 44.66 2.51 -44.22
CA THR H 17 45.97 2.87 -43.67
C THR H 17 45.93 4.01 -42.64
N ALA H 18 45.46 3.66 -41.45
CA ALA H 18 45.38 4.57 -40.30
C ALA H 18 46.47 4.30 -39.27
N ARG H 19 46.96 5.38 -38.64
CA ARG H 19 48.00 5.30 -37.61
C ARG H 19 47.85 6.45 -36.62
N ILE H 20 48.07 6.17 -35.33
CA ILE H 20 47.92 7.16 -34.26
C ILE H 20 49.10 7.07 -33.27
N THR H 21 49.37 8.21 -32.60
CA THR H 21 50.49 8.37 -31.68
C THR H 21 50.03 8.80 -30.29
N CYS H 22 50.88 8.51 -29.29
CA CYS H 22 50.65 8.92 -27.90
C CYS H 22 51.99 9.14 -27.21
N SER H 23 52.28 10.40 -26.82
CA SER H 23 53.55 10.84 -26.25
C SER H 23 53.41 11.21 -24.76
N GLY H 24 54.49 11.75 -24.21
CA GLY H 24 54.53 12.18 -22.82
C GLY H 24 55.94 12.03 -22.29
N ASP H 25 56.14 12.47 -21.04
CA ASP H 25 57.42 12.21 -20.40
C ASP H 25 57.71 10.72 -20.49
N ALA H 26 56.66 9.93 -20.39
CA ALA H 26 56.66 8.51 -20.68
C ALA H 26 58.01 7.81 -20.69
N LEU H 27 58.54 7.53 -21.91
CA LEU H 27 59.72 6.69 -22.08
C LEU H 27 59.49 5.55 -21.10
N PRO H 28 58.27 4.98 -21.03
CA PRO H 28 57.95 4.04 -19.95
C PRO H 28 58.12 2.58 -20.30
N LYS H 29 58.71 1.81 -19.40
CA LYS H 29 58.68 0.34 -19.50
C LYS H 29 57.48 -0.18 -18.71
N GLN H 30 56.31 0.41 -18.97
CA GLN H 30 55.10 0.14 -18.22
C GLN H 30 53.96 -0.40 -19.10
N TYR H 31 54.29 -0.97 -20.26
CA TYR H 31 53.29 -1.50 -21.18
C TYR H 31 52.25 -0.46 -21.52
N ALA H 32 51.20 -0.85 -22.24
CA ALA H 32 50.16 0.07 -22.66
C ALA H 32 48.92 -0.71 -23.07
N TYR H 33 47.78 -0.01 -23.04
CA TYR H 33 46.52 -0.61 -23.46
C TYR H 33 45.75 0.40 -24.29
N TRP H 34 45.23 -0.03 -25.43
CA TRP H 34 44.53 0.82 -26.37
C TRP H 34 43.07 0.45 -26.37
N TYR H 35 42.22 1.47 -26.36
CA TYR H 35 40.78 1.29 -26.21
C TYR H 35 40.02 2.09 -27.25
N GLN H 36 38.79 1.62 -27.52
CA GLN H 36 37.88 2.22 -28.47
C GLN H 36 36.66 2.69 -27.71
N GLN H 37 36.15 3.87 -28.07
CA GLN H 37 34.96 4.43 -27.45
C GLN H 37 33.97 4.81 -28.54
N LYS H 38 32.93 4.00 -28.70
CA LYS H 38 31.78 4.34 -29.53
C LYS H 38 30.80 5.16 -28.72
N PRO H 39 30.04 6.04 -29.38
CA PRO H 39 29.33 7.09 -28.63
C PRO H 39 28.50 6.63 -27.43
N GLY H 40 27.54 5.74 -27.65
CA GLY H 40 26.62 5.36 -26.60
C GLY H 40 26.98 4.16 -25.77
N GLN H 41 28.20 3.62 -25.90
CA GLN H 41 28.55 2.40 -25.20
C GLN H 41 29.89 2.56 -24.48
N ALA H 42 30.19 1.55 -23.65
CA ALA H 42 31.37 1.55 -22.80
C ALA H 42 32.62 1.36 -23.64
N PRO H 43 33.80 1.61 -23.09
CA PRO H 43 35.02 1.43 -23.87
C PRO H 43 35.24 -0.04 -24.25
N VAL H 44 36.15 -0.23 -25.20
CA VAL H 44 36.51 -1.56 -25.68
C VAL H 44 38.00 -1.57 -25.96
N LEU H 45 38.71 -2.55 -25.39
CA LEU H 45 40.15 -2.65 -25.58
C LEU H 45 40.46 -3.19 -26.97
N VAL H 46 41.33 -2.49 -27.69
CA VAL H 46 41.72 -2.90 -29.03
C VAL H 46 43.10 -3.51 -28.99
N ILE H 47 43.94 -3.07 -28.05
CA ILE H 47 45.29 -3.63 -27.92
C ILE H 47 45.69 -3.69 -26.45
N PHE H 48 46.52 -4.67 -26.10
CA PHE H 48 47.03 -4.83 -24.75
C PHE H 48 48.49 -5.27 -24.80
N LYS H 49 49.17 -5.14 -23.67
CA LYS H 49 50.60 -5.42 -23.54
C LYS H 49 51.42 -4.54 -24.48
N ASP H 50 50.86 -3.39 -24.85
CA ASP H 50 51.55 -2.43 -25.70
C ASP H 50 51.69 -2.90 -27.14
N SER H 51 51.48 -4.20 -27.38
CA SER H 51 51.44 -4.68 -28.75
C SER H 51 50.34 -5.68 -29.05
N GLU H 52 50.05 -6.56 -28.10
CA GLU H 52 49.25 -7.73 -28.39
C GLU H 52 47.82 -7.39 -28.83
N ARG H 53 47.40 -8.01 -29.93
CA ARG H 53 46.04 -7.91 -30.41
C ARG H 53 45.21 -8.95 -29.68
N PRO H 54 44.17 -8.58 -28.93
CA PRO H 54 43.27 -9.58 -28.36
C PRO H 54 42.42 -10.24 -29.44
N SER H 55 41.64 -11.23 -29.01
CA SER H 55 40.72 -11.89 -29.93
C SER H 55 39.49 -11.00 -30.05
N GLY H 56 38.58 -11.36 -30.95
CA GLY H 56 37.35 -10.61 -31.06
C GLY H 56 37.54 -9.36 -31.89
N VAL H 57 38.53 -8.55 -31.53
CA VAL H 57 38.83 -7.33 -32.31
C VAL H 57 39.27 -7.73 -33.72
N PRO H 58 38.65 -7.21 -34.79
CA PRO H 58 39.11 -7.53 -36.14
C PRO H 58 40.58 -7.17 -36.32
N GLU H 59 41.30 -8.03 -37.02
CA GLU H 59 42.75 -8.05 -37.07
C GLU H 59 43.38 -6.90 -37.89
N ARG H 60 42.64 -5.93 -38.42
CA ARG H 60 43.33 -4.80 -39.05
C ARG H 60 44.01 -3.89 -38.02
N PHE H 61 44.01 -4.27 -36.74
CA PHE H 61 44.61 -3.50 -35.65
C PHE H 61 45.96 -4.07 -35.23
N SER H 62 46.90 -3.19 -34.89
CA SER H 62 48.18 -3.57 -34.29
C SER H 62 48.80 -2.28 -33.73
N GLY H 63 50.07 -2.35 -33.35
CA GLY H 63 50.74 -1.16 -32.83
C GLY H 63 52.17 -1.34 -32.37
N SER H 64 52.96 -0.30 -32.59
CA SER H 64 54.36 -0.25 -32.19
C SER H 64 54.50 0.65 -30.95
N SER H 65 55.68 0.59 -30.35
CA SER H 65 55.93 1.26 -29.07
C SER H 65 56.89 2.44 -29.18
N SER H 66 58.10 2.22 -29.70
CA SER H 66 59.10 3.27 -29.88
C SER H 66 59.44 4.00 -28.58
N GLY H 67 59.14 3.40 -27.43
CA GLY H 67 59.58 3.98 -26.18
C GLY H 67 58.74 5.16 -25.72
N THR H 68 59.29 6.36 -25.88
CA THR H 68 58.67 7.57 -25.35
C THR H 68 57.38 7.93 -26.05
N THR H 69 57.04 7.28 -27.16
CA THR H 69 55.81 7.61 -27.90
C THR H 69 55.29 6.34 -28.56
N VAL H 70 54.15 5.85 -28.06
CA VAL H 70 53.55 4.61 -28.55
C VAL H 70 52.62 4.94 -29.71
N THR H 71 52.32 3.92 -30.53
CA THR H 71 51.50 4.12 -31.71
C THR H 71 50.61 2.91 -31.93
N LEU H 72 49.50 3.17 -32.62
CA LEU H 72 48.52 2.15 -32.98
C LEU H 72 48.28 2.20 -34.48
N THR H 73 48.31 1.05 -35.11
CA THR H 73 48.12 0.96 -36.56
C THR H 73 46.81 0.27 -36.89
N ILE H 74 45.92 0.95 -37.61
CA ILE H 74 44.69 0.35 -38.08
C ILE H 74 44.76 0.38 -39.59
N SER H 75 45.30 -0.67 -40.19
CA SER H 75 45.37 -0.76 -41.63
C SER H 75 44.00 -1.14 -42.17
N GLY H 76 43.90 -1.21 -43.50
CA GLY H 76 42.61 -1.48 -44.13
C GLY H 76 41.45 -0.80 -43.42
N ALA H 77 41.63 0.47 -43.10
CA ALA H 77 40.66 1.20 -42.30
C ALA H 77 39.32 1.28 -43.02
N GLN H 78 38.33 0.61 -42.46
CA GLN H 78 36.95 0.69 -42.95
C GLN H 78 36.23 1.67 -42.05
N ALA H 79 35.00 2.04 -42.43
CA ALA H 79 34.23 3.03 -41.72
C ALA H 79 33.73 2.52 -40.36
N GLU H 80 33.69 1.21 -40.15
CA GLU H 80 33.31 0.58 -38.85
C GLU H 80 34.28 1.09 -37.79
N ASP H 81 35.58 1.20 -38.11
CA ASP H 81 36.63 1.68 -37.18
C ASP H 81 36.67 3.20 -37.33
N GLU H 82 35.56 3.91 -37.20
CA GLU H 82 35.49 5.40 -37.16
C GLU H 82 35.07 5.63 -35.73
N ALA H 83 35.99 5.90 -34.81
CA ALA H 83 35.65 6.00 -33.38
C ALA H 83 36.62 6.89 -32.63
N ASP H 84 36.42 7.12 -31.34
CA ASP H 84 37.38 7.82 -30.49
C ASP H 84 38.20 6.80 -29.73
N TYR H 85 39.51 6.92 -29.82
CA TYR H 85 40.45 5.94 -29.26
C TYR H 85 41.26 6.58 -28.14
N TYR H 86 41.67 5.76 -27.18
CA TYR H 86 42.39 6.25 -26.01
C TYR H 86 43.57 5.33 -25.71
N CYS H 87 44.67 5.95 -25.28
CA CYS H 87 45.88 5.24 -24.87
C CYS H 87 45.97 5.27 -23.36
N GLN H 88 46.25 4.13 -22.74
CA GLN H 88 46.33 4.00 -21.29
C GLN H 88 47.65 3.37 -20.91
N SER H 89 48.24 3.88 -19.83
CA SER H 89 49.47 3.34 -19.28
C SER H 89 49.40 3.50 -17.77
N VAL H 90 50.54 3.30 -17.10
CA VAL H 90 50.62 3.54 -15.67
C VAL H 90 51.91 4.26 -15.36
N ASP H 91 51.94 4.93 -14.21
CA ASP H 91 53.13 5.69 -13.83
C ASP H 91 54.31 4.78 -13.52
N ASN H 92 55.51 5.35 -13.62
CA ASN H 92 56.67 4.68 -13.06
C ASN H 92 56.36 4.48 -11.59
N SER H 93 56.53 3.26 -11.11
CA SER H 93 56.08 2.79 -9.81
C SER H 93 54.64 2.29 -9.94
N GLY H 94 54.05 2.34 -11.13
CA GLY H 94 52.61 2.13 -11.28
C GLY H 94 51.84 2.83 -10.18
N PHE H 95 50.84 2.14 -9.64
CA PHE H 95 50.02 2.59 -8.50
C PHE H 95 49.10 3.76 -8.82
N TYR H 96 49.28 4.41 -9.97
CA TYR H 96 48.33 5.43 -10.44
C TYR H 96 48.33 5.39 -11.96
N GLN H 97 47.24 4.91 -12.56
CA GLN H 97 47.10 4.81 -14.00
C GLN H 97 46.34 6.02 -14.54
N VAL H 98 46.47 6.25 -15.85
CA VAL H 98 45.81 7.38 -16.51
C VAL H 98 45.52 7.02 -17.96
N PHE H 99 44.75 7.89 -18.61
CA PHE H 99 44.38 7.78 -20.02
C PHE H 99 44.87 9.01 -20.74
N GLY H 100 44.79 8.98 -22.06
CA GLY H 100 45.12 10.13 -22.87
C GLY H 100 43.90 10.96 -23.22
N GLY H 101 44.17 12.12 -23.82
CA GLY H 101 43.09 13.04 -24.15
C GLY H 101 42.06 12.43 -25.09
N GLY H 102 42.53 11.78 -26.16
CA GLY H 102 41.66 11.15 -27.12
C GLY H 102 41.89 11.61 -28.54
N THR H 103 41.46 10.79 -29.50
CA THR H 103 41.58 11.10 -30.91
C THR H 103 40.32 10.65 -31.64
N GLN H 104 39.84 11.49 -32.56
CA GLN H 104 38.68 11.15 -33.37
C GLN H 104 39.12 10.83 -34.79
N LEU H 105 39.05 9.54 -35.14
CA LEU H 105 39.27 9.15 -36.52
C LEU H 105 37.97 9.37 -37.29
N THR H 106 38.04 10.16 -38.36
CA THR H 106 36.86 10.46 -39.19
C THR H 106 37.11 9.83 -40.55
N VAL H 107 36.79 8.54 -40.67
CA VAL H 107 36.96 7.86 -41.95
C VAL H 107 36.00 8.47 -42.94
N LEU H 108 36.49 8.72 -44.15
CA LEU H 108 35.72 9.36 -45.21
C LEU H 108 34.87 8.37 -46.02
N ARG H 109 33.98 8.93 -46.84
CA ARG H 109 33.01 8.14 -47.60
C ARG H 109 32.39 9.04 -48.66
N THR H 110 31.97 8.41 -49.76
CA THR H 110 31.29 9.14 -50.82
C THR H 110 30.10 9.86 -50.23
N VAL H 111 29.86 11.09 -50.69
CA VAL H 111 28.71 11.86 -50.22
C VAL H 111 27.42 11.07 -50.43
N ALA H 112 26.67 10.89 -49.36
CA ALA H 112 25.38 10.21 -49.39
C ALA H 112 24.28 11.23 -49.14
N ALA H 113 23.14 11.04 -49.80
CA ALA H 113 22.08 12.02 -49.66
C ALA H 113 21.11 11.55 -48.58
N PRO H 114 20.51 12.47 -47.83
CA PRO H 114 19.58 12.06 -46.78
C PRO H 114 18.24 11.61 -47.34
N SER H 115 17.57 10.77 -46.57
CA SER H 115 16.21 10.34 -46.84
C SER H 115 15.29 11.05 -45.86
N VAL H 116 14.45 11.93 -46.37
CA VAL H 116 13.70 12.87 -45.53
C VAL H 116 12.35 12.29 -45.20
N PHE H 117 11.93 12.45 -43.95
CA PHE H 117 10.63 12.02 -43.48
C PHE H 117 10.03 13.13 -42.63
N ILE H 118 8.71 13.25 -42.70
CA ILE H 118 7.97 14.24 -41.93
C ILE H 118 6.96 13.51 -41.08
N PHE H 119 6.91 13.86 -39.79
CA PHE H 119 6.03 13.22 -38.82
C PHE H 119 5.15 14.28 -38.18
N PRO H 120 3.82 14.16 -38.28
CA PRO H 120 2.94 15.14 -37.66
C PRO H 120 2.82 14.89 -36.16
N PRO H 121 2.30 15.85 -35.41
CA PRO H 121 2.06 15.61 -33.98
C PRO H 121 1.01 14.52 -33.81
N SER H 122 1.18 13.73 -32.75
CA SER H 122 0.20 12.71 -32.43
C SER H 122 -1.04 13.32 -31.80
N ASP H 123 -2.22 12.83 -32.22
CA ASP H 123 -3.45 13.27 -31.57
C ASP H 123 -3.41 12.96 -30.09
N SER H 124 -2.64 11.94 -29.72
CA SER H 124 -2.36 11.71 -28.32
C SER H 124 -1.70 12.92 -27.68
N GLN H 125 -0.72 13.51 -28.36
CA GLN H 125 -0.07 14.69 -27.83
C GLN H 125 -0.98 15.92 -27.87
N LEU H 126 -1.81 16.04 -28.91
CA LEU H 126 -2.59 17.26 -29.05
C LEU H 126 -3.46 17.49 -27.83
N LYS H 127 -4.02 16.41 -27.27
CA LYS H 127 -4.82 16.55 -26.07
C LYS H 127 -4.01 17.19 -24.95
N SER H 128 -2.69 16.98 -24.95
CA SER H 128 -1.86 17.50 -23.87
C SER H 128 -1.85 19.02 -23.86
N GLY H 129 -2.00 19.63 -25.02
CA GLY H 129 -1.91 21.06 -25.16
C GLY H 129 -0.63 21.53 -25.80
N THR H 130 0.15 20.62 -26.40
CA THR H 130 1.40 20.95 -27.06
C THR H 130 1.46 20.11 -28.32
N ALA H 131 2.39 20.46 -29.21
CA ALA H 131 2.55 19.78 -30.48
C ALA H 131 4.02 19.71 -30.83
N SER H 132 4.41 18.62 -31.48
CA SER H 132 5.78 18.44 -31.93
C SER H 132 5.77 17.87 -33.34
N VAL H 133 6.32 18.62 -34.28
CA VAL H 133 6.41 18.20 -35.68
C VAL H 133 7.86 17.84 -35.96
N VAL H 134 8.10 16.65 -36.51
CA VAL H 134 9.46 16.12 -36.60
C VAL H 134 9.85 15.95 -38.07
N CYS H 135 11.02 16.46 -38.42
CA CYS H 135 11.61 16.22 -39.74
C CYS H 135 12.88 15.41 -39.53
N LEU H 136 12.97 14.26 -40.21
CA LEU H 136 14.08 13.34 -40.02
C LEU H 136 14.90 13.24 -41.29
N LEU H 137 16.22 13.39 -41.13
CA LEU H 137 17.20 13.11 -42.16
C LEU H 137 17.92 11.85 -41.75
N ASN H 138 18.10 10.92 -42.68
CA ASN H 138 18.53 9.57 -42.34
C ASN H 138 19.68 9.13 -43.22
N ASN H 139 20.78 8.72 -42.58
CA ASN H 139 21.87 8.01 -43.24
C ASN H 139 22.42 8.82 -44.40
N PHE H 140 22.98 9.97 -44.05
CA PHE H 140 23.69 10.85 -44.98
C PHE H 140 25.09 11.08 -44.43
N TYR H 141 26.09 11.10 -45.32
CA TYR H 141 27.43 11.18 -44.78
C TYR H 141 27.85 12.58 -44.33
N PRO H 142 27.88 13.60 -45.20
CA PRO H 142 28.30 14.93 -44.74
C PRO H 142 27.41 15.40 -43.59
N ARG H 143 28.05 15.66 -42.44
CA ARG H 143 27.28 16.03 -41.25
C ARG H 143 26.55 17.36 -41.43
N GLU H 144 27.17 18.31 -42.13
CA GLU H 144 26.56 19.64 -42.28
C GLU H 144 25.27 19.58 -43.07
N ALA H 145 24.22 20.19 -42.51
CA ALA H 145 22.89 20.23 -43.13
C ALA H 145 22.21 21.50 -42.65
N LYS H 146 21.30 22.03 -43.48
CA LYS H 146 20.65 23.29 -43.18
C LYS H 146 19.27 23.11 -42.56
N VAL H 147 18.34 22.43 -43.25
CA VAL H 147 16.96 22.21 -42.83
C VAL H 147 16.30 23.50 -42.35
N GLN H 148 15.07 23.74 -42.79
CA GLN H 148 14.34 24.95 -42.43
C GLN H 148 12.84 24.65 -42.40
N TRP H 149 12.20 24.98 -41.29
CA TRP H 149 10.76 24.75 -41.11
C TRP H 149 9.97 25.95 -41.62
N LYS H 150 8.87 25.67 -42.32
CA LYS H 150 7.96 26.71 -42.79
C LYS H 150 6.51 26.33 -42.55
N VAL H 151 5.72 27.27 -42.01
CA VAL H 151 4.27 27.12 -41.88
C VAL H 151 3.66 27.89 -43.03
N ASP H 152 2.80 27.25 -43.81
CA ASP H 152 2.08 27.90 -44.90
C ASP H 152 2.98 28.92 -45.61
N ASN H 153 4.13 28.43 -46.04
CA ASN H 153 5.20 29.28 -46.57
C ASN H 153 5.56 30.46 -45.65
N ALA H 154 5.81 30.17 -44.37
CA ALA H 154 6.24 31.19 -43.41
C ALA H 154 7.40 30.56 -42.64
N LEU H 155 8.63 30.92 -43.02
CA LEU H 155 9.81 30.41 -42.36
C LEU H 155 9.77 30.79 -40.88
N GLN H 156 10.48 30.03 -40.06
CA GLN H 156 10.47 30.24 -38.62
C GLN H 156 11.88 30.19 -38.05
N SER H 157 12.04 30.80 -36.88
CA SER H 157 13.31 30.91 -36.18
C SER H 157 13.04 30.79 -34.69
N GLY H 158 13.88 30.03 -34.02
CA GLY H 158 13.76 29.84 -32.58
C GLY H 158 12.65 28.91 -32.16
N ASN H 159 12.02 28.21 -33.10
CA ASN H 159 10.96 27.26 -32.79
C ASN H 159 11.42 25.82 -32.92
N SER H 160 12.69 25.59 -33.22
CA SER H 160 13.15 24.27 -33.58
C SER H 160 14.39 23.88 -32.79
N GLN H 161 14.65 22.57 -32.75
CA GLN H 161 15.81 22.01 -32.10
C GLN H 161 16.29 20.86 -32.97
N GLU H 162 17.57 20.50 -32.81
CA GLU H 162 18.14 19.46 -33.65
C GLU H 162 19.02 18.54 -32.83
N SER H 163 19.09 17.28 -33.26
CA SER H 163 19.97 16.30 -32.64
C SER H 163 20.41 15.30 -33.70
N VAL H 164 21.69 14.98 -33.70
CA VAL H 164 22.30 14.15 -34.72
C VAL H 164 22.83 12.86 -34.11
N THR H 165 22.62 11.76 -34.84
CA THR H 165 23.23 10.49 -34.47
C THR H 165 24.54 10.36 -35.25
N GLU H 166 25.37 9.42 -34.81
CA GLU H 166 26.70 9.25 -35.39
C GLU H 166 27.28 7.96 -34.87
N GLN H 167 27.97 7.24 -35.74
CA GLN H 167 28.52 5.94 -35.38
C GLN H 167 27.44 5.05 -34.80
N ASP H 168 26.22 5.14 -35.37
CA ASP H 168 25.14 4.30 -34.90
C ASP H 168 25.44 2.84 -35.18
N SER H 169 25.79 2.52 -36.43
CA SER H 169 26.28 1.19 -36.73
C SER H 169 26.63 0.98 -38.20
N LYS H 170 27.69 0.23 -38.42
CA LYS H 170 28.07 -0.34 -39.71
C LYS H 170 28.41 0.66 -40.81
N ASP H 171 27.40 1.14 -41.55
CA ASP H 171 27.72 1.97 -42.71
C ASP H 171 28.31 3.31 -42.32
N SER H 172 28.21 3.69 -41.04
CA SER H 172 28.83 4.90 -40.53
C SER H 172 28.21 6.17 -41.08
N THR H 173 26.91 6.15 -41.37
CA THR H 173 26.23 7.34 -41.84
C THR H 173 25.58 8.07 -40.67
N TYR H 174 25.38 9.37 -40.85
CA TYR H 174 24.74 10.21 -39.85
C TYR H 174 23.23 10.16 -40.01
N SER H 175 22.54 10.54 -38.94
CA SER H 175 21.10 10.78 -38.99
C SER H 175 20.79 11.98 -38.12
N LEU H 176 19.76 12.73 -38.50
CA LEU H 176 19.40 13.96 -37.81
C LEU H 176 17.90 14.03 -37.61
N SER H 177 17.50 14.62 -36.49
CA SER H 177 16.10 14.90 -36.20
C SER H 177 15.99 16.37 -35.82
N SER H 178 15.17 17.10 -36.58
CA SER H 178 14.83 18.48 -36.24
C SER H 178 13.38 18.48 -35.79
N THR H 179 13.13 19.02 -34.60
CA THR H 179 11.81 19.01 -34.00
C THR H 179 11.34 20.44 -33.81
N LEU H 180 10.17 20.74 -34.37
CA LEU H 180 9.49 22.00 -34.17
C LEU H 180 8.49 21.83 -33.05
N THR H 181 8.72 22.54 -31.94
CA THR H 181 7.83 22.50 -30.80
C THR H 181 6.86 23.68 -30.87
N LEU H 182 5.58 23.41 -30.60
CA LEU H 182 4.52 24.36 -30.84
C LEU H 182 3.41 24.11 -29.83
N SER H 183 2.50 25.06 -29.72
CA SER H 183 1.29 24.86 -28.94
C SER H 183 0.21 24.23 -29.80
N LYS H 184 -0.69 23.49 -29.15
CA LYS H 184 -1.80 22.89 -29.89
C LYS H 184 -2.68 23.96 -30.53
N ALA H 185 -2.87 25.10 -29.86
CA ALA H 185 -3.68 26.17 -30.43
C ALA H 185 -3.06 26.71 -31.71
N ASP H 186 -1.81 27.19 -31.62
CA ASP H 186 -1.11 27.68 -32.79
C ASP H 186 -1.00 26.58 -33.84
N TYR H 187 -1.02 25.32 -33.41
CA TYR H 187 -0.99 24.21 -34.36
C TYR H 187 -2.32 24.11 -35.11
N GLU H 188 -3.45 24.31 -34.47
CA GLU H 188 -4.70 24.49 -35.24
C GLU H 188 -4.48 25.85 -35.89
N LYS H 189 -5.23 26.21 -36.93
CA LYS H 189 -5.08 27.51 -37.70
C LYS H 189 -4.18 27.18 -38.92
N HIS H 190 -2.85 27.17 -38.78
CA HIS H 190 -1.93 26.98 -39.93
C HIS H 190 -2.20 25.58 -40.47
N LYS H 191 -2.52 25.37 -41.76
CA LYS H 191 -2.82 23.99 -42.20
C LYS H 191 -1.62 23.27 -42.81
N VAL H 192 -0.99 23.86 -43.80
CA VAL H 192 0.18 23.25 -44.44
C VAL H 192 1.39 23.40 -43.53
N TYR H 193 2.11 22.30 -43.32
CA TYR H 193 3.35 22.28 -42.56
C TYR H 193 4.41 21.59 -43.38
N ALA H 194 5.60 22.18 -43.45
CA ALA H 194 6.63 21.61 -44.31
C ALA H 194 8.02 21.84 -43.73
N CYS H 195 8.97 20.99 -44.15
CA CYS H 195 10.37 21.19 -43.86
C CYS H 195 11.17 21.08 -45.16
N GLU H 196 12.08 22.04 -45.36
CA GLU H 196 12.99 22.07 -46.51
C GLU H 196 14.40 21.78 -46.03
N VAL H 197 15.12 20.93 -46.76
CA VAL H 197 16.43 20.46 -46.35
C VAL H 197 17.42 20.70 -47.48
N THR H 198 18.64 21.11 -47.12
CA THR H 198 19.71 21.33 -48.09
C THR H 198 20.93 20.54 -47.65
N HIS H 199 21.56 19.84 -48.59
CA HIS H 199 22.69 18.97 -48.32
C HIS H 199 23.50 18.83 -49.59
N GLN H 200 24.80 18.55 -49.44
CA GLN H 200 25.65 18.39 -50.61
C GLN H 200 25.14 17.29 -51.51
N GLY H 201 24.57 16.24 -50.94
CA GLY H 201 24.10 15.11 -51.73
C GLY H 201 22.83 15.34 -52.50
N LEU H 202 22.24 16.52 -52.39
CA LEU H 202 20.99 16.85 -53.06
C LEU H 202 21.23 17.81 -54.22
N SER H 203 20.61 17.51 -55.37
CA SER H 203 20.68 18.43 -56.49
C SER H 203 20.02 19.75 -56.15
N SER H 204 18.84 19.70 -55.56
CA SER H 204 18.10 20.86 -55.07
C SER H 204 17.52 20.52 -53.71
N PRO H 205 17.18 21.51 -52.90
CA PRO H 205 16.56 21.22 -51.60
C PRO H 205 15.31 20.37 -51.76
N VAL H 206 15.23 19.29 -51.00
CA VAL H 206 14.05 18.46 -50.95
C VAL H 206 13.13 19.03 -49.88
N THR H 207 11.84 19.07 -50.17
CA THR H 207 10.85 19.61 -49.25
C THR H 207 9.79 18.56 -49.02
N LYS H 208 9.47 18.32 -47.75
CA LYS H 208 8.43 17.36 -47.38
C LYS H 208 7.39 18.07 -46.55
N SER H 209 6.12 17.82 -46.85
CA SER H 209 5.02 18.57 -46.26
C SER H 209 3.92 17.61 -45.86
N PHE H 210 3.06 18.10 -44.96
CA PHE H 210 1.86 17.42 -44.54
C PHE H 210 0.80 18.46 -44.22
N ASN H 211 -0.44 18.12 -44.51
CA ASN H 211 -1.57 18.99 -44.25
C ASN H 211 -2.38 18.45 -43.08
N ARG H 212 -2.59 19.28 -42.07
CA ARG H 212 -3.43 18.90 -40.94
C ARG H 212 -4.81 18.59 -41.51
N GLY H 213 -5.22 17.33 -41.43
CA GLY H 213 -6.49 16.89 -41.98
C GLY H 213 -6.41 15.88 -43.12
N GLU H 214 -5.45 16.01 -44.04
CA GLU H 214 -5.34 15.04 -45.14
C GLU H 214 -4.90 13.69 -44.61
N GLN I 1 -6.06 36.88 4.86
CA GLN I 1 -6.87 37.11 3.68
C GLN I 1 -8.00 38.06 4.01
N VAL I 2 -8.61 37.85 5.18
CA VAL I 2 -9.80 38.59 5.57
C VAL I 2 -9.97 38.46 7.08
N GLN I 3 -10.76 39.35 7.66
CA GLN I 3 -11.29 39.13 8.99
C GLN I 3 -12.65 38.48 8.74
N LEU I 4 -12.86 37.30 9.31
CA LEU I 4 -14.08 36.55 9.05
C LEU I 4 -14.91 36.55 10.31
N GLN I 5 -16.16 36.98 10.17
CA GLN I 5 -17.08 37.04 11.29
C GLN I 5 -18.29 36.22 10.90
N GLN I 6 -18.60 35.20 11.70
CA GLN I 6 -19.73 34.34 11.42
C GLN I 6 -20.94 34.84 12.20
N SER I 7 -22.10 34.26 11.86
CA SER I 7 -23.33 34.62 12.55
C SER I 7 -23.30 34.06 13.97
N GLY I 8 -24.37 34.30 14.70
CA GLY I 8 -24.42 33.85 16.07
C GLY I 8 -24.82 32.40 16.16
N PRO I 9 -24.82 31.88 17.40
CA PRO I 9 -25.22 30.48 17.60
C PRO I 9 -26.67 30.26 17.19
N VAL I 10 -26.97 29.03 16.75
CA VAL I 10 -28.26 28.73 16.16
C VAL I 10 -28.91 27.57 16.91
N LEU I 11 -30.22 27.69 17.15
CA LEU I 11 -31.06 26.62 17.64
C LEU I 11 -32.13 26.34 16.60
N VAL I 12 -32.02 25.21 15.90
CA VAL I 12 -32.93 24.87 14.82
C VAL I 12 -33.78 23.67 15.22
N LYS I 13 -35.08 23.74 14.95
CA LYS I 13 -35.99 22.64 15.23
C LYS I 13 -35.76 21.50 14.25
N PRO I 14 -36.10 20.27 14.65
CA PRO I 14 -35.58 19.09 13.93
C PRO I 14 -35.99 18.98 12.47
N SER I 15 -37.02 19.68 12.01
CA SER I 15 -37.42 19.59 10.60
C SER I 15 -37.21 20.86 9.80
N GLN I 16 -36.66 21.90 10.38
CA GLN I 16 -36.61 23.22 9.77
C GLN I 16 -35.26 23.46 9.11
N THR I 17 -35.05 24.68 8.63
CA THR I 17 -33.87 25.02 7.84
C THR I 17 -32.84 25.74 8.69
N LEU I 18 -31.57 25.46 8.41
CA LEU I 18 -30.46 26.12 9.07
C LEU I 18 -29.95 27.20 8.14
N SER I 19 -29.77 28.41 8.67
CA SER I 19 -29.32 29.56 7.89
C SER I 19 -28.12 30.18 8.58
N LEU I 20 -27.00 30.27 7.85
CA LEU I 20 -25.73 30.76 8.37
C LEU I 20 -25.11 31.75 7.40
N THR I 21 -24.37 32.72 7.94
CA THR I 21 -23.67 33.69 7.12
C THR I 21 -22.22 33.82 7.57
N CYS I 22 -21.30 33.93 6.61
CA CYS I 22 -19.90 34.21 6.87
C CYS I 22 -19.54 35.52 6.20
N ALA I 23 -19.17 36.52 6.99
CA ALA I 23 -18.78 37.80 6.44
C ALA I 23 -17.27 37.82 6.30
N ILE I 24 -16.81 38.07 5.08
CA ILE I 24 -15.38 38.15 4.77
C ILE I 24 -15.15 39.64 4.66
N SER I 25 -14.37 40.18 5.59
CA SER I 25 -14.17 41.62 5.68
C SER I 25 -13.20 41.96 6.80
N ASP I 27 -10.87 41.66 2.38
CA ASP I 27 -12.10 41.79 1.60
C ASP I 27 -11.85 41.36 0.18
N SER I 28 -10.83 40.51 -0.02
CA SER I 28 -10.38 40.13 -1.34
C SER I 28 -11.51 39.86 -2.34
N ILE I 29 -12.37 38.88 -2.04
CA ILE I 29 -13.50 38.52 -2.91
C ILE I 29 -12.97 38.50 -4.34
N SER I 30 -11.78 37.94 -4.51
CA SER I 30 -11.06 37.96 -5.77
C SER I 30 -11.50 36.88 -6.76
N SER I 31 -10.72 36.75 -7.83
CA SER I 31 -11.05 35.86 -8.95
C SER I 31 -10.33 34.52 -8.86
N ASP I 32 -10.97 33.50 -8.25
CA ASP I 32 -10.61 32.05 -8.37
C ASP I 32 -9.46 31.55 -7.51
N THR I 33 -8.21 31.96 -7.78
CA THR I 33 -7.03 31.43 -7.03
C THR I 33 -7.42 31.61 -5.56
N THR I 34 -8.20 32.65 -5.16
CA THR I 34 -8.69 32.90 -3.75
C THR I 34 -9.85 31.96 -3.28
N ALA I 35 -11.12 32.06 -3.72
CA ALA I 35 -12.24 31.08 -3.40
C ALA I 35 -12.69 30.93 -1.91
N TRP I 36 -13.63 29.99 -1.54
CA TRP I 36 -14.30 29.84 -0.19
C TRP I 36 -14.61 28.37 0.21
N SER I 37 -15.49 28.08 1.23
CA SER I 37 -16.11 26.75 1.63
C SER I 37 -16.71 26.72 3.05
N TRP I 38 -17.57 25.75 3.46
CA TRP I 38 -18.05 25.58 4.82
C TRP I 38 -17.68 24.18 5.28
N ILE I 39 -17.53 24.02 6.59
CA ILE I 39 -17.21 22.72 7.18
C ILE I 39 -17.96 22.60 8.50
N ARG I 40 -18.03 21.37 9.02
CA ARG I 40 -18.70 21.12 10.29
C ARG I 40 -17.90 20.15 11.14
N ARG I 41 -17.99 20.35 12.46
CA ARG I 41 -17.34 19.55 13.48
C ARG I 41 -18.43 18.84 14.28
N SER I 42 -18.41 17.51 14.23
CA SER I 42 -19.34 16.61 14.88
C SER I 42 -18.65 15.65 15.84
N PRO I 43 -19.40 15.06 16.77
CA PRO I 43 -18.82 14.06 17.68
C PRO I 43 -18.30 12.85 16.92
N SER I 44 -17.39 12.11 17.57
CA SER I 44 -16.77 10.93 16.96
C SER I 44 -16.21 11.35 15.61
N ARG I 45 -16.87 10.94 14.52
CA ARG I 45 -16.46 11.37 13.20
C ARG I 45 -16.73 12.86 13.06
N GLY I 46 -15.69 13.64 12.76
CA GLY I 46 -15.88 15.06 12.60
C GLY I 46 -15.08 15.64 11.46
N LEU I 47 -15.08 16.97 11.39
CA LEU I 47 -14.42 17.74 10.35
C LEU I 47 -14.69 17.14 8.96
N GLU I 48 -15.93 17.29 8.51
CA GLU I 48 -16.44 16.73 7.27
C GLU I 48 -16.75 17.86 6.30
N TRP I 49 -16.53 17.59 5.02
CA TRP I 49 -16.74 18.62 4.01
C TRP I 49 -18.22 18.85 3.75
N LEU I 50 -18.55 20.10 3.41
CA LEU I 50 -19.92 20.48 3.11
C LEU I 50 -20.09 20.94 1.66
N GLY I 51 -19.33 21.94 1.22
CA GLY I 51 -19.59 22.53 -0.08
C GLY I 51 -18.47 23.44 -0.54
N TRP I 52 -18.63 23.94 -1.77
CA TRP I 52 -17.60 24.75 -2.44
C TRP I 52 -18.27 25.84 -3.25
N THR I 53 -17.53 26.93 -3.47
CA THR I 53 -17.98 28.01 -4.35
C THR I 53 -16.80 28.74 -4.96
N TYR I 54 -16.99 29.26 -6.18
CA TYR I 54 -15.93 29.91 -6.94
C TYR I 54 -16.33 31.32 -7.36
N TYR I 55 -15.57 31.92 -8.28
CA TYR I 55 -15.61 33.36 -8.55
C TYR I 55 -16.57 33.77 -9.66
N ARG I 56 -16.44 35.03 -10.09
CA ARG I 56 -17.43 35.69 -10.95
C ARG I 56 -17.71 34.94 -12.24
N SER I 57 -16.67 34.49 -12.94
CA SER I 57 -16.84 33.96 -14.29
C SER I 57 -18.10 33.11 -14.46
N LYS I 58 -18.35 32.18 -13.54
CA LYS I 58 -19.58 31.40 -13.54
C LYS I 58 -20.13 31.21 -12.14
N TRP I 59 -19.53 31.81 -11.12
CA TRP I 59 -19.92 31.59 -9.75
C TRP I 59 -20.23 30.12 -9.53
N PHE I 60 -19.17 29.31 -9.64
CA PHE I 60 -19.31 27.87 -9.51
C PHE I 60 -19.67 27.51 -8.08
N ASN I 61 -20.47 26.45 -7.94
CA ASN I 61 -20.74 25.86 -6.64
C ASN I 61 -20.81 24.35 -6.80
N TYR I 62 -20.01 23.63 -6.03
CA TYR I 62 -19.95 22.17 -6.08
C TYR I 62 -20.21 21.66 -4.67
N TYR I 63 -21.10 20.68 -4.55
CA TYR I 63 -21.53 20.22 -3.24
C TYR I 63 -21.11 18.78 -3.02
N ALA I 64 -21.17 18.37 -1.75
CA ALA I 64 -20.75 17.04 -1.31
C ALA I 64 -21.86 16.01 -1.53
N VAL I 65 -21.48 14.74 -1.46
CA VAL I 65 -22.43 13.66 -1.70
C VAL I 65 -23.31 13.44 -0.47
N SER I 66 -22.71 13.38 0.72
CA SER I 66 -23.47 13.02 1.91
C SER I 66 -24.64 13.97 2.14
N VAL I 67 -24.47 15.25 1.82
CA VAL I 67 -25.50 16.25 2.00
C VAL I 67 -26.00 16.82 0.67
N LYS I 68 -25.59 16.19 -0.45
CA LYS I 68 -25.84 16.72 -1.79
C LYS I 68 -27.17 17.48 -1.92
N GLY I 69 -28.30 16.79 -1.76
CA GLY I 69 -29.56 17.43 -2.09
C GLY I 69 -30.14 18.38 -1.09
N ARG I 70 -29.40 18.73 -0.03
CA ARG I 70 -29.90 19.64 0.98
C ARG I 70 -29.16 20.97 1.08
N VAL I 71 -27.92 21.07 0.62
CA VAL I 71 -27.13 22.27 0.83
C VAL I 71 -27.35 23.26 -0.30
N THR I 72 -27.04 24.53 -0.02
CA THR I 72 -27.06 25.58 -1.02
C THR I 72 -26.27 26.75 -0.47
N ILE I 73 -25.24 27.19 -1.19
CA ILE I 73 -24.44 28.34 -0.81
C ILE I 73 -24.90 29.53 -1.63
N ASN I 74 -25.10 30.66 -0.97
CA ASN I 74 -25.54 31.89 -1.62
C ASN I 74 -24.40 32.90 -1.52
N PRO I 75 -23.66 33.13 -2.60
CA PRO I 75 -22.70 34.25 -2.58
C PRO I 75 -23.47 35.55 -2.48
N ASP I 76 -22.90 36.52 -1.76
CA ASP I 76 -23.46 37.86 -1.69
C ASP I 76 -22.32 38.86 -1.84
N THR I 77 -22.12 39.33 -3.09
CA THR I 77 -21.17 40.38 -3.44
C THR I 77 -21.74 41.79 -3.24
N SER I 78 -23.08 41.94 -3.22
CA SER I 78 -23.69 43.23 -2.88
C SER I 78 -23.29 43.63 -1.48
N LYS I 79 -23.60 42.77 -0.52
CA LYS I 79 -22.91 42.75 0.76
C LYS I 79 -21.69 41.88 0.46
N ASN I 80 -20.92 41.50 1.47
CA ASN I 80 -19.68 40.77 1.21
C ASN I 80 -19.62 39.54 2.08
N GLN I 81 -20.67 38.73 2.00
CA GLN I 81 -20.77 37.53 2.81
C GLN I 81 -21.24 36.38 1.93
N PHE I 82 -21.05 35.17 2.42
CA PHE I 82 -21.63 34.00 1.76
C PHE I 82 -22.45 33.21 2.77
N SER I 83 -23.61 32.75 2.32
CA SER I 83 -24.61 32.15 3.19
C SER I 83 -24.72 30.66 2.94
N LEU I 84 -25.08 29.94 3.98
CA LEU I 84 -25.30 28.50 3.95
C LEU I 84 -26.72 28.20 4.36
N GLN I 85 -27.39 27.34 3.60
CA GLN I 85 -28.78 26.96 3.86
C GLN I 85 -28.91 25.43 3.83
N LEU I 86 -29.37 24.87 4.94
CA LEU I 86 -29.54 23.42 5.11
C LEU I 86 -31.02 23.12 5.28
N SER I 87 -31.51 22.13 4.54
CA SER I 87 -32.92 21.78 4.55
C SER I 87 -33.21 20.50 5.32
N SER I 88 -34.45 20.39 5.80
CA SER I 88 -34.94 19.20 6.50
C SER I 88 -33.87 18.69 7.48
N VAL I 89 -33.54 19.55 8.44
CA VAL I 89 -32.43 19.27 9.35
C VAL I 89 -32.66 17.98 10.13
N THR I 90 -31.59 17.47 10.72
CA THR I 90 -31.57 16.21 11.44
C THR I 90 -30.89 16.39 12.79
N PRO I 91 -31.29 15.62 13.81
CA PRO I 91 -30.55 15.65 15.07
C PRO I 91 -29.09 15.25 14.92
N GLU I 92 -28.76 14.56 13.83
CA GLU I 92 -27.37 14.22 13.55
C GLU I 92 -26.55 15.39 13.02
N ASP I 93 -27.20 16.50 12.71
CA ASP I 93 -26.51 17.70 12.23
C ASP I 93 -26.16 18.70 13.32
N THR I 94 -26.51 18.44 14.58
CA THR I 94 -26.05 19.29 15.67
C THR I 94 -24.52 19.27 15.71
N ALA I 95 -23.90 20.43 15.52
CA ALA I 95 -22.46 20.46 15.35
C ALA I 95 -21.96 21.91 15.44
N VAL I 96 -20.70 22.13 15.09
CA VAL I 96 -20.13 23.47 15.00
C VAL I 96 -19.68 23.71 13.56
N TYR I 97 -20.17 24.78 12.96
CA TYR I 97 -19.93 25.06 11.55
C TYR I 97 -18.95 26.21 11.39
N TYR I 98 -17.91 25.97 10.57
CA TYR I 98 -16.85 26.93 10.32
C TYR I 98 -16.81 27.25 8.82
N CYS I 99 -16.15 28.34 8.45
CA CYS I 99 -16.00 28.73 7.03
C CYS I 99 -14.58 29.25 6.81
N ALA I 100 -14.05 29.26 5.57
CA ALA I 100 -12.65 29.67 5.29
C ALA I 100 -12.47 30.07 3.82
N ARG I 101 -11.23 30.31 3.36
CA ARG I 101 -10.92 30.59 1.92
C ARG I 101 -11.17 29.31 1.11
N ASP I 109 -4.84 28.66 5.33
CA ASP I 109 -6.09 29.42 5.06
C ASP I 109 -6.41 30.31 6.26
N VAL I 110 -7.25 31.35 6.12
CA VAL I 110 -7.73 32.21 7.25
C VAL I 110 -9.15 31.73 7.55
N TRP I 111 -9.49 31.49 8.81
CA TRP I 111 -10.77 30.86 9.26
C TRP I 111 -11.67 31.85 9.95
N GLY I 112 -12.89 31.44 10.32
CA GLY I 112 -13.82 32.26 11.14
C GLY I 112 -14.00 31.58 12.49
N GLN I 113 -14.67 32.21 13.43
CA GLN I 113 -14.77 31.73 14.82
C GLN I 113 -15.49 30.39 14.93
N GLY I 114 -16.47 30.13 14.07
CA GLY I 114 -17.32 28.97 14.22
C GLY I 114 -18.66 29.36 14.80
N THR I 115 -19.69 28.57 14.47
CA THR I 115 -21.04 28.80 14.95
C THR I 115 -21.61 27.47 15.41
N THR I 116 -22.06 27.41 16.65
CA THR I 116 -22.61 26.17 17.19
C THR I 116 -24.08 26.11 16.84
N VAL I 117 -24.48 25.07 16.12
CA VAL I 117 -25.87 24.83 15.78
C VAL I 117 -26.34 23.62 16.58
N THR I 118 -27.42 23.82 17.31
CA THR I 118 -28.05 22.77 18.12
C THR I 118 -29.40 22.48 17.50
N VAL I 119 -29.59 21.24 17.08
CA VAL I 119 -30.83 20.82 16.43
C VAL I 119 -31.72 20.23 17.52
N SER I 120 -32.63 21.07 18.04
CA SER I 120 -33.53 20.64 19.10
C SER I 120 -34.81 21.44 19.02
N SER I 121 -35.88 20.87 19.59
CA SER I 121 -37.18 21.52 19.64
C SER I 121 -37.39 22.29 20.94
N ALA I 122 -36.44 22.27 21.85
CA ALA I 122 -36.61 22.88 23.16
C ALA I 122 -36.45 24.39 23.09
N SER I 123 -37.15 25.08 23.99
CA SER I 123 -37.07 26.53 24.08
C SER I 123 -35.80 26.98 24.78
N THR I 124 -35.34 28.18 24.42
CA THR I 124 -34.12 28.73 24.99
C THR I 124 -34.31 29.05 26.47
N LYS I 125 -33.26 28.81 27.25
CA LYS I 125 -33.23 29.20 28.66
C LYS I 125 -31.99 30.03 28.94
N GLY I 126 -32.12 30.98 29.86
CA GLY I 126 -31.01 31.81 30.25
C GLY I 126 -30.27 31.23 31.44
N PRO I 127 -28.98 31.53 31.55
CA PRO I 127 -28.17 30.91 32.60
C PRO I 127 -28.32 31.63 33.93
N SER I 128 -27.87 30.96 34.98
CA SER I 128 -27.69 31.58 36.30
C SER I 128 -26.23 31.46 36.66
N VAL I 129 -25.58 32.59 36.92
CA VAL I 129 -24.16 32.63 37.25
C VAL I 129 -24.03 32.81 38.76
N PHE I 130 -23.21 31.98 39.38
CA PHE I 130 -22.96 32.03 40.81
C PHE I 130 -21.47 32.05 41.08
N PRO I 131 -21.05 32.70 42.17
CA PRO I 131 -19.62 32.76 42.49
C PRO I 131 -19.09 31.42 42.96
N LEU I 132 -17.79 31.22 42.76
CA LEU I 132 -17.00 30.18 43.39
C LEU I 132 -15.92 30.93 44.17
N ALA I 133 -16.22 31.28 45.43
CA ALA I 133 -15.42 32.26 46.14
C ALA I 133 -14.03 31.70 46.47
N PRO I 134 -13.02 32.57 46.56
CA PRO I 134 -11.64 32.09 46.76
C PRO I 134 -11.26 31.89 48.21
N SER I 135 -12.23 31.86 49.11
CA SER I 135 -11.88 31.82 50.54
C SER I 135 -11.28 30.50 50.97
N SER I 136 -10.08 30.19 50.45
CA SER I 136 -9.30 29.02 50.86
C SER I 136 -8.47 29.51 52.04
N LYS I 137 -9.13 29.64 53.19
CA LYS I 137 -8.51 30.16 54.41
C LYS I 137 -7.07 29.70 54.60
N SER I 138 -6.77 28.46 54.21
CA SER I 138 -5.41 27.93 54.31
C SER I 138 -4.67 28.29 53.02
N THR I 139 -4.16 29.51 52.97
CA THR I 139 -3.44 30.00 51.81
C THR I 139 -2.02 29.44 51.84
N SER I 140 -1.77 28.39 51.06
CA SER I 140 -0.46 27.75 51.05
C SER I 140 0.61 28.61 50.39
N GLY I 141 0.24 29.71 49.75
CA GLY I 141 1.21 30.59 49.13
C GLY I 141 1.15 30.52 47.62
N GLY I 142 0.49 31.50 47.01
CA GLY I 142 0.28 31.52 45.58
C GLY I 142 -0.72 30.51 45.09
N THR I 143 -1.34 29.75 45.99
CA THR I 143 -2.30 28.71 45.62
C THR I 143 -3.72 29.20 45.85
N ALA I 144 -4.08 30.29 45.16
CA ALA I 144 -5.45 30.80 45.22
C ALA I 144 -6.18 30.37 43.96
N ALA I 145 -7.47 30.04 44.10
CA ALA I 145 -8.27 29.68 42.95
C ALA I 145 -9.70 30.17 43.15
N LEU I 146 -10.34 30.62 42.07
CA LEU I 146 -11.70 31.12 42.15
C LEU I 146 -12.41 30.86 40.84
N GLY I 147 -13.74 30.90 40.86
CA GLY I 147 -14.45 30.58 39.64
C GLY I 147 -15.88 31.06 39.55
N CYS I 148 -16.55 30.66 38.47
CA CYS I 148 -17.95 30.98 38.26
C CYS I 148 -18.68 29.75 37.76
N LEU I 149 -19.89 29.56 38.26
CA LEU I 149 -20.75 28.44 37.93
C LEU I 149 -21.92 28.96 37.11
N VAL I 150 -21.96 28.57 35.85
CA VAL I 150 -23.06 28.91 34.95
C VAL I 150 -23.98 27.71 34.91
N LYS I 151 -25.26 27.91 35.21
CA LYS I 151 -26.18 26.80 35.36
C LYS I 151 -27.41 27.00 34.49
N ASP I 152 -27.98 25.87 34.03
CA ASP I 152 -29.34 25.82 33.51
C ASP I 152 -29.53 26.75 32.31
N TYR I 153 -28.85 26.42 31.21
CA TYR I 153 -29.00 27.15 29.96
C TYR I 153 -29.13 26.17 28.80
N PHE I 154 -29.76 26.64 27.72
CA PHE I 154 -29.93 25.89 26.48
C PHE I 154 -30.03 26.88 25.33
N PRO I 155 -29.40 26.61 24.17
CA PRO I 155 -28.50 25.49 23.85
C PRO I 155 -27.13 25.63 24.52
N GLU I 156 -26.18 24.78 24.12
CA GLU I 156 -24.90 24.74 24.79
C GLU I 156 -24.10 26.04 24.71
N PRO I 157 -24.18 26.85 23.64
CA PRO I 157 -23.20 27.94 23.50
C PRO I 157 -23.27 28.96 24.62
N VAL I 158 -22.21 29.02 25.42
CA VAL I 158 -21.95 30.10 26.36
C VAL I 158 -20.46 30.41 26.31
N THR I 159 -20.10 31.70 26.33
CA THR I 159 -18.70 32.11 26.27
C THR I 159 -18.39 32.99 27.47
N VAL I 160 -17.30 32.67 28.17
CA VAL I 160 -16.91 33.36 29.40
C VAL I 160 -15.53 33.95 29.20
N SER I 161 -15.38 35.21 29.61
CA SER I 161 -14.09 35.89 29.64
C SER I 161 -13.86 36.51 31.01
N TRP I 162 -12.73 36.20 31.63
CA TRP I 162 -12.40 36.75 32.94
C TRP I 162 -11.74 38.11 32.75
N ASN I 163 -12.22 39.10 33.51
CA ASN I 163 -11.72 40.47 33.43
C ASN I 163 -11.76 40.99 32.00
N SER I 164 -12.90 40.78 31.33
CA SER I 164 -13.10 41.26 29.96
C SER I 164 -12.00 40.74 29.04
N GLY I 165 -11.52 39.53 29.34
CA GLY I 165 -10.46 38.94 28.55
C GLY I 165 -9.09 39.35 28.97
N ALA I 166 -8.96 39.96 30.15
CA ALA I 166 -7.65 40.42 30.61
C ALA I 166 -6.85 39.31 31.26
N LEU I 167 -7.51 38.27 31.77
CA LEU I 167 -6.81 37.28 32.57
C LEU I 167 -6.19 36.21 31.69
N THR I 168 -7.02 35.54 30.91
CA THR I 168 -6.54 34.59 29.92
C THR I 168 -5.79 33.39 30.50
N SER I 169 -4.58 33.63 31.01
CA SER I 169 -3.70 32.57 31.45
C SER I 169 -4.12 31.99 32.79
N GLY I 170 -4.09 30.65 32.86
CA GLY I 170 -4.57 29.93 34.02
C GLY I 170 -6.05 29.67 34.03
N VAL I 171 -6.78 30.16 33.04
CA VAL I 171 -8.22 29.96 32.95
C VAL I 171 -8.50 28.55 32.47
N HIS I 172 -9.49 27.92 33.09
CA HIS I 172 -9.97 26.60 32.64
C HIS I 172 -11.50 26.62 32.53
N THR I 173 -12.00 26.96 31.35
CA THR I 173 -13.43 26.87 31.09
C THR I 173 -13.74 25.42 30.73
N PHE I 174 -14.51 24.75 31.58
CA PHE I 174 -14.65 23.32 31.45
C PHE I 174 -15.68 22.99 30.38
N PRO I 175 -15.58 21.82 29.76
CA PRO I 175 -16.66 21.40 28.86
C PRO I 175 -17.98 21.34 29.59
N ALA I 176 -19.05 21.71 28.89
CA ALA I 176 -20.34 21.76 29.54
C ALA I 176 -20.84 20.36 29.83
N VAL I 177 -21.66 20.23 30.86
CA VAL I 177 -22.21 18.96 31.28
C VAL I 177 -23.72 19.09 31.23
N LEU I 178 -24.36 18.20 30.48
CA LEU I 178 -25.82 18.16 30.45
C LEU I 178 -26.33 17.39 31.66
N GLN I 179 -27.25 18.00 32.40
CA GLN I 179 -27.78 17.38 33.59
C GLN I 179 -29.15 16.80 33.30
N SER I 180 -29.72 16.11 34.29
CA SER I 180 -31.02 15.45 34.10
C SER I 180 -32.12 16.41 33.69
N SER I 181 -31.95 17.71 33.93
CA SER I 181 -32.94 18.69 33.51
C SER I 181 -33.06 18.81 32.00
N GLY I 182 -32.13 18.25 31.23
CA GLY I 182 -32.04 18.54 29.82
C GLY I 182 -31.36 19.87 29.52
N LEU I 183 -30.69 20.43 30.51
CA LEU I 183 -30.01 21.72 30.38
C LEU I 183 -28.53 21.55 30.72
N TYR I 184 -27.74 22.54 30.31
CA TYR I 184 -26.29 22.49 30.45
C TYR I 184 -25.80 23.29 31.66
N SER I 185 -24.69 22.82 32.23
CA SER I 185 -23.99 23.49 33.32
C SER I 185 -22.50 23.55 32.99
N LEU I 186 -21.88 24.66 33.38
CA LEU I 186 -20.45 24.88 33.14
C LEU I 186 -19.82 25.54 34.36
N SER I 187 -18.51 25.35 34.50
CA SER I 187 -17.75 26.00 35.55
C SER I 187 -16.42 26.47 34.97
N SER I 188 -16.12 27.75 35.11
CA SER I 188 -14.83 28.29 34.69
C SER I 188 -14.05 28.72 35.92
N VAL I 189 -12.79 28.32 36.00
CA VAL I 189 -11.98 28.58 37.19
C VAL I 189 -10.62 29.11 36.77
N VAL I 190 -10.04 29.95 37.62
CA VAL I 190 -8.75 30.56 37.39
C VAL I 190 -7.93 30.41 38.67
N THR I 191 -6.64 30.22 38.48
CA THR I 191 -5.68 30.13 39.58
C THR I 191 -4.85 31.40 39.63
N VAL I 192 -4.82 32.02 40.81
CA VAL I 192 -4.15 33.32 41.00
C VAL I 192 -3.35 33.27 42.31
N PRO I 193 -2.41 34.22 42.44
CA PRO I 193 -1.64 34.31 43.69
C PRO I 193 -2.52 34.64 44.88
N SER I 194 -2.13 34.11 46.05
CA SER I 194 -2.84 34.45 47.28
C SER I 194 -2.61 35.90 47.66
N SER I 195 -1.51 36.51 47.19
CA SER I 195 -1.26 37.92 47.45
C SER I 195 -2.10 38.79 46.52
N SER I 196 -2.52 38.24 45.38
CA SER I 196 -3.30 39.01 44.43
C SER I 196 -4.75 39.10 44.90
N LEU I 197 -5.21 38.11 45.65
CA LEU I 197 -6.50 38.22 46.29
C LEU I 197 -6.43 39.45 47.17
N GLY I 198 -7.33 40.43 46.93
CA GLY I 198 -7.46 41.67 47.74
C GLY I 198 -7.13 42.92 46.94
N THR I 199 -5.98 42.96 46.29
CA THR I 199 -5.48 44.14 45.52
C THR I 199 -5.64 43.83 44.03
N GLN I 200 -6.73 43.19 43.62
CA GLN I 200 -7.03 42.96 42.17
C GLN I 200 -8.47 42.45 42.01
N THR I 201 -9.43 43.28 41.59
CA THR I 201 -10.82 42.82 41.30
C THR I 201 -10.73 41.69 40.28
N TYR I 202 -11.32 40.51 40.54
CA TYR I 202 -11.37 39.36 39.59
C TYR I 202 -12.85 39.16 39.22
N ILE I 203 -13.27 39.33 37.95
CA ILE I 203 -14.65 39.21 37.51
C ILE I 203 -14.75 38.26 36.33
N CYS I 204 -15.80 37.43 36.32
CA CYS I 204 -16.12 36.61 35.16
C CYS I 204 -17.26 37.25 34.36
N ASN I 205 -17.11 37.32 33.05
CA ASN I 205 -18.08 37.92 32.14
C ASN I 205 -18.66 36.80 31.27
N VAL I 206 -19.91 36.42 31.52
CA VAL I 206 -20.56 35.36 30.78
C VAL I 206 -21.49 35.97 29.75
N ASN I 207 -21.51 35.38 28.55
CA ASN I 207 -22.38 35.82 27.47
C ASN I 207 -22.99 34.57 26.85
N HIS I 208 -24.32 34.45 26.96
CA HIS I 208 -25.12 33.40 26.35
C HIS I 208 -25.95 34.07 25.25
N LYS I 209 -25.35 34.19 24.06
CA LYS I 209 -26.01 34.87 22.96
C LYS I 209 -27.36 34.26 22.56
N PRO I 210 -27.55 32.94 22.54
CA PRO I 210 -28.86 32.40 22.15
C PRO I 210 -29.99 33.00 22.96
N SER I 211 -29.77 33.21 24.26
CA SER I 211 -30.74 33.87 25.12
C SER I 211 -30.60 35.39 25.09
N ASN I 212 -29.63 35.92 24.35
CA ASN I 212 -29.33 37.34 24.41
C ASN I 212 -29.06 37.76 25.85
N THR I 213 -28.37 36.88 26.59
CA THR I 213 -28.09 37.07 28.00
C THR I 213 -26.63 37.46 28.18
N LYS I 214 -26.39 38.40 29.09
CA LYS I 214 -25.04 38.92 29.33
C LYS I 214 -24.91 39.36 30.78
N VAL I 215 -24.03 38.68 31.55
CA VAL I 215 -23.87 38.98 32.96
C VAL I 215 -22.40 39.08 33.33
N ASP I 216 -22.10 39.89 34.35
CA ASP I 216 -20.77 40.01 34.92
C ASP I 216 -20.85 39.75 36.42
N LYS I 217 -20.00 38.85 36.91
CA LYS I 217 -20.05 38.43 38.31
C LYS I 217 -18.68 38.62 38.96
N LYS I 218 -18.65 39.35 40.08
CA LYS I 218 -17.44 39.51 40.86
C LYS I 218 -17.40 38.40 41.90
N VAL I 219 -16.24 37.76 42.04
CA VAL I 219 -16.06 36.64 42.94
C VAL I 219 -15.24 37.12 44.13
N GLU I 220 -15.78 36.93 45.33
CA GLU I 220 -15.20 37.48 46.56
C GLU I 220 -15.19 36.41 47.64
N PRO I 221 -14.23 36.49 48.58
CA PRO I 221 -14.15 35.49 49.66
C PRO I 221 -15.30 35.60 50.66
N TYR J 2 -10.94 5.12 -3.51
CA TYR J 2 -11.79 6.27 -3.22
C TYR J 2 -11.82 6.57 -1.72
N VAL J 3 -12.00 7.86 -1.39
CA VAL J 3 -12.07 8.35 -0.03
C VAL J 3 -10.76 8.08 0.72
N LEU J 4 -10.60 8.70 1.88
CA LEU J 4 -9.38 8.60 2.66
C LEU J 4 -9.57 7.74 3.90
N THR J 5 -8.47 7.12 4.33
CA THR J 5 -8.41 6.31 5.53
C THR J 5 -7.17 6.73 6.30
N GLN J 6 -7.36 7.03 7.59
CA GLN J 6 -6.31 7.54 8.46
C GLN J 6 -6.44 6.83 9.79
N PRO J 7 -5.33 6.59 10.48
CA PRO J 7 -5.42 5.96 11.81
C PRO J 7 -6.22 6.82 12.77
N ALA J 8 -6.50 6.25 13.94
CA ALA J 8 -7.30 6.92 14.95
C ALA J 8 -6.48 7.48 16.09
N SER J 9 -5.33 6.88 16.39
CA SER J 9 -4.53 7.26 17.54
C SER J 9 -3.05 7.19 17.21
N ALA J 10 -2.25 7.86 18.04
CA ALA J 10 -0.79 7.90 17.91
C ALA J 10 -0.23 8.09 19.31
N SER J 11 0.84 7.37 19.62
CA SER J 11 1.44 7.41 20.94
C SER J 11 2.57 8.43 21.07
N VAL J 12 3.64 8.26 20.31
CA VAL J 12 4.80 9.14 20.33
C VAL J 12 4.97 9.91 21.64
N GLN J 16 10.67 11.67 20.50
CA GLN J 16 10.68 10.72 19.40
C GLN J 16 9.77 11.31 18.30
N THR J 17 10.31 11.39 17.09
CA THR J 17 9.58 12.00 15.98
C THR J 17 8.34 11.19 15.62
N ALA J 18 7.28 11.90 15.27
CA ALA J 18 5.98 11.35 14.92
C ALA J 18 5.90 11.01 13.43
N ARG J 19 5.01 10.07 13.12
CA ARG J 19 4.86 9.59 11.75
C ARG J 19 3.38 9.38 11.37
N ILE J 20 2.51 10.36 11.65
CA ILE J 20 1.11 10.17 11.30
C ILE J 20 0.98 9.80 9.82
N THR J 21 0.05 8.89 9.53
CA THR J 21 -0.10 8.33 8.19
C THR J 21 -1.53 8.55 7.70
N CYS J 22 -1.69 8.60 6.39
CA CYS J 22 -3.00 8.72 5.77
C CYS J 22 -3.00 8.02 4.41
N ASP J 25 -7.38 5.66 -3.60
CA ASP J 25 -5.96 5.68 -3.90
C ASP J 25 -5.68 6.69 -5.01
N ALA J 26 -6.28 7.88 -4.91
CA ALA J 26 -6.09 8.96 -5.87
C ALA J 26 -5.23 10.09 -5.29
N LEU J 27 -4.55 9.87 -4.15
CA LEU J 27 -3.73 10.91 -3.54
C LEU J 27 -2.61 11.35 -4.46
N PRO J 28 -2.23 10.56 -5.50
CA PRO J 28 -1.21 11.06 -6.44
C PRO J 28 -1.67 12.31 -7.16
N LYS J 29 -2.91 12.73 -6.89
CA LYS J 29 -3.37 14.03 -7.33
C LYS J 29 -2.52 15.12 -6.68
N GLN J 30 -1.80 14.77 -5.63
CA GLN J 30 -0.95 15.71 -4.90
C GLN J 30 -1.78 16.68 -4.07
N TYR J 31 -1.13 17.65 -3.44
CA TYR J 31 -1.84 18.64 -2.64
C TYR J 31 -2.60 17.96 -1.51
N ALA J 32 -1.82 17.36 -0.60
CA ALA J 32 -2.34 16.60 0.53
C ALA J 32 -2.03 17.47 1.74
N TYR J 33 -2.96 18.37 2.03
CA TYR J 33 -2.80 19.33 3.10
C TYR J 33 -3.11 18.70 4.46
N TRP J 34 -2.26 18.98 5.46
CA TRP J 34 -2.41 18.41 6.80
C TRP J 34 -2.87 19.50 7.74
N TYR J 35 -3.78 19.14 8.64
CA TYR J 35 -4.41 20.11 9.55
C TYR J 35 -4.42 19.59 10.98
N GLN J 36 -4.45 20.55 11.90
CA GLN J 36 -4.55 20.31 13.34
C GLN J 36 -5.71 21.11 13.91
N GLN J 37 -6.43 20.53 14.87
CA GLN J 37 -7.54 21.23 15.52
C GLN J 37 -7.34 21.22 17.04
N LYS J 38 -7.33 22.40 17.65
CA LYS J 38 -7.32 22.50 19.11
C LYS J 38 -8.73 22.32 19.67
N PRO J 39 -8.87 21.65 20.83
CA PRO J 39 -10.23 21.40 21.36
C PRO J 39 -11.03 22.68 21.52
N GLY J 40 -10.36 23.77 21.87
CA GLY J 40 -11.06 25.00 22.15
C GLY J 40 -11.89 25.52 20.99
N GLN J 41 -11.23 25.87 19.90
CA GLN J 41 -11.90 26.56 18.80
C GLN J 41 -11.33 26.10 17.46
N ALA J 42 -11.48 26.94 16.44
CA ALA J 42 -11.29 26.60 15.03
C ALA J 42 -9.97 25.92 14.69
N PRO J 43 -9.93 25.25 13.53
CA PRO J 43 -8.69 24.59 13.10
C PRO J 43 -7.63 25.60 12.68
N VAL J 44 -6.43 25.08 12.47
CA VAL J 44 -5.28 25.87 12.05
C VAL J 44 -4.51 25.07 11.01
N LEU J 45 -4.09 25.72 9.93
CA LEU J 45 -3.33 25.05 8.88
C LEU J 45 -1.92 24.75 9.35
N VAL J 46 -1.50 23.49 9.20
CA VAL J 46 -0.15 23.09 9.54
C VAL J 46 0.69 22.77 8.31
N ILE J 47 0.11 22.28 7.22
CA ILE J 47 0.88 21.99 6.01
C ILE J 47 0.04 22.29 4.77
N PHE J 48 0.70 22.69 3.69
CA PHE J 48 0.02 22.94 2.42
C PHE J 48 0.88 22.54 1.22
N LYS J 49 0.22 22.34 0.07
CA LYS J 49 0.87 21.99 -1.20
C LYS J 49 1.83 20.81 -0.98
N ASP J 50 1.22 19.69 -0.59
CA ASP J 50 2.00 18.50 -0.27
C ASP J 50 2.81 18.89 0.95
N SER J 51 4.10 19.14 0.76
CA SER J 51 4.96 19.69 1.81
C SER J 51 5.43 21.07 1.36
N GLU J 52 4.98 22.11 2.07
CA GLU J 52 5.28 23.50 1.72
C GLU J 52 5.21 24.23 3.06
N ARG J 53 6.24 25.01 3.38
CA ARG J 53 6.38 25.54 4.74
C ARG J 53 5.40 26.67 5.00
N PRO J 54 4.54 26.54 6.02
CA PRO J 54 3.68 27.65 6.45
C PRO J 54 4.43 28.69 7.28
N SER J 55 3.72 29.75 7.60
CA SER J 55 4.21 30.81 8.47
C SER J 55 3.91 30.53 9.96
N GLY J 56 4.76 31.08 10.82
CA GLY J 56 4.59 31.01 12.26
C GLY J 56 4.44 29.63 12.86
N VAL J 57 4.99 28.60 12.19
CA VAL J 57 4.92 27.23 12.64
C VAL J 57 6.38 26.75 12.86
N PRO J 58 6.70 26.20 14.03
CA PRO J 58 8.07 25.70 14.23
C PRO J 58 8.44 24.58 13.27
N GLU J 59 9.74 24.29 13.25
CA GLU J 59 10.28 23.21 12.43
C GLU J 59 9.85 21.86 12.96
N ARG J 60 9.23 21.84 14.14
CA ARG J 60 8.78 20.57 14.70
C ARG J 60 7.87 19.84 13.72
N PHE J 61 6.98 20.58 13.07
CA PHE J 61 6.06 20.03 12.09
C PHE J 61 6.55 20.29 10.68
N SER J 66 5.04 10.26 -1.48
CA SER J 66 5.23 8.84 -1.80
C SER J 66 3.95 8.22 -2.35
N GLY J 67 3.37 8.87 -3.35
CA GLY J 67 2.17 8.34 -3.98
C GLY J 67 0.96 8.37 -3.06
N THR J 68 0.19 7.27 -3.09
CA THR J 68 -1.00 7.18 -2.26
C THR J 68 -0.67 7.01 -0.79
N THR J 69 0.60 6.79 -0.44
CA THR J 69 1.00 6.62 0.95
C THR J 69 1.51 7.96 1.44
N VAL J 70 0.61 8.77 2.00
CA VAL J 70 0.96 10.09 2.51
C VAL J 70 1.22 9.98 3.99
N THR J 71 2.12 10.81 4.49
CA THR J 71 2.50 10.76 5.90
C THR J 71 3.00 12.14 6.33
N LEU J 72 2.85 12.42 7.63
CA LEU J 72 3.37 13.64 8.24
C LEU J 72 4.22 13.24 9.44
N THR J 73 5.46 13.72 9.49
CA THR J 73 6.39 13.41 10.56
C THR J 73 6.67 14.68 11.35
N ILE J 74 6.50 14.59 12.66
CA ILE J 74 6.71 15.73 13.57
C ILE J 74 7.81 15.37 14.55
N SER J 75 9.02 15.85 14.29
CA SER J 75 10.12 15.63 15.21
C SER J 75 9.96 16.55 16.41
N GLY J 76 10.69 16.25 17.47
CA GLY J 76 10.63 17.10 18.63
C GLY J 76 9.26 17.17 19.31
N ALA J 77 8.69 16.01 19.64
CA ALA J 77 7.34 15.96 20.19
C ALA J 77 7.30 16.84 21.42
N GLN J 78 6.32 17.75 21.46
CA GLN J 78 6.19 18.71 22.55
C GLN J 78 4.74 18.87 22.99
N ALA J 79 4.54 19.71 24.01
CA ALA J 79 3.22 19.84 24.61
C ALA J 79 2.21 20.44 23.63
N GLU J 80 2.66 21.40 22.83
CA GLU J 80 1.76 21.99 21.85
C GLU J 80 1.29 20.97 20.82
N ASP J 81 2.04 19.89 20.65
CA ASP J 81 1.77 19.00 19.54
C ASP J 81 0.52 18.15 19.76
N GLU J 82 0.17 17.90 21.02
CA GLU J 82 -1.01 17.11 21.34
C GLU J 82 -2.27 17.74 20.74
N ALA J 83 -2.90 17.06 19.80
CA ALA J 83 -4.07 17.61 19.11
C ALA J 83 -4.65 16.50 18.22
N ASP J 84 -5.73 16.85 17.53
CA ASP J 84 -6.35 15.97 16.54
C ASP J 84 -5.92 16.42 15.15
N TYR J 85 -5.39 15.48 14.37
CA TYR J 85 -4.77 15.73 13.08
C TYR J 85 -5.63 15.16 11.96
N TYR J 86 -5.59 15.81 10.81
CA TYR J 86 -6.40 15.40 9.66
C TYR J 86 -5.63 15.57 8.35
N CYS J 87 -5.95 14.70 7.39
CA CYS J 87 -5.46 14.79 6.02
C CYS J 87 -6.59 15.24 5.12
N GLN J 88 -6.30 16.13 4.17
CA GLN J 88 -7.34 16.64 3.28
C GLN J 88 -6.90 16.41 1.83
N VAL J 90 -8.68 15.77 -3.06
CA VAL J 90 -9.89 16.22 -3.74
C VAL J 90 -10.32 14.95 -4.49
N ASP J 91 -11.37 15.04 -5.28
CA ASP J 91 -11.82 13.91 -6.09
C ASP J 91 -10.74 13.54 -7.08
N ASN J 92 -10.84 12.30 -7.61
CA ASN J 92 -9.92 11.91 -8.68
C ASN J 92 -9.97 12.93 -9.81
N SER J 93 -11.17 13.42 -10.11
CA SER J 93 -11.39 14.45 -11.16
C SER J 93 -10.83 15.79 -10.69
N GLY J 94 -10.69 15.99 -9.37
CA GLY J 94 -10.26 17.29 -8.81
C GLY J 94 -11.48 18.20 -8.84
N PHE J 95 -12.58 17.82 -8.19
CA PHE J 95 -13.84 18.60 -8.13
C PHE J 95 -14.50 18.53 -6.73
N TYR J 96 -14.31 17.46 -5.96
CA TYR J 96 -15.00 17.24 -4.69
C TYR J 96 -13.94 16.84 -3.67
N GLN J 97 -13.85 17.60 -2.59
CA GLN J 97 -12.83 17.38 -1.58
C GLN J 97 -13.29 16.47 -0.45
N VAL J 98 -12.29 15.94 0.28
CA VAL J 98 -12.48 14.90 1.28
C VAL J 98 -11.60 15.16 2.49
N PHE J 99 -11.89 14.43 3.57
CA PHE J 99 -11.06 14.44 4.77
C PHE J 99 -10.83 13.02 5.26
N GLY J 100 -9.85 12.88 6.18
CA GLY J 100 -9.60 11.62 6.84
C GLY J 100 -10.21 11.54 8.24
N GLY J 101 -10.17 10.34 8.81
CA GLY J 101 -10.75 10.12 10.13
C GLY J 101 -10.12 10.97 11.22
N GLY J 102 -8.80 10.91 11.36
CA GLY J 102 -8.12 11.71 12.36
C GLY J 102 -7.31 10.92 13.38
N THR J 103 -6.07 11.33 13.59
CA THR J 103 -5.19 10.76 14.60
C THR J 103 -5.04 11.75 15.75
N GLN J 104 -5.35 11.29 16.96
CA GLN J 104 -5.21 12.12 18.16
C GLN J 104 -3.84 11.86 18.74
N LEU J 105 -2.98 12.87 18.68
CA LEU J 105 -1.65 12.79 19.27
C LEU J 105 -1.76 12.89 20.80
N THR J 106 -0.96 12.10 21.50
CA THR J 106 -1.09 11.95 22.95
C THR J 106 -0.02 12.68 23.75
N VAL J 107 1.26 12.51 23.40
CA VAL J 107 2.41 13.10 24.09
C VAL J 107 2.27 12.92 25.59
N LEU J 108 3.16 12.13 26.17
CA LEU J 108 3.13 11.72 27.56
C LEU J 108 4.38 12.21 28.31
N ARG J 109 4.61 11.62 29.48
CA ARG J 109 5.70 11.85 30.42
C ARG J 109 5.61 13.07 31.32
N THR J 110 4.60 13.93 31.18
CA THR J 110 4.53 15.09 32.06
C THR J 110 4.50 14.66 33.54
N VAL J 111 3.92 13.50 33.86
CA VAL J 111 4.00 12.92 35.19
C VAL J 111 3.71 14.01 36.22
N ALA J 112 2.64 14.78 35.99
CA ALA J 112 2.29 15.89 36.85
C ALA J 112 1.08 15.55 37.71
N ALA J 113 1.09 16.10 38.93
CA ALA J 113 0.08 15.88 39.96
C ALA J 113 -0.91 17.05 40.10
N PRO J 114 -2.13 16.76 40.56
CA PRO J 114 -3.16 17.79 40.71
C PRO J 114 -2.97 18.68 41.94
N SER J 115 -3.58 19.86 41.86
CA SER J 115 -3.77 20.77 42.99
C SER J 115 -5.26 20.84 43.32
N VAL J 116 -5.63 20.42 44.54
CA VAL J 116 -7.03 20.23 44.91
C VAL J 116 -7.57 21.50 45.54
N PHE J 117 -8.81 21.85 45.15
CA PHE J 117 -9.50 23.00 45.74
C PHE J 117 -10.96 22.65 45.99
N ILE J 118 -11.53 23.22 47.04
CA ILE J 118 -12.93 23.01 47.40
C ILE J 118 -13.63 24.36 47.42
N PHE J 119 -14.81 24.43 46.82
CA PHE J 119 -15.62 25.64 46.77
C PHE J 119 -17.00 25.35 47.33
N PRO J 120 -17.42 26.02 48.40
CA PRO J 120 -18.75 25.78 48.98
C PRO J 120 -19.83 26.49 48.17
N PRO J 121 -21.10 26.17 48.41
CA PRO J 121 -22.18 26.87 47.70
C PRO J 121 -22.18 28.35 48.03
N SER J 122 -22.45 29.17 47.00
CA SER J 122 -22.66 30.60 47.18
C SER J 122 -24.09 30.88 47.65
N ASP J 123 -24.24 31.80 48.60
CA ASP J 123 -25.56 32.17 49.06
C ASP J 123 -26.41 32.79 47.95
N SER J 124 -25.78 33.40 46.94
CA SER J 124 -26.54 33.83 45.77
C SER J 124 -27.26 32.63 45.17
N GLN J 125 -26.56 31.50 45.08
CA GLN J 125 -27.20 30.27 44.66
C GLN J 125 -28.09 29.69 45.75
N LEU J 126 -27.66 29.75 47.00
CA LEU J 126 -28.30 28.96 48.04
C LEU J 126 -29.74 29.37 48.31
N LYS J 127 -30.16 30.56 47.86
CA LYS J 127 -31.55 30.97 47.98
C LYS J 127 -32.37 30.59 46.74
N SER J 128 -31.76 29.98 45.72
CA SER J 128 -32.52 29.48 44.58
C SER J 128 -33.20 28.15 44.85
N GLY J 129 -32.90 27.51 45.98
CA GLY J 129 -33.42 26.19 46.30
C GLY J 129 -32.51 25.02 45.99
N THR J 130 -31.25 25.28 45.67
CA THR J 130 -30.29 24.23 45.34
C THR J 130 -28.95 24.62 45.95
N ALA J 131 -28.01 23.68 45.92
CA ALA J 131 -26.66 23.89 46.39
C ALA J 131 -25.76 23.11 45.46
N SER J 132 -24.60 23.68 45.14
CA SER J 132 -23.63 23.01 44.27
C SER J 132 -22.26 23.21 44.90
N VAL J 133 -21.64 22.10 45.30
CA VAL J 133 -20.33 22.10 45.94
C VAL J 133 -19.32 21.57 44.93
N VAL J 134 -18.21 22.27 44.78
CA VAL J 134 -17.28 22.00 43.68
C VAL J 134 -15.94 21.53 44.22
N CYS J 135 -15.43 20.42 43.66
CA CYS J 135 -14.08 19.93 43.91
C CYS J 135 -13.29 20.06 42.62
N LEU J 136 -12.15 20.75 42.68
CA LEU J 136 -11.34 21.07 41.52
C LEU J 136 -9.99 20.37 41.60
N LEU J 137 -9.62 19.72 40.51
CA LEU J 137 -8.28 19.17 40.29
C LEU J 137 -7.61 19.91 39.12
N ASN J 138 -6.34 20.26 39.27
CA ASN J 138 -5.67 21.16 38.33
C ASN J 138 -4.32 20.61 37.88
N ASN J 139 -4.11 20.56 36.57
CA ASN J 139 -2.77 20.39 35.97
C ASN J 139 -2.11 19.09 36.45
N PHE J 140 -2.73 17.99 36.04
CA PHE J 140 -2.23 16.64 36.26
C PHE J 140 -2.16 15.95 34.91
N TYR J 141 -1.14 15.15 34.68
CA TYR J 141 -1.16 14.53 33.36
C TYR J 141 -2.08 13.32 33.23
N PRO J 142 -1.83 12.21 33.97
CA PRO J 142 -2.70 11.04 33.76
C PRO J 142 -4.16 11.41 33.97
N ARG J 143 -4.95 11.36 32.89
CA ARG J 143 -6.34 11.78 32.99
C ARG J 143 -7.12 10.91 33.96
N GLU J 144 -6.70 9.67 34.15
CA GLU J 144 -7.36 8.78 35.11
C GLU J 144 -7.15 9.35 36.51
N ALA J 145 -8.25 9.71 37.18
CA ALA J 145 -8.23 10.30 38.51
C ALA J 145 -9.55 9.95 39.16
N LYS J 146 -9.54 9.85 40.48
CA LYS J 146 -10.70 9.29 41.17
C LYS J 146 -11.71 10.33 41.66
N VAL J 147 -11.29 11.22 42.56
CA VAL J 147 -12.21 12.19 43.15
C VAL J 147 -13.24 11.44 43.98
N GLN J 148 -13.53 11.93 45.18
CA GLN J 148 -14.55 11.35 46.03
C GLN J 148 -15.30 12.46 46.74
N TRP J 149 -16.53 12.17 47.14
CA TRP J 149 -17.34 13.11 47.90
C TRP J 149 -17.83 12.42 49.17
N LYS J 150 -17.59 13.04 50.31
CA LYS J 150 -18.09 12.56 51.59
C LYS J 150 -18.76 13.74 52.25
N VAL J 151 -20.03 13.59 52.63
CA VAL J 151 -20.78 14.69 53.20
C VAL J 151 -20.71 14.66 54.73
N ASP J 152 -20.51 13.49 55.32
CA ASP J 152 -20.07 13.39 56.71
C ASP J 152 -19.43 12.02 56.84
N ASN J 153 -18.15 11.92 56.45
CA ASN J 153 -17.47 10.63 56.37
C ASN J 153 -18.46 9.67 55.72
N ALA J 154 -19.15 10.15 54.69
CA ALA J 154 -20.24 9.39 54.09
C ALA J 154 -20.17 9.44 52.57
N LEU J 155 -19.75 8.32 51.97
CA LEU J 155 -19.69 8.25 50.52
C LEU J 155 -21.08 8.46 49.93
N GLN J 156 -21.10 8.89 48.68
CA GLN J 156 -22.34 9.17 47.98
C GLN J 156 -22.27 8.59 46.57
N SER J 157 -23.44 8.45 45.95
CA SER J 157 -23.52 7.84 44.64
C SER J 157 -24.54 8.57 43.77
N GLY J 158 -24.15 8.85 42.53
CA GLY J 158 -25.07 9.42 41.57
C GLY J 158 -25.48 10.85 41.83
N ASN J 159 -24.78 11.56 42.71
CA ASN J 159 -25.14 12.93 43.07
C ASN J 159 -24.21 13.97 42.45
N SER J 160 -23.25 13.56 41.64
CA SER J 160 -22.21 14.47 41.14
C SER J 160 -21.98 14.25 39.66
N GLN J 161 -21.24 15.19 39.05
CA GLN J 161 -20.86 15.12 37.65
C GLN J 161 -19.43 15.62 37.49
N GLU J 162 -18.81 15.27 36.36
CA GLU J 162 -17.41 15.58 36.10
C GLU J 162 -17.25 16.18 34.70
N SER J 163 -16.21 17.00 34.55
CA SER J 163 -15.84 17.54 33.25
C SER J 163 -14.34 17.83 33.23
N VAL J 164 -13.67 17.44 32.15
CA VAL J 164 -12.22 17.56 32.03
C VAL J 164 -11.90 18.51 30.88
N THR J 165 -10.88 19.35 31.09
CA THR J 165 -10.33 20.16 30.02
C THR J 165 -9.05 19.53 29.45
N GLU J 166 -9.09 19.22 28.15
CA GLU J 166 -7.95 18.69 27.39
C GLU J 166 -7.11 19.91 27.04
N GLN J 167 -6.19 19.78 26.09
CA GLN J 167 -5.29 20.88 25.79
C GLN J 167 -6.01 22.22 25.79
N ASP J 168 -5.66 23.05 26.78
CA ASP J 168 -6.14 24.41 26.91
C ASP J 168 -5.02 25.41 26.66
N SER J 169 -3.90 24.95 26.11
CA SER J 169 -2.74 25.78 25.79
C SER J 169 -2.04 26.33 27.03
N LYS J 170 -2.19 25.67 28.17
CA LYS J 170 -1.34 25.81 29.34
C LYS J 170 -0.07 25.05 29.00
N ASP J 171 0.64 24.55 30.00
CA ASP J 171 1.75 23.63 29.76
C ASP J 171 1.20 22.32 29.20
N SER J 172 -0.08 22.32 28.84
CA SER J 172 -0.77 21.15 28.27
C SER J 172 -1.00 20.03 29.30
N THR J 173 -1.51 20.42 30.47
CA THR J 173 -1.95 19.50 31.50
C THR J 173 -3.47 19.42 31.59
N TYR J 174 -3.99 18.32 32.10
CA TYR J 174 -5.43 18.14 32.26
C TYR J 174 -5.94 18.78 33.56
N SER J 175 -7.22 19.15 33.55
CA SER J 175 -7.89 19.63 34.74
C SER J 175 -9.30 19.07 34.79
N LEU J 176 -9.84 18.94 36.00
CA LEU J 176 -11.13 18.32 36.21
C LEU J 176 -11.94 19.12 37.23
N SER J 177 -13.24 19.21 36.98
CA SER J 177 -14.19 19.85 37.87
C SER J 177 -15.30 18.85 38.18
N SER J 178 -15.43 18.48 39.45
CA SER J 178 -16.50 17.61 39.91
C SER J 178 -17.49 18.46 40.69
N THR J 179 -18.77 18.34 40.33
CA THR J 179 -19.82 19.15 40.92
C THR J 179 -20.83 18.25 41.62
N LEU J 180 -20.98 18.45 42.93
CA LEU J 180 -22.01 17.76 43.71
C LEU J 180 -23.23 18.66 43.81
N THR J 181 -24.35 18.18 43.27
CA THR J 181 -25.61 18.89 43.36
C THR J 181 -26.38 18.37 44.57
N LEU J 182 -27.00 19.29 45.31
CA LEU J 182 -27.59 18.97 46.59
C LEU J 182 -28.79 19.89 46.77
N SER J 183 -29.68 19.51 47.68
CA SER J 183 -30.82 20.36 47.99
C SER J 183 -30.44 21.39 49.05
N LYS J 184 -31.20 22.48 49.08
CA LYS J 184 -30.94 23.51 50.08
C LYS J 184 -31.09 22.93 51.48
N ALA J 185 -32.11 22.09 51.69
CA ALA J 185 -32.25 21.41 52.96
C ALA J 185 -31.10 20.45 53.19
N ASP J 186 -30.84 19.59 52.20
CA ASP J 186 -29.75 18.63 52.32
C ASP J 186 -28.43 19.33 52.57
N TYR J 187 -28.24 20.52 52.01
CA TYR J 187 -26.99 21.24 52.27
C TYR J 187 -26.97 21.84 53.67
N GLU J 188 -28.06 22.46 54.09
CA GLU J 188 -28.12 23.12 55.39
C GLU J 188 -28.26 22.15 56.56
N LYS J 189 -28.36 20.86 56.32
CA LYS J 189 -28.40 19.90 57.41
C LYS J 189 -27.03 19.43 57.91
N HIS J 190 -26.18 18.93 57.02
CA HIS J 190 -24.88 18.39 57.41
C HIS J 190 -23.83 19.49 57.38
N LYS J 191 -22.82 19.38 58.26
CA LYS J 191 -21.88 20.48 58.41
C LYS J 191 -20.58 20.26 57.64
N VAL J 192 -19.87 19.19 57.93
CA VAL J 192 -18.57 18.98 57.29
C VAL J 192 -18.81 18.41 55.90
N TYR J 193 -18.25 19.07 54.89
CA TYR J 193 -18.37 18.63 53.51
C TYR J 193 -16.96 18.52 52.95
N ALA J 194 -16.63 17.38 52.37
CA ALA J 194 -15.27 17.09 51.99
C ALA J 194 -15.23 16.35 50.66
N CYS J 195 -14.12 16.51 49.94
CA CYS J 195 -13.85 15.75 48.73
C CYS J 195 -12.43 15.20 48.80
N GLU J 196 -12.31 13.91 48.45
CA GLU J 196 -11.06 13.16 48.51
C GLU J 196 -10.55 12.86 47.10
N VAL J 197 -9.23 12.90 46.94
CA VAL J 197 -8.60 12.73 45.63
C VAL J 197 -7.56 11.63 45.69
N THR J 198 -7.54 10.78 44.65
CA THR J 198 -6.53 9.74 44.46
C THR J 198 -5.98 9.82 43.04
N HIS J 199 -4.65 9.74 42.92
CA HIS J 199 -3.99 9.87 41.64
C HIS J 199 -2.63 9.18 41.69
N GLN J 200 -2.13 8.77 40.52
CA GLN J 200 -0.79 8.19 40.47
C GLN J 200 0.23 9.18 41.00
N GLY J 201 0.02 10.47 40.76
CA GLY J 201 0.94 11.48 41.20
C GLY J 201 0.91 11.80 42.67
N LEU J 202 0.03 11.16 43.42
CA LEU J 202 -0.10 11.39 44.85
C LEU J 202 0.41 10.19 45.64
N SER J 203 1.32 10.45 46.58
CA SER J 203 1.77 9.39 47.49
C SER J 203 0.63 8.92 48.38
N SER J 204 -0.16 9.86 48.90
CA SER J 204 -1.34 9.56 49.68
C SER J 204 -2.50 10.43 49.19
N PRO J 205 -3.74 9.95 49.34
CA PRO J 205 -4.88 10.77 48.92
C PRO J 205 -4.93 12.11 49.66
N VAL J 206 -5.09 13.19 48.90
CA VAL J 206 -5.33 14.52 49.47
C VAL J 206 -6.84 14.72 49.55
N THR J 207 -7.28 15.34 50.65
CA THR J 207 -8.70 15.64 50.86
C THR J 207 -8.84 17.11 51.26
N LYS J 208 -9.81 17.80 50.66
CA LYS J 208 -10.10 19.19 51.00
C LYS J 208 -11.54 19.31 51.47
N SER J 209 -11.74 20.07 52.55
CA SER J 209 -13.02 20.11 53.23
C SER J 209 -13.36 21.52 53.66
N PHE J 210 -14.64 21.74 53.97
CA PHE J 210 -15.11 22.97 54.57
C PHE J 210 -16.29 22.63 55.48
N ASN J 211 -16.47 23.43 56.52
CA ASN J 211 -17.60 23.28 57.43
C ASN J 211 -18.59 24.39 57.12
N ARG J 212 -19.84 24.00 56.87
CA ARG J 212 -20.86 24.97 56.49
C ARG J 212 -20.97 26.07 57.54
N GLY J 213 -20.62 27.28 57.13
CA GLY J 213 -20.72 28.41 58.02
C GLY J 213 -19.37 28.86 58.50
N GLU J 214 -19.04 30.14 58.34
CA GLU J 214 -17.75 30.67 58.77
C GLU J 214 -16.58 30.02 58.02
#